data_8EVK
# 
_entry.id   8EVK 
# 
_audit_conform.dict_name       mmcif_pdbx.dic 
_audit_conform.dict_version    5.391 
_audit_conform.dict_location   http://mmcif.pdb.org/dictionaries/ascii/mmcif_pdbx.dic 
# 
loop_
_database_2.database_id 
_database_2.database_code 
_database_2.pdbx_database_accession 
_database_2.pdbx_DOI 
PDB   8EVK         pdb_00008evk 10.2210/pdb8evk/pdb 
WWPDB D_1000269490 ?            ?                   
# 
loop_
_pdbx_audit_revision_history.ordinal 
_pdbx_audit_revision_history.data_content_type 
_pdbx_audit_revision_history.major_revision 
_pdbx_audit_revision_history.minor_revision 
_pdbx_audit_revision_history.revision_date 
1 'Structure model' 1 0 2023-03-01 
2 'Structure model' 1 1 2023-10-25 
3 'Structure model' 1 2 2024-05-01 
# 
_pdbx_audit_revision_details.ordinal             1 
_pdbx_audit_revision_details.revision_ordinal    1 
_pdbx_audit_revision_details.data_content_type   'Structure model' 
_pdbx_audit_revision_details.provider            repository 
_pdbx_audit_revision_details.type                'Initial release' 
_pdbx_audit_revision_details.description         ? 
_pdbx_audit_revision_details.details             ? 
# 
loop_
_pdbx_audit_revision_group.ordinal 
_pdbx_audit_revision_group.revision_ordinal 
_pdbx_audit_revision_group.data_content_type 
_pdbx_audit_revision_group.group 
1 2 'Structure model' 'Data collection'        
2 2 'Structure model' 'Refinement description' 
3 3 'Structure model' 'Database references'    
# 
loop_
_pdbx_audit_revision_category.ordinal 
_pdbx_audit_revision_category.revision_ordinal 
_pdbx_audit_revision_category.data_content_type 
_pdbx_audit_revision_category.category 
1 2 'Structure model' chem_comp_atom                
2 2 'Structure model' chem_comp_bond                
3 2 'Structure model' pdbx_initial_refinement_model 
4 3 'Structure model' citation                      
# 
loop_
_pdbx_audit_revision_item.ordinal 
_pdbx_audit_revision_item.revision_ordinal 
_pdbx_audit_revision_item.data_content_type 
_pdbx_audit_revision_item.item 
1 3 'Structure model' '_citation.page_last'               
2 3 'Structure model' '_citation.pdbx_database_id_PubMed' 
3 3 'Structure model' '_citation.title'                   
# 
_pdbx_database_status.status_code                     REL 
_pdbx_database_status.status_code_sf                  REL 
_pdbx_database_status.status_code_mr                  ? 
_pdbx_database_status.entry_id                        8EVK 
_pdbx_database_status.recvd_initial_deposition_date   2022-10-20 
_pdbx_database_status.SG_entry                        N 
_pdbx_database_status.deposit_site                    RCSB 
_pdbx_database_status.process_site                    RCSB 
_pdbx_database_status.status_code_cs                  ? 
_pdbx_database_status.status_code_nmr_data            ? 
_pdbx_database_status.methods_development_category    ? 
_pdbx_database_status.pdb_format_compatible           Y 
# 
_pdbx_contact_author.id                 2 
_pdbx_contact_author.email              jix@mail.nih.gov 
_pdbx_contact_author.name_first         Xinhua 
_pdbx_contact_author.name_last          Ji 
_pdbx_contact_author.name_mi            ? 
_pdbx_contact_author.role               'principal investigator/group leader' 
_pdbx_contact_author.identifier_ORCID   0000-0001-6942-1514 
# 
loop_
_audit_author.name 
_audit_author.pdbx_ordinal 
_audit_author.identifier_ORCID 
'Shaw, G.X.'   1 0000-0002-2510-3538 
'Cherry, S.'   2 ?                   
'Tropea, J.E.' 3 ?                   
'Ji, X.'       4 0000-0001-6942-1514 
# 
_citation.abstract                  ? 
_citation.abstract_id_CAS           ? 
_citation.book_id_ISBN              ? 
_citation.book_publisher            ? 
_citation.book_publisher_city       ? 
_citation.book_title                ? 
_citation.coordinate_linkage        ? 
_citation.country                   UK 
_citation.database_id_Medline       ? 
_citation.details                   ? 
_citation.id                        primary 
_citation.journal_abbrev            'Curr Res Struct Biol' 
_citation.journal_id_ASTM           ? 
_citation.journal_id_CSD            ? 
_citation.journal_id_ISSN           2665-928X 
_citation.journal_full              ? 
_citation.journal_issue             ? 
_citation.journal_volume            5 
_citation.language                  ? 
_citation.page_first                100095 
_citation.page_last                 100095 
_citation.title                     
;Structure of Helicobacter pylori dihydroneopterin aldolase suggests a fragment-based strategy for isozyme-specific inhibitor design.
;
_citation.year                      2023 
_citation.database_id_CSD           ? 
_citation.pdbx_database_id_DOI      10.1016/j.crstbi.2023.100095 
_citation.pdbx_database_id_PubMed   36820301 
_citation.pdbx_database_id_patent   ? 
_citation.unpublished_flag          ? 
# 
loop_
_citation_author.citation_id 
_citation_author.name 
_citation_author.ordinal 
_citation_author.identifier_ORCID 
primary 'Shaw, G.X.'   1 ? 
primary 'Fan, L.'      2 ? 
primary 'Cherry, S.'   3 ? 
primary 'Shi, G.'      4 ? 
primary 'Tropea, J.E.' 5 ? 
primary 'Ji, X.'       6 ? 
# 
loop_
_entity.id 
_entity.type 
_entity.src_method 
_entity.pdbx_description 
_entity.formula_weight 
_entity.pdbx_number_of_molecules 
_entity.pdbx_ec 
_entity.pdbx_mutation 
_entity.pdbx_fragment 
_entity.details 
1 polymer     man 'Dihydroneopterin aldolase' 13953.307 1   ? ? Full-length ? 
2 non-polymer syn PTERINE                     163.137   1   ? ? ?           ? 
3 non-polymer syn 1,2-ETHANEDIOL              62.068    1   ? ? ?           ? 
4 water       nat water                       18.015    134 ? ? ?           ? 
# 
_entity_poly.entity_id                      1 
_entity_poly.type                           'polypeptide(L)' 
_entity_poly.nstd_linkage                   no 
_entity_poly.nstd_monomer                   no 
_entity_poly.pdbx_seq_one_letter_code       
;GGGMKTKQGVHVHNLVFETILGILEFERLKPQKISVDLDLFYTQLPNKAYLDYIKIQELIQKMMQEKQYLLIEDALKDLS
QILKTRYKEITELYLKISKLEISPDSQVGASVKICYENNL
;
_entity_poly.pdbx_seq_one_letter_code_can   
;GGGMKTKQGVHVHNLVFETILGILEFERLKPQKISVDLDLFYTQLPNKAYLDYIKIQELIQKMMQEKQYLLIEDALKDLS
QILKTRYKEITELYLKISKLEISPDSQVGASVKICYENNL
;
_entity_poly.pdbx_strand_id                 A 
_entity_poly.pdbx_target_identifier         ? 
# 
loop_
_pdbx_entity_nonpoly.entity_id 
_pdbx_entity_nonpoly.name 
_pdbx_entity_nonpoly.comp_id 
2 PTERINE        PE0 
3 1,2-ETHANEDIOL EDO 
4 water          HOH 
# 
loop_
_entity_poly_seq.entity_id 
_entity_poly_seq.num 
_entity_poly_seq.mon_id 
_entity_poly_seq.hetero 
1 1   GLY n 
1 2   GLY n 
1 3   GLY n 
1 4   MET n 
1 5   LYS n 
1 6   THR n 
1 7   LYS n 
1 8   GLN n 
1 9   GLY n 
1 10  VAL n 
1 11  HIS n 
1 12  VAL n 
1 13  HIS n 
1 14  ASN n 
1 15  LEU n 
1 16  VAL n 
1 17  PHE n 
1 18  GLU n 
1 19  THR n 
1 20  ILE n 
1 21  LEU n 
1 22  GLY n 
1 23  ILE n 
1 24  LEU n 
1 25  GLU n 
1 26  PHE n 
1 27  GLU n 
1 28  ARG n 
1 29  LEU n 
1 30  LYS n 
1 31  PRO n 
1 32  GLN n 
1 33  LYS n 
1 34  ILE n 
1 35  SER n 
1 36  VAL n 
1 37  ASP n 
1 38  LEU n 
1 39  ASP n 
1 40  LEU n 
1 41  PHE n 
1 42  TYR n 
1 43  THR n 
1 44  GLN n 
1 45  LEU n 
1 46  PRO n 
1 47  ASN n 
1 48  LYS n 
1 49  ALA n 
1 50  TYR n 
1 51  LEU n 
1 52  ASP n 
1 53  TYR n 
1 54  ILE n 
1 55  LYS n 
1 56  ILE n 
1 57  GLN n 
1 58  GLU n 
1 59  LEU n 
1 60  ILE n 
1 61  GLN n 
1 62  LYS n 
1 63  MET n 
1 64  MET n 
1 65  GLN n 
1 66  GLU n 
1 67  LYS n 
1 68  GLN n 
1 69  TYR n 
1 70  LEU n 
1 71  LEU n 
1 72  ILE n 
1 73  GLU n 
1 74  ASP n 
1 75  ALA n 
1 76  LEU n 
1 77  LYS n 
1 78  ASP n 
1 79  LEU n 
1 80  SER n 
1 81  GLN n 
1 82  ILE n 
1 83  LEU n 
1 84  LYS n 
1 85  THR n 
1 86  ARG n 
1 87  TYR n 
1 88  LYS n 
1 89  GLU n 
1 90  ILE n 
1 91  THR n 
1 92  GLU n 
1 93  LEU n 
1 94  TYR n 
1 95  LEU n 
1 96  LYS n 
1 97  ILE n 
1 98  SER n 
1 99  LYS n 
1 100 LEU n 
1 101 GLU n 
1 102 ILE n 
1 103 SER n 
1 104 PRO n 
1 105 ASP n 
1 106 SER n 
1 107 GLN n 
1 108 VAL n 
1 109 GLY n 
1 110 ALA n 
1 111 SER n 
1 112 VAL n 
1 113 LYS n 
1 114 ILE n 
1 115 CYS n 
1 116 TYR n 
1 117 GLU n 
1 118 ASN n 
1 119 ASN n 
1 120 LEU n 
# 
_entity_src_gen.entity_id                          1 
_entity_src_gen.pdbx_src_id                        1 
_entity_src_gen.pdbx_alt_source_flag               sample 
_entity_src_gen.pdbx_seq_type                      'Biological sequence' 
_entity_src_gen.pdbx_beg_seq_num                   1 
_entity_src_gen.pdbx_end_seq_num                   120 
_entity_src_gen.gene_src_common_name               ? 
_entity_src_gen.gene_src_genus                     ? 
_entity_src_gen.pdbx_gene_src_gene                 HPG27_1434 
_entity_src_gen.gene_src_species                   ? 
_entity_src_gen.gene_src_strain                    G27 
_entity_src_gen.gene_src_tissue                    ? 
_entity_src_gen.gene_src_tissue_fraction           ? 
_entity_src_gen.gene_src_details                   ? 
_entity_src_gen.pdbx_gene_src_fragment             ? 
_entity_src_gen.pdbx_gene_src_scientific_name      'Helicobacter pylori G27' 
_entity_src_gen.pdbx_gene_src_ncbi_taxonomy_id     563041 
_entity_src_gen.pdbx_gene_src_variant              ? 
_entity_src_gen.pdbx_gene_src_cell_line            ? 
_entity_src_gen.pdbx_gene_src_atcc                 ? 
_entity_src_gen.pdbx_gene_src_organ                ? 
_entity_src_gen.pdbx_gene_src_organelle            ? 
_entity_src_gen.pdbx_gene_src_cell                 ? 
_entity_src_gen.pdbx_gene_src_cellular_location    ? 
_entity_src_gen.host_org_common_name               ? 
_entity_src_gen.pdbx_host_org_scientific_name      'Escherichia coli' 
_entity_src_gen.pdbx_host_org_ncbi_taxonomy_id     469008 
_entity_src_gen.host_org_genus                     ? 
_entity_src_gen.pdbx_host_org_gene                 ? 
_entity_src_gen.pdbx_host_org_organ                ? 
_entity_src_gen.host_org_species                   ? 
_entity_src_gen.pdbx_host_org_tissue               ? 
_entity_src_gen.pdbx_host_org_tissue_fraction      ? 
_entity_src_gen.pdbx_host_org_strain               'BL21-CodonPlus (DE3)-RIPL' 
_entity_src_gen.pdbx_host_org_variant              ? 
_entity_src_gen.pdbx_host_org_cell_line            ? 
_entity_src_gen.pdbx_host_org_atcc                 ? 
_entity_src_gen.pdbx_host_org_culture_collection   ? 
_entity_src_gen.pdbx_host_org_cell                 ? 
_entity_src_gen.pdbx_host_org_organelle            ? 
_entity_src_gen.pdbx_host_org_cellular_location    ? 
_entity_src_gen.pdbx_host_org_vector_type          plasmid 
_entity_src_gen.pdbx_host_org_vector               ? 
_entity_src_gen.host_org_details                   ? 
_entity_src_gen.expression_system_id               ? 
_entity_src_gen.plasmid_name                       pJT250 
_entity_src_gen.plasmid_details                    ? 
_entity_src_gen.pdbx_description                   ? 
# 
loop_
_chem_comp.id 
_chem_comp.type 
_chem_comp.mon_nstd_flag 
_chem_comp.name 
_chem_comp.pdbx_synonyms 
_chem_comp.formula 
_chem_comp.formula_weight 
ALA 'L-peptide linking' y ALANINE         ?                 'C3 H7 N O2'     89.093  
ARG 'L-peptide linking' y ARGININE        ?                 'C6 H15 N4 O2 1' 175.209 
ASN 'L-peptide linking' y ASPARAGINE      ?                 'C4 H8 N2 O3'    132.118 
ASP 'L-peptide linking' y 'ASPARTIC ACID' ?                 'C4 H7 N O4'     133.103 
CYS 'L-peptide linking' y CYSTEINE        ?                 'C3 H7 N O2 S'   121.158 
EDO non-polymer         . 1,2-ETHANEDIOL  'ETHYLENE GLYCOL' 'C2 H6 O2'       62.068  
GLN 'L-peptide linking' y GLUTAMINE       ?                 'C5 H10 N2 O3'   146.144 
GLU 'L-peptide linking' y 'GLUTAMIC ACID' ?                 'C5 H9 N O4'     147.129 
GLY 'peptide linking'   y GLYCINE         ?                 'C2 H5 N O2'     75.067  
HIS 'L-peptide linking' y HISTIDINE       ?                 'C6 H10 N3 O2 1' 156.162 
HOH non-polymer         . WATER           ?                 'H2 O'           18.015  
ILE 'L-peptide linking' y ISOLEUCINE      ?                 'C6 H13 N O2'    131.173 
LEU 'L-peptide linking' y LEUCINE         ?                 'C6 H13 N O2'    131.173 
LYS 'L-peptide linking' y LYSINE          ?                 'C6 H15 N2 O2 1' 147.195 
MET 'L-peptide linking' y METHIONINE      ?                 'C5 H11 N O2 S'  149.211 
PE0 non-polymer         . PTERINE         ?                 'C6 H5 N5 O'     163.137 
PHE 'L-peptide linking' y PHENYLALANINE   ?                 'C9 H11 N O2'    165.189 
PRO 'L-peptide linking' y PROLINE         ?                 'C5 H9 N O2'     115.130 
SER 'L-peptide linking' y SERINE          ?                 'C3 H7 N O3'     105.093 
THR 'L-peptide linking' y THREONINE       ?                 'C4 H9 N O3'     119.119 
TYR 'L-peptide linking' y TYROSINE        ?                 'C9 H11 N O3'    181.189 
VAL 'L-peptide linking' y VALINE          ?                 'C5 H11 N O2'    117.146 
# 
loop_
_pdbx_poly_seq_scheme.asym_id 
_pdbx_poly_seq_scheme.entity_id 
_pdbx_poly_seq_scheme.seq_id 
_pdbx_poly_seq_scheme.mon_id 
_pdbx_poly_seq_scheme.ndb_seq_num 
_pdbx_poly_seq_scheme.pdb_seq_num 
_pdbx_poly_seq_scheme.auth_seq_num 
_pdbx_poly_seq_scheme.pdb_mon_id 
_pdbx_poly_seq_scheme.auth_mon_id 
_pdbx_poly_seq_scheme.pdb_strand_id 
_pdbx_poly_seq_scheme.pdb_ins_code 
_pdbx_poly_seq_scheme.hetero 
A 1 1   GLY 1   -2  ?   ?   ?   A . n 
A 1 2   GLY 2   -1  ?   ?   ?   A . n 
A 1 3   GLY 3   0   0   GLY GLY A . n 
A 1 4   MET 4   1   1   MET MET A . n 
A 1 5   LYS 5   2   2   LYS LYS A . n 
A 1 6   THR 6   3   3   THR THR A . n 
A 1 7   LYS 7   4   4   LYS LYS A . n 
A 1 8   GLN 8   5   5   GLN GLN A . n 
A 1 9   GLY 9   6   6   GLY GLY A . n 
A 1 10  VAL 10  7   7   VAL VAL A . n 
A 1 11  HIS 11  8   8   HIS HIS A . n 
A 1 12  VAL 12  9   9   VAL VAL A . n 
A 1 13  HIS 13  10  10  HIS HIS A . n 
A 1 14  ASN 14  11  11  ASN ASN A . n 
A 1 15  LEU 15  12  12  LEU LEU A . n 
A 1 16  VAL 16  13  13  VAL VAL A . n 
A 1 17  PHE 17  14  14  PHE PHE A . n 
A 1 18  GLU 18  15  15  GLU GLU A . n 
A 1 19  THR 19  16  16  THR THR A . n 
A 1 20  ILE 20  17  17  ILE ILE A . n 
A 1 21  LEU 21  18  18  LEU LEU A . n 
A 1 22  GLY 22  19  19  GLY GLY A . n 
A 1 23  ILE 23  20  20  ILE ILE A . n 
A 1 24  LEU 24  21  21  LEU LEU A . n 
A 1 25  GLU 25  22  22  GLU GLU A . n 
A 1 26  PHE 26  23  23  PHE PHE A . n 
A 1 27  GLU 27  24  24  GLU GLU A . n 
A 1 28  ARG 28  25  25  ARG ARG A . n 
A 1 29  LEU 29  26  26  LEU LEU A . n 
A 1 30  LYS 30  27  27  LYS LYS A . n 
A 1 31  PRO 31  28  28  PRO PRO A . n 
A 1 32  GLN 32  29  29  GLN GLN A . n 
A 1 33  LYS 33  30  30  LYS LYS A . n 
A 1 34  ILE 34  31  31  ILE ILE A . n 
A 1 35  SER 35  32  32  SER SER A . n 
A 1 36  VAL 36  33  33  VAL VAL A . n 
A 1 37  ASP 37  34  34  ASP ASP A . n 
A 1 38  LEU 38  35  35  LEU LEU A . n 
A 1 39  ASP 39  36  36  ASP ASP A . n 
A 1 40  LEU 40  37  37  LEU LEU A . n 
A 1 41  PHE 41  38  38  PHE PHE A . n 
A 1 42  TYR 42  39  39  TYR TYR A . n 
A 1 43  THR 43  40  40  THR THR A . n 
A 1 44  GLN 44  41  41  GLN GLN A . n 
A 1 45  LEU 45  42  42  LEU LEU A . n 
A 1 46  PRO 46  43  43  PRO PRO A . n 
A 1 47  ASN 47  44  44  ASN ASN A . n 
A 1 48  LYS 48  45  45  LYS LYS A . n 
A 1 49  ALA 49  46  46  ALA ALA A . n 
A 1 50  TYR 50  47  47  TYR TYR A . n 
A 1 51  LEU 51  48  48  LEU LEU A . n 
A 1 52  ASP 52  49  49  ASP ASP A . n 
A 1 53  TYR 53  50  50  TYR TYR A . n 
A 1 54  ILE 54  51  51  ILE ILE A . n 
A 1 55  LYS 55  52  52  LYS LYS A . n 
A 1 56  ILE 56  53  53  ILE ILE A . n 
A 1 57  GLN 57  54  54  GLN GLN A . n 
A 1 58  GLU 58  55  55  GLU GLU A . n 
A 1 59  LEU 59  56  56  LEU LEU A . n 
A 1 60  ILE 60  57  57  ILE ILE A . n 
A 1 61  GLN 61  58  58  GLN GLN A . n 
A 1 62  LYS 62  59  59  LYS LYS A . n 
A 1 63  MET 63  60  60  MET MET A . n 
A 1 64  MET 64  61  61  MET MET A . n 
A 1 65  GLN 65  62  62  GLN GLN A . n 
A 1 66  GLU 66  63  63  GLU GLU A . n 
A 1 67  LYS 67  64  64  LYS LYS A . n 
A 1 68  GLN 68  65  65  GLN GLN A . n 
A 1 69  TYR 69  66  66  TYR TYR A . n 
A 1 70  LEU 70  67  67  LEU LEU A . n 
A 1 71  LEU 71  68  68  LEU LEU A . n 
A 1 72  ILE 72  69  69  ILE ILE A . n 
A 1 73  GLU 73  70  70  GLU GLU A . n 
A 1 74  ASP 74  71  71  ASP ASP A . n 
A 1 75  ALA 75  72  72  ALA ALA A . n 
A 1 76  LEU 76  73  73  LEU LEU A . n 
A 1 77  LYS 77  74  74  LYS LYS A . n 
A 1 78  ASP 78  75  75  ASP ASP A . n 
A 1 79  LEU 79  76  76  LEU LEU A . n 
A 1 80  SER 80  77  77  SER SER A . n 
A 1 81  GLN 81  78  78  GLN GLN A . n 
A 1 82  ILE 82  79  79  ILE ILE A . n 
A 1 83  LEU 83  80  80  LEU LEU A . n 
A 1 84  LYS 84  81  81  LYS LYS A . n 
A 1 85  THR 85  82  82  THR THR A . n 
A 1 86  ARG 86  83  83  ARG ARG A . n 
A 1 87  TYR 87  84  84  TYR TYR A . n 
A 1 88  LYS 88  85  85  LYS LYS A . n 
A 1 89  GLU 89  86  86  GLU GLU A . n 
A 1 90  ILE 90  87  87  ILE ILE A . n 
A 1 91  THR 91  88  88  THR THR A . n 
A 1 92  GLU 92  89  89  GLU GLU A . n 
A 1 93  LEU 93  90  90  LEU LEU A . n 
A 1 94  TYR 94  91  91  TYR TYR A . n 
A 1 95  LEU 95  92  92  LEU LEU A . n 
A 1 96  LYS 96  93  93  LYS LYS A . n 
A 1 97  ILE 97  94  94  ILE ILE A . n 
A 1 98  SER 98  95  95  SER SER A . n 
A 1 99  LYS 99  96  96  LYS LYS A . n 
A 1 100 LEU 100 97  97  LEU LEU A . n 
A 1 101 GLU 101 98  98  GLU GLU A . n 
A 1 102 ILE 102 99  99  ILE ILE A . n 
A 1 103 SER 103 100 100 SER SER A . n 
A 1 104 PRO 104 101 101 PRO PRO A . n 
A 1 105 ASP 105 102 102 ASP ASP A . n 
A 1 106 SER 106 103 103 SER SER A . n 
A 1 107 GLN 107 104 104 GLN GLN A . n 
A 1 108 VAL 108 105 105 VAL VAL A . n 
A 1 109 GLY 109 106 106 GLY GLY A . n 
A 1 110 ALA 110 107 107 ALA ALA A . n 
A 1 111 SER 111 108 108 SER SER A . n 
A 1 112 VAL 112 109 109 VAL VAL A . n 
A 1 113 LYS 113 110 110 LYS LYS A . n 
A 1 114 ILE 114 111 111 ILE ILE A . n 
A 1 115 CYS 115 112 112 CYS CYS A . n 
A 1 116 TYR 116 113 113 TYR TYR A . n 
A 1 117 GLU 117 114 114 GLU GLU A . n 
A 1 118 ASN 118 115 ?   ?   ?   A . n 
A 1 119 ASN 119 116 ?   ?   ?   A . n 
A 1 120 LEU 120 117 ?   ?   ?   A . n 
# 
loop_
_pdbx_nonpoly_scheme.asym_id 
_pdbx_nonpoly_scheme.entity_id 
_pdbx_nonpoly_scheme.mon_id 
_pdbx_nonpoly_scheme.ndb_seq_num 
_pdbx_nonpoly_scheme.pdb_seq_num 
_pdbx_nonpoly_scheme.auth_seq_num 
_pdbx_nonpoly_scheme.pdb_mon_id 
_pdbx_nonpoly_scheme.auth_mon_id 
_pdbx_nonpoly_scheme.pdb_strand_id 
_pdbx_nonpoly_scheme.pdb_ins_code 
B 2 PE0 1   201 201 PE0 PE0 A . 
C 3 EDO 1   202 202 EDO EDO A . 
D 4 HOH 1   301 93  HOH HOH A . 
D 4 HOH 2   302 125 HOH HOH A . 
D 4 HOH 3   303 45  HOH HOH A . 
D 4 HOH 4   304 104 HOH HOH A . 
D 4 HOH 5   305 83  HOH HOH A . 
D 4 HOH 6   306 72  HOH HOH A . 
D 4 HOH 7   307 54  HOH HOH A . 
D 4 HOH 8   308 73  HOH HOH A . 
D 4 HOH 9   309 25  HOH HOH A . 
D 4 HOH 10  310 12  HOH HOH A . 
D 4 HOH 11  311 100 HOH HOH A . 
D 4 HOH 12  312 14  HOH HOH A . 
D 4 HOH 13  313 133 HOH HOH A . 
D 4 HOH 14  314 65  HOH HOH A . 
D 4 HOH 15  315 17  HOH HOH A . 
D 4 HOH 16  316 33  HOH HOH A . 
D 4 HOH 17  317 130 HOH HOH A . 
D 4 HOH 18  318 53  HOH HOH A . 
D 4 HOH 19  319 110 HOH HOH A . 
D 4 HOH 20  320 10  HOH HOH A . 
D 4 HOH 21  321 37  HOH HOH A . 
D 4 HOH 22  322 22  HOH HOH A . 
D 4 HOH 23  323 132 HOH HOH A . 
D 4 HOH 24  324 75  HOH HOH A . 
D 4 HOH 25  325 26  HOH HOH A . 
D 4 HOH 26  326 124 HOH HOH A . 
D 4 HOH 27  327 63  HOH HOH A . 
D 4 HOH 28  328 43  HOH HOH A . 
D 4 HOH 29  329 57  HOH HOH A . 
D 4 HOH 30  330 71  HOH HOH A . 
D 4 HOH 31  331 86  HOH HOH A . 
D 4 HOH 32  332 8   HOH HOH A . 
D 4 HOH 33  333 79  HOH HOH A . 
D 4 HOH 34  334 21  HOH HOH A . 
D 4 HOH 35  335 18  HOH HOH A . 
D 4 HOH 36  336 16  HOH HOH A . 
D 4 HOH 37  337 55  HOH HOH A . 
D 4 HOH 38  338 34  HOH HOH A . 
D 4 HOH 39  339 42  HOH HOH A . 
D 4 HOH 40  340 88  HOH HOH A . 
D 4 HOH 41  341 19  HOH HOH A . 
D 4 HOH 42  342 32  HOH HOH A . 
D 4 HOH 43  343 30  HOH HOH A . 
D 4 HOH 44  344 114 HOH HOH A . 
D 4 HOH 45  345 7   HOH HOH A . 
D 4 HOH 46  346 20  HOH HOH A . 
D 4 HOH 47  347 6   HOH HOH A . 
D 4 HOH 48  348 105 HOH HOH A . 
D 4 HOH 49  349 27  HOH HOH A . 
D 4 HOH 50  350 69  HOH HOH A . 
D 4 HOH 51  351 31  HOH HOH A . 
D 4 HOH 52  352 24  HOH HOH A . 
D 4 HOH 53  353 56  HOH HOH A . 
D 4 HOH 54  354 81  HOH HOH A . 
D 4 HOH 55  355 13  HOH HOH A . 
D 4 HOH 56  356 61  HOH HOH A . 
D 4 HOH 57  357 94  HOH HOH A . 
D 4 HOH 58  358 74  HOH HOH A . 
D 4 HOH 59  359 3   HOH HOH A . 
D 4 HOH 60  360 11  HOH HOH A . 
D 4 HOH 61  361 98  HOH HOH A . 
D 4 HOH 62  362 15  HOH HOH A . 
D 4 HOH 63  363 44  HOH HOH A . 
D 4 HOH 64  364 40  HOH HOH A . 
D 4 HOH 65  365 116 HOH HOH A . 
D 4 HOH 66  366 39  HOH HOH A . 
D 4 HOH 67  367 9   HOH HOH A . 
D 4 HOH 68  368 95  HOH HOH A . 
D 4 HOH 69  369 78  HOH HOH A . 
D 4 HOH 70  370 91  HOH HOH A . 
D 4 HOH 71  371 120 HOH HOH A . 
D 4 HOH 72  372 103 HOH HOH A . 
D 4 HOH 73  373 126 HOH HOH A . 
D 4 HOH 74  374 5   HOH HOH A . 
D 4 HOH 75  375 1   HOH HOH A . 
D 4 HOH 76  376 38  HOH HOH A . 
D 4 HOH 77  377 41  HOH HOH A . 
D 4 HOH 78  378 109 HOH HOH A . 
D 4 HOH 79  379 62  HOH HOH A . 
D 4 HOH 80  380 68  HOH HOH A . 
D 4 HOH 81  381 76  HOH HOH A . 
D 4 HOH 82  382 108 HOH HOH A . 
D 4 HOH 83  383 49  HOH HOH A . 
D 4 HOH 84  384 134 HOH HOH A . 
D 4 HOH 85  385 60  HOH HOH A . 
D 4 HOH 86  386 127 HOH HOH A . 
D 4 HOH 87  387 70  HOH HOH A . 
D 4 HOH 88  388 106 HOH HOH A . 
D 4 HOH 89  389 102 HOH HOH A . 
D 4 HOH 90  390 36  HOH HOH A . 
D 4 HOH 91  391 122 HOH HOH A . 
D 4 HOH 92  392 119 HOH HOH A . 
D 4 HOH 93  393 23  HOH HOH A . 
D 4 HOH 94  394 67  HOH HOH A . 
D 4 HOH 95  395 111 HOH HOH A . 
D 4 HOH 96  396 77  HOH HOH A . 
D 4 HOH 97  397 97  HOH HOH A . 
D 4 HOH 98  398 52  HOH HOH A . 
D 4 HOH 99  399 129 HOH HOH A . 
D 4 HOH 100 400 80  HOH HOH A . 
D 4 HOH 101 401 29  HOH HOH A . 
D 4 HOH 102 402 117 HOH HOH A . 
D 4 HOH 103 403 99  HOH HOH A . 
D 4 HOH 104 404 59  HOH HOH A . 
D 4 HOH 105 405 4   HOH HOH A . 
D 4 HOH 106 406 101 HOH HOH A . 
D 4 HOH 107 407 131 HOH HOH A . 
D 4 HOH 108 408 112 HOH HOH A . 
D 4 HOH 109 409 118 HOH HOH A . 
D 4 HOH 110 410 90  HOH HOH A . 
D 4 HOH 111 411 28  HOH HOH A . 
D 4 HOH 112 412 51  HOH HOH A . 
D 4 HOH 113 413 96  HOH HOH A . 
D 4 HOH 114 414 58  HOH HOH A . 
D 4 HOH 115 415 87  HOH HOH A . 
D 4 HOH 116 416 35  HOH HOH A . 
D 4 HOH 117 417 128 HOH HOH A . 
D 4 HOH 118 418 2   HOH HOH A . 
D 4 HOH 119 419 89  HOH HOH A . 
D 4 HOH 120 420 121 HOH HOH A . 
D 4 HOH 121 421 92  HOH HOH A . 
D 4 HOH 122 422 115 HOH HOH A . 
D 4 HOH 123 423 84  HOH HOH A . 
D 4 HOH 124 424 50  HOH HOH A . 
D 4 HOH 125 425 82  HOH HOH A . 
D 4 HOH 126 426 113 HOH HOH A . 
D 4 HOH 127 427 123 HOH HOH A . 
D 4 HOH 128 428 48  HOH HOH A . 
D 4 HOH 129 429 85  HOH HOH A . 
D 4 HOH 130 430 66  HOH HOH A . 
D 4 HOH 131 431 46  HOH HOH A . 
D 4 HOH 132 432 47  HOH HOH A . 
D 4 HOH 133 433 64  HOH HOH A . 
D 4 HOH 134 434 107 HOH HOH A . 
# 
loop_
_software.citation_id 
_software.classification 
_software.compiler_name 
_software.compiler_version 
_software.contact_author 
_software.contact_author_email 
_software.date 
_software.description 
_software.dependencies 
_software.hardware 
_software.language 
_software.location 
_software.mods 
_software.name 
_software.os 
_software.os_version 
_software.type 
_software.version 
_software.pdbx_ordinal 
? refinement        ? ? ? ? ? ? ? ? ? ? ? PHENIX      ? ? ? 1.19.2_4158 1 
? refinement        ? ? ? ? ? ? ? ? ? ? ? PHENIX      ? ? ? 1.19.2_4158 2 
? 'data reduction'  ? ? ? ? ? ? ? ? ? ? ? DENZO       ? ? ? .           3 
? 'data scaling'    ? ? ? ? ? ? ? ? ? ? ? SCALEPACK   ? ? ? .           4 
? 'data extraction' ? ? ? ? ? ? ? ? ? ? ? PDB_EXTRACT ? ? ? 3.27        5 
? phasing           ? ? ? ? ? ? ? ? ? ? ? PHENIX      ? ? ? .           6 
# 
_cell.angle_alpha                  90.000 
_cell.angle_alpha_esd              ? 
_cell.angle_beta                   90.000 
_cell.angle_beta_esd               ? 
_cell.angle_gamma                  90.000 
_cell.angle_gamma_esd              ? 
_cell.entry_id                     8EVK 
_cell.details                      ? 
_cell.formula_units_Z              ? 
_cell.length_a                     68.081 
_cell.length_a_esd                 ? 
_cell.length_b                     68.081 
_cell.length_b_esd                 ? 
_cell.length_c                     57.404 
_cell.length_c_esd                 ? 
_cell.volume                       266068.842 
_cell.volume_esd                   ? 
_cell.Z_PDB                        8 
_cell.reciprocal_angle_alpha       ? 
_cell.reciprocal_angle_beta        ? 
_cell.reciprocal_angle_gamma       ? 
_cell.reciprocal_angle_alpha_esd   ? 
_cell.reciprocal_angle_beta_esd    ? 
_cell.reciprocal_angle_gamma_esd   ? 
_cell.reciprocal_length_a          ? 
_cell.reciprocal_length_b          ? 
_cell.reciprocal_length_c          ? 
_cell.reciprocal_length_a_esd      ? 
_cell.reciprocal_length_b_esd      ? 
_cell.reciprocal_length_c_esd      ? 
_cell.pdbx_unique_axis             ? 
_cell.pdbx_esd_method              ? 
# 
_symmetry.entry_id                         8EVK 
_symmetry.cell_setting                     ? 
_symmetry.Int_Tables_number                79 
_symmetry.space_group_name_Hall            'I 4' 
_symmetry.space_group_name_H-M             'I 4' 
_symmetry.pdbx_full_space_group_name_H-M   ? 
# 
_exptl.absorpt_coefficient_mu     ? 
_exptl.absorpt_correction_T_max   ? 
_exptl.absorpt_correction_T_min   ? 
_exptl.absorpt_correction_type    ? 
_exptl.absorpt_process_details    ? 
_exptl.entry_id                   8EVK 
_exptl.crystals_number            1 
_exptl.details                    ? 
_exptl.method                     'X-RAY DIFFRACTION' 
_exptl.method_details             ? 
# 
_exptl_crystal.colour                       ? 
_exptl_crystal.density_diffrn               ? 
_exptl_crystal.density_Matthews             2.42 
_exptl_crystal.density_method               ? 
_exptl_crystal.density_percent_sol          49.24 
_exptl_crystal.description                  ? 
_exptl_crystal.F_000                        ? 
_exptl_crystal.id                           1 
_exptl_crystal.preparation                  ? 
_exptl_crystal.size_max                     ? 
_exptl_crystal.size_mid                     ? 
_exptl_crystal.size_min                     ? 
_exptl_crystal.size_rad                     ? 
_exptl_crystal.colour_lustre                ? 
_exptl_crystal.colour_modifier              ? 
_exptl_crystal.colour_primary               ? 
_exptl_crystal.density_meas                 ? 
_exptl_crystal.density_meas_esd             ? 
_exptl_crystal.density_meas_gt              ? 
_exptl_crystal.density_meas_lt              ? 
_exptl_crystal.density_meas_temp            ? 
_exptl_crystal.density_meas_temp_esd        ? 
_exptl_crystal.density_meas_temp_gt         ? 
_exptl_crystal.density_meas_temp_lt         ? 
_exptl_crystal.pdbx_crystal_image_url       ? 
_exptl_crystal.pdbx_crystal_image_format    ? 
_exptl_crystal.pdbx_mosaicity               1.601 
_exptl_crystal.pdbx_mosaicity_esd           0.012 
_exptl_crystal.pdbx_mosaic_method           ? 
_exptl_crystal.pdbx_mosaic_block_size       ? 
_exptl_crystal.pdbx_mosaic_block_size_esd   ? 
# 
_exptl_crystal_grow.apparatus       ? 
_exptl_crystal_grow.atmosphere      ? 
_exptl_crystal_grow.crystal_id      1 
_exptl_crystal_grow.details         ? 
_exptl_crystal_grow.method          'VAPOR DIFFUSION, SITTING DROP' 
_exptl_crystal_grow.method_ref      ? 
_exptl_crystal_grow.pH              7.5 
_exptl_crystal_grow.pressure        ? 
_exptl_crystal_grow.pressure_esd    ? 
_exptl_crystal_grow.seeding         ? 
_exptl_crystal_grow.seeding_ref     ? 
_exptl_crystal_grow.temp            293 
_exptl_crystal_grow.temp_details    ? 
_exptl_crystal_grow.temp_esd        ? 
_exptl_crystal_grow.time            ? 
_exptl_crystal_grow.pdbx_details    '(NH4)2SO4, NaCl, etc.' 
_exptl_crystal_grow.pdbx_pH_range   ? 
# 
_diffrn.ambient_environment              ? 
_diffrn.ambient_temp                     100 
_diffrn.ambient_temp_details             ? 
_diffrn.ambient_temp_esd                 ? 
_diffrn.crystal_id                       1 
_diffrn.crystal_support                  ? 
_diffrn.crystal_treatment                ? 
_diffrn.details                          ? 
_diffrn.id                               1 
_diffrn.ambient_pressure                 ? 
_diffrn.ambient_pressure_esd             ? 
_diffrn.ambient_pressure_gt              ? 
_diffrn.ambient_pressure_lt              ? 
_diffrn.ambient_temp_gt                  ? 
_diffrn.ambient_temp_lt                  ? 
_diffrn.pdbx_serial_crystal_experiment   N 
# 
_diffrn_detector.details                      mirrors 
_diffrn_detector.detector                     CCD 
_diffrn_detector.diffrn_id                    1 
_diffrn_detector.type                         'MARMOSAIC 225 mm CCD' 
_diffrn_detector.area_resol_mean              ? 
_diffrn_detector.dtime                        ? 
_diffrn_detector.pdbx_frames_total            ? 
_diffrn_detector.pdbx_collection_time_total   ? 
_diffrn_detector.pdbx_collection_date         2013-03-15 
_diffrn_detector.pdbx_frequency               ? 
# 
_diffrn_radiation.collimation                      ? 
_diffrn_radiation.diffrn_id                        1 
_diffrn_radiation.filter_edge                      ? 
_diffrn_radiation.inhomogeneity                    ? 
_diffrn_radiation.monochromator                    'Double crystal' 
_diffrn_radiation.polarisn_norm                    ? 
_diffrn_radiation.polarisn_ratio                   ? 
_diffrn_radiation.probe                            ? 
_diffrn_radiation.type                             ? 
_diffrn_radiation.xray_symbol                      ? 
_diffrn_radiation.wavelength_id                    1 
_diffrn_radiation.pdbx_monochromatic_or_laue_m_l   M 
_diffrn_radiation.pdbx_wavelength_list             ? 
_diffrn_radiation.pdbx_wavelength                  ? 
_diffrn_radiation.pdbx_diffrn_protocol             'SINGLE WAVELENGTH' 
_diffrn_radiation.pdbx_analyzer                    ? 
_diffrn_radiation.pdbx_scattering_type             x-ray 
# 
_diffrn_radiation_wavelength.id           1 
_diffrn_radiation_wavelength.wavelength   1.000 
_diffrn_radiation_wavelength.wt           1.0 
# 
_diffrn_source.current                     ? 
_diffrn_source.details                     ? 
_diffrn_source.diffrn_id                   1 
_diffrn_source.power                       ? 
_diffrn_source.size                        ? 
_diffrn_source.source                      SYNCHROTRON 
_diffrn_source.target                      ? 
_diffrn_source.type                        'APS BEAMLINE 22-BM' 
_diffrn_source.voltage                     ? 
_diffrn_source.take-off_angle              ? 
_diffrn_source.pdbx_wavelength_list        1.000 
_diffrn_source.pdbx_wavelength             ? 
_diffrn_source.pdbx_synchrotron_beamline   22-BM 
_diffrn_source.pdbx_synchrotron_site       APS 
# 
_reflns.B_iso_Wilson_estimate                          22.81 
_reflns.entry_id                                       8EVK 
_reflns.data_reduction_details                         ? 
_reflns.data_reduction_method                          ? 
_reflns.d_resolution_high                              1.490 
_reflns.d_resolution_low                               30.000 
_reflns.details                                        ? 
_reflns.limit_h_max                                    ? 
_reflns.limit_h_min                                    ? 
_reflns.limit_k_max                                    ? 
_reflns.limit_k_min                                    ? 
_reflns.limit_l_max                                    ? 
_reflns.limit_l_min                                    ? 
_reflns.number_all                                     ? 
_reflns.number_obs                                     21197 
_reflns.observed_criterion                             ? 
_reflns.observed_criterion_F_max                       ? 
_reflns.observed_criterion_F_min                       ? 
_reflns.observed_criterion_I_max                       ? 
_reflns.observed_criterion_I_min                       ? 
_reflns.observed_criterion_sigma_F                     ? 
_reflns.observed_criterion_sigma_I                     ? 
_reflns.percent_possible_obs                           98.200 
_reflns.R_free_details                                 ? 
_reflns.Rmerge_F_all                                   ? 
_reflns.Rmerge_F_obs                                   ? 
_reflns.Friedel_coverage                               ? 
_reflns.number_gt                                      ? 
_reflns.threshold_expression                           ? 
_reflns.pdbx_redundancy                                14.100 
_reflns.pdbx_Rmerge_I_obs                              0.132 
_reflns.pdbx_Rmerge_I_all                              ? 
_reflns.pdbx_Rsym_value                                ? 
_reflns.pdbx_netI_over_av_sigmaI                       17.45 
_reflns.pdbx_netI_over_sigmaI                          13.700 
_reflns.pdbx_res_netI_over_av_sigmaI_2                 ? 
_reflns.pdbx_res_netI_over_sigmaI_2                    ? 
_reflns.pdbx_chi_squared                               0.960 
_reflns.pdbx_scaling_rejects                           ? 
_reflns.pdbx_d_res_high_opt                            ? 
_reflns.pdbx_d_res_low_opt                             ? 
_reflns.pdbx_d_res_opt_method                          ? 
_reflns.phase_calculation_details                      ? 
_reflns.pdbx_Rrim_I_all                                0.136 
_reflns.pdbx_Rpim_I_all                                0.036 
_reflns.pdbx_d_opt                                     ? 
_reflns.pdbx_number_measured_all                       ? 
_reflns.pdbx_diffrn_id                                 1 
_reflns.pdbx_ordinal                                   1 
_reflns.pdbx_CC_half                                   0.999 
_reflns.pdbx_CC_star                                   1.000 
_reflns.pdbx_R_split                                   ? 
_reflns.pdbx_aniso_diffraction_limit_axis_1_ortho[1]   ? 
_reflns.pdbx_aniso_diffraction_limit_axis_1_ortho[2]   ? 
_reflns.pdbx_aniso_diffraction_limit_axis_1_ortho[3]   ? 
_reflns.pdbx_aniso_diffraction_limit_axis_2_ortho[1]   ? 
_reflns.pdbx_aniso_diffraction_limit_axis_2_ortho[2]   ? 
_reflns.pdbx_aniso_diffraction_limit_axis_2_ortho[3]   ? 
_reflns.pdbx_aniso_diffraction_limit_axis_3_ortho[1]   ? 
_reflns.pdbx_aniso_diffraction_limit_axis_3_ortho[2]   ? 
_reflns.pdbx_aniso_diffraction_limit_axis_3_ortho[3]   ? 
_reflns.pdbx_aniso_diffraction_limit_1                 ? 
_reflns.pdbx_aniso_diffraction_limit_2                 ? 
_reflns.pdbx_aniso_diffraction_limit_3                 ? 
_reflns.pdbx_aniso_B_tensor_eigenvector_1_ortho[1]     ? 
_reflns.pdbx_aniso_B_tensor_eigenvector_1_ortho[2]     ? 
_reflns.pdbx_aniso_B_tensor_eigenvector_1_ortho[3]     ? 
_reflns.pdbx_aniso_B_tensor_eigenvector_2_ortho[1]     ? 
_reflns.pdbx_aniso_B_tensor_eigenvector_2_ortho[2]     ? 
_reflns.pdbx_aniso_B_tensor_eigenvector_2_ortho[3]     ? 
_reflns.pdbx_aniso_B_tensor_eigenvector_3_ortho[1]     ? 
_reflns.pdbx_aniso_B_tensor_eigenvector_3_ortho[2]     ? 
_reflns.pdbx_aniso_B_tensor_eigenvector_3_ortho[3]     ? 
_reflns.pdbx_aniso_B_tensor_eigenvalue_1               ? 
_reflns.pdbx_aniso_B_tensor_eigenvalue_2               ? 
_reflns.pdbx_aniso_B_tensor_eigenvalue_3               ? 
_reflns.pdbx_orthogonalization_convention              ? 
_reflns.pdbx_percent_possible_ellipsoidal              ? 
_reflns.pdbx_percent_possible_spherical                ? 
_reflns.pdbx_percent_possible_ellipsoidal_anomalous    ? 
_reflns.pdbx_percent_possible_spherical_anomalous      ? 
_reflns.pdbx_redundancy_anomalous                      ? 
_reflns.pdbx_CC_half_anomalous                         ? 
_reflns.pdbx_absDiff_over_sigma_anomalous              ? 
_reflns.pdbx_percent_possible_anomalous                ? 
_reflns.pdbx_observed_signal_threshold                 ? 
_reflns.pdbx_signal_type                               ? 
_reflns.pdbx_signal_details                            ? 
_reflns.pdbx_signal_software_id                        ? 
_reflns.pdbx_CC_split_method                           ? 
# 
loop_
_reflns_shell.d_res_high 
_reflns_shell.d_res_low 
_reflns_shell.meanI_over_sigI_all 
_reflns_shell.meanI_over_sigI_obs 
_reflns_shell.number_measured_all 
_reflns_shell.number_measured_obs 
_reflns_shell.number_possible 
_reflns_shell.number_unique_all 
_reflns_shell.number_unique_obs 
_reflns_shell.percent_possible_all 
_reflns_shell.percent_possible_obs 
_reflns_shell.Rmerge_F_all 
_reflns_shell.Rmerge_F_obs 
_reflns_shell.Rmerge_I_all 
_reflns_shell.Rmerge_I_obs 
_reflns_shell.meanI_over_sigI_gt 
_reflns_shell.meanI_over_uI_all 
_reflns_shell.meanI_over_uI_gt 
_reflns_shell.number_measured_gt 
_reflns_shell.number_unique_gt 
_reflns_shell.percent_possible_gt 
_reflns_shell.Rmerge_F_gt 
_reflns_shell.Rmerge_I_gt 
_reflns_shell.pdbx_redundancy 
_reflns_shell.pdbx_Rsym_value 
_reflns_shell.pdbx_chi_squared 
_reflns_shell.pdbx_netI_over_sigmaI_all 
_reflns_shell.pdbx_netI_over_sigmaI_obs 
_reflns_shell.pdbx_Rrim_I_all 
_reflns_shell.pdbx_Rpim_I_all 
_reflns_shell.pdbx_rejects 
_reflns_shell.pdbx_ordinal 
_reflns_shell.pdbx_diffrn_id 
_reflns_shell.pdbx_CC_half 
_reflns_shell.pdbx_CC_star 
_reflns_shell.pdbx_R_split 
_reflns_shell.pdbx_percent_possible_ellipsoidal 
_reflns_shell.pdbx_percent_possible_spherical 
_reflns_shell.pdbx_percent_possible_ellipsoidal_anomalous 
_reflns_shell.pdbx_percent_possible_spherical_anomalous 
_reflns_shell.pdbx_redundancy_anomalous 
_reflns_shell.pdbx_CC_half_anomalous 
_reflns_shell.pdbx_absDiff_over_sigma_anomalous 
_reflns_shell.pdbx_percent_possible_anomalous 
1.490 1.540  ? 1.19  ? ? ? ? 1769 82.600  ? ? ? ? ? ? ? ? ? ? ? ? ? 9.400  ? 0.822 ? ? ? 0.652 ? 1  1 0.547 0.841 ? ? ? ? ? ? ? ? 
? 
1.540 1.610  ? 2.33  ? ? ? ? 2171 100.000 ? ? ? ? ? ? ? ? ? ? ? ? ? 12.900 ? 0.918 ? ? ? 0.414 ? 2  1 0.772 0.934 ? ? ? ? ? ? ? ? 
? 
1.610 1.680  ? 3.61  ? ? ? ? 2109 100.000 ? ? ? ? ? ? ? ? ? ? ? ? ? 14.100 ? 0.951 ? ? ? 0.276 ? 3  1 0.873 0.966 ? ? ? ? ? ? ? ? 
? 
1.680 1.770  ? 5.39  ? ? ? ? 2164 100.000 ? ? ? ? ? ? ? ? ? ? ? ? ? 14.400 ? 0.994 ? ? ? 0.178 ? 4  1 0.940 0.984 ? ? ? ? ? ? ? ? 
? 
1.770 1.880  ? 8.52  ? ? ? ? 2149 100.000 ? ? ? ? ? ? ? ? ? ? ? ? ? 14.700 ? 0.990 ? ? ? 0.103 ? 5  1 0.989 0.997 ? ? ? ? ? ? ? ? 
? 
1.880 2.020  ? 13.11 ? ? ? ? 2160 100.000 ? ? ? ? ? ? ? ? ? ? ? ? ? 14.900 ? 0.986 ? ? ? 0.059 ? 6  1 0.989 0.997 ? ? ? ? ? ? ? ? 
? 
2.020 2.230  ? 15.81 ? ? ? ? 2157 100.000 ? ? ? ? ? ? ? ? ? ? ? ? ? 15.100 ? 0.970 ? ? ? 0.044 ? 7  1 0.992 0.998 ? ? ? ? ? ? ? ? 
? 
2.230 2.550  ? 17.53 ? ? ? ? 2165 100.000 ? ? ? ? ? ? ? ? ? ? ? ? ? 15.200 ? 0.992 ? ? ? 0.038 ? 8  1 0.992 0.998 ? ? ? ? ? ? ? ? 
? 
2.550 3.210  ? 17.81 ? ? ? ? 2161 100.000 ? ? ? ? ? ? ? ? ? ? ? ? ? 15.100 ? 0.967 ? ? ? 0.034 ? 9  1 0.994 0.998 ? ? ? ? ? ? ? ? 
? 
3.210 30.000 ? 20.04 ? ? ? ? 2192 99.400  ? ? ? ? ? ? ? ? ? ? ? ? ? 14.800 ? 0.939 ? ? ? 0.028 ? 10 1 0.993 0.998 ? ? ? ? ? ? ? ? 
? 
# 
_refine.aniso_B[1][1]                            ? 
_refine.aniso_B[1][2]                            ? 
_refine.aniso_B[1][3]                            ? 
_refine.aniso_B[2][2]                            ? 
_refine.aniso_B[2][3]                            ? 
_refine.aniso_B[3][3]                            ? 
_refine.B_iso_max                                ? 
_refine.B_iso_mean                               30.63 
_refine.B_iso_min                                ? 
_refine.correlation_coeff_Fo_to_Fc               ? 
_refine.correlation_coeff_Fo_to_Fc_free          ? 
_refine.details                                  ? 
_refine.diff_density_max                         ? 
_refine.diff_density_max_esd                     ? 
_refine.diff_density_min                         ? 
_refine.diff_density_min_esd                     ? 
_refine.diff_density_rms                         ? 
_refine.diff_density_rms_esd                     ? 
_refine.entry_id                                 8EVK 
_refine.pdbx_refine_id                           'X-RAY DIFFRACTION' 
_refine.ls_abs_structure_details                 ? 
_refine.ls_abs_structure_Flack                   ? 
_refine.ls_abs_structure_Flack_esd               ? 
_refine.ls_abs_structure_Rogers                  ? 
_refine.ls_abs_structure_Rogers_esd              ? 
_refine.ls_d_res_high                            1.49 
_refine.ls_d_res_low                             26.90 
_refine.ls_extinction_coef                       ? 
_refine.ls_extinction_coef_esd                   ? 
_refine.ls_extinction_expression                 ? 
_refine.ls_extinction_method                     ? 
_refine.ls_goodness_of_fit_all                   ? 
_refine.ls_goodness_of_fit_all_esd               ? 
_refine.ls_goodness_of_fit_obs                   ? 
_refine.ls_goodness_of_fit_obs_esd               ? 
_refine.ls_hydrogen_treatment                    ? 
_refine.ls_matrix_type                           ? 
_refine.ls_number_constraints                    ? 
_refine.ls_number_parameters                     ? 
_refine.ls_number_reflns_all                     ? 
_refine.ls_number_reflns_obs                     21169 
_refine.ls_number_reflns_R_free                  1004 
_refine.ls_number_reflns_R_work                  20165 
_refine.ls_number_restraints                     ? 
_refine.ls_percent_reflns_obs                    98.58 
_refine.ls_percent_reflns_R_free                 4.74 
_refine.ls_R_factor_all                          ? 
_refine.ls_R_factor_obs                          0.1990 
_refine.ls_R_factor_R_free                       0.2304 
_refine.ls_R_factor_R_free_error                 ? 
_refine.ls_R_factor_R_free_error_details         ? 
_refine.ls_R_factor_R_work                       0.1974 
_refine.ls_R_Fsqd_factor_obs                     ? 
_refine.ls_R_I_factor_obs                        ? 
_refine.ls_redundancy_reflns_all                 ? 
_refine.ls_redundancy_reflns_obs                 ? 
_refine.ls_restrained_S_all                      ? 
_refine.ls_restrained_S_obs                      ? 
_refine.ls_shift_over_esd_max                    ? 
_refine.ls_shift_over_esd_mean                   ? 
_refine.ls_structure_factor_coef                 ? 
_refine.ls_weighting_details                     ? 
_refine.ls_weighting_scheme                      ? 
_refine.ls_wR_factor_all                         ? 
_refine.ls_wR_factor_obs                         ? 
_refine.ls_wR_factor_R_free                      ? 
_refine.ls_wR_factor_R_work                      ? 
_refine.occupancy_max                            ? 
_refine.occupancy_min                            ? 
_refine.solvent_model_details                    'FLAT BULK SOLVENT MODEL' 
_refine.solvent_model_param_bsol                 ? 
_refine.solvent_model_param_ksol                 ? 
_refine.pdbx_R_complete                          ? 
_refine.ls_R_factor_gt                           ? 
_refine.ls_goodness_of_fit_gt                    ? 
_refine.ls_goodness_of_fit_ref                   ? 
_refine.ls_shift_over_su_max                     ? 
_refine.ls_shift_over_su_max_lt                  ? 
_refine.ls_shift_over_su_mean                    ? 
_refine.ls_shift_over_su_mean_lt                 ? 
_refine.pdbx_ls_sigma_I                          ? 
_refine.pdbx_ls_sigma_F                          1.37 
_refine.pdbx_ls_sigma_Fsqd                       ? 
_refine.pdbx_data_cutoff_high_absF               ? 
_refine.pdbx_data_cutoff_high_rms_absF           ? 
_refine.pdbx_data_cutoff_low_absF                ? 
_refine.pdbx_isotropic_thermal_model             ? 
_refine.pdbx_ls_cross_valid_method               'FREE R-VALUE' 
_refine.pdbx_method_to_determine_struct          'MOLECULAR REPLACEMENT' 
_refine.pdbx_starting_model                      2O90 
_refine.pdbx_stereochemistry_target_values       'GeoStd + Monomer Library + CDL v1.2' 
_refine.pdbx_R_Free_selection_details            'Random selection' 
_refine.pdbx_stereochem_target_val_spec_case     ? 
_refine.pdbx_overall_ESU_R                       ? 
_refine.pdbx_overall_ESU_R_Free                  ? 
_refine.pdbx_solvent_vdw_probe_radii             1.1100 
_refine.pdbx_solvent_ion_probe_radii             ? 
_refine.pdbx_solvent_shrinkage_radii             0.9000 
_refine.pdbx_real_space_R                        ? 
_refine.pdbx_density_correlation                 ? 
_refine.pdbx_pd_number_of_powder_patterns        ? 
_refine.pdbx_pd_number_of_points                 ? 
_refine.pdbx_pd_meas_number_of_points            ? 
_refine.pdbx_pd_proc_ls_prof_R_factor            ? 
_refine.pdbx_pd_proc_ls_prof_wR_factor           ? 
_refine.pdbx_pd_Marquardt_correlation_coeff      ? 
_refine.pdbx_pd_Fsqrd_R_factor                   ? 
_refine.pdbx_pd_ls_matrix_band_width             ? 
_refine.pdbx_overall_phase_error                 31.4210 
_refine.pdbx_overall_SU_R_free_Cruickshank_DPI   ? 
_refine.pdbx_overall_SU_R_free_Blow_DPI          ? 
_refine.pdbx_overall_SU_R_Blow_DPI               ? 
_refine.pdbx_TLS_residual_ADP_flag               ? 
_refine.pdbx_diffrn_id                           1 
_refine.overall_SU_B                             ? 
_refine.overall_SU_ML                            0.2427 
_refine.overall_SU_R_Cruickshank_DPI             ? 
_refine.overall_SU_R_free                        ? 
_refine.overall_FOM_free_R_set                   ? 
_refine.overall_FOM_work_R_set                   ? 
_refine.pdbx_average_fsc_overall                 ? 
_refine.pdbx_average_fsc_work                    ? 
_refine.pdbx_average_fsc_free                    ? 
# 
_refine_hist.pdbx_refine_id                   'X-RAY DIFFRACTION' 
_refine_hist.cycle_id                         LAST 
_refine_hist.details                          ? 
_refine_hist.d_res_high                       1.49 
_refine_hist.d_res_low                        26.90 
_refine_hist.number_atoms_solvent             134 
_refine_hist.number_atoms_total               1097 
_refine_hist.number_reflns_all                ? 
_refine_hist.number_reflns_obs                ? 
_refine_hist.number_reflns_R_free             ? 
_refine_hist.number_reflns_R_work             ? 
_refine_hist.R_factor_all                     ? 
_refine_hist.R_factor_obs                     ? 
_refine_hist.R_factor_R_free                  ? 
_refine_hist.R_factor_R_work                  ? 
_refine_hist.pdbx_number_residues_total       ? 
_refine_hist.pdbx_B_iso_mean_ligand           ? 
_refine_hist.pdbx_B_iso_mean_solvent          ? 
_refine_hist.pdbx_number_atoms_protein        947 
_refine_hist.pdbx_number_atoms_nucleic_acid   0 
_refine_hist.pdbx_number_atoms_ligand         16 
_refine_hist.pdbx_number_atoms_lipid          ? 
_refine_hist.pdbx_number_atoms_carb           ? 
_refine_hist.pdbx_pseudo_atom_details         ? 
# 
loop_
_refine_ls_restr.pdbx_refine_id 
_refine_ls_restr.criterion 
_refine_ls_restr.dev_ideal 
_refine_ls_restr.dev_ideal_target 
_refine_ls_restr.number 
_refine_ls_restr.rejects 
_refine_ls_restr.type 
_refine_ls_restr.weight 
_refine_ls_restr.pdbx_restraint_function 
'X-RAY DIFFRACTION' ? 0.0081  ? 1101 ? f_bond_d           ? ? 
'X-RAY DIFFRACTION' ? 0.9905  ? 1491 ? f_angle_d          ? ? 
'X-RAY DIFFRACTION' ? 0.0816  ? 170  ? f_chiral_restr     ? ? 
'X-RAY DIFFRACTION' ? 0.0062  ? 186  ? f_plane_restr      ? ? 
'X-RAY DIFFRACTION' ? 14.6578 ? 439  ? f_dihedral_angle_d ? ? 
# 
loop_
_refine_ls_shell.pdbx_refine_id 
_refine_ls_shell.d_res_high 
_refine_ls_shell.d_res_low 
_refine_ls_shell.number_reflns_all 
_refine_ls_shell.number_reflns_obs 
_refine_ls_shell.number_reflns_R_free 
_refine_ls_shell.number_reflns_R_work 
_refine_ls_shell.percent_reflns_obs 
_refine_ls_shell.percent_reflns_R_free 
_refine_ls_shell.R_factor_all 
_refine_ls_shell.R_factor_obs 
_refine_ls_shell.R_factor_R_free 
_refine_ls_shell.R_factor_R_free_error 
_refine_ls_shell.R_factor_R_work 
_refine_ls_shell.redundancy_reflns_all 
_refine_ls_shell.redundancy_reflns_obs 
_refine_ls_shell.wR_factor_all 
_refine_ls_shell.wR_factor_obs 
_refine_ls_shell.wR_factor_R_free 
_refine_ls_shell.wR_factor_R_work 
_refine_ls_shell.pdbx_R_complete 
_refine_ls_shell.pdbx_total_number_of_bins_used 
_refine_ls_shell.pdbx_phase_error 
_refine_ls_shell.pdbx_fsc_work 
_refine_ls_shell.pdbx_fsc_free 
'X-RAY DIFFRACTION' 1.49 1.57  . . 128 2639 90.54  . . . 0.4461 . 0.3835 . . . . . . . . . . . 
'X-RAY DIFFRACTION' 1.57 1.67  . . 142 2896 99.97  . . . 0.3026 . 0.2838 . . . . . . . . . . . 
'X-RAY DIFFRACTION' 1.67 1.80  . . 144 2926 99.97  . . . 0.2897 . 0.2609 . . . . . . . . . . . 
'X-RAY DIFFRACTION' 1.80 1.98  . . 144 2897 99.97  . . . 0.2707 . 0.2437 . . . . . . . . . . . 
'X-RAY DIFFRACTION' 1.98 2.26  . . 146 2926 100.00 . . . 0.2572 . 0.2134 . . . . . . . . . . . 
'X-RAY DIFFRACTION' 2.26 2.85  . . 151 2928 100.00 . . . 0.2469 . 0.2072 . . . . . . . . . . . 
'X-RAY DIFFRACTION' 2.85 26.90 . . 149 2953 99.58  . . . 0.1852 . 0.1559 . . . . . . . . . . . 
# 
_struct.entry_id                     8EVK 
_struct.title                        'Crystal structure of Helicobacter pylori dihydroneopterin aldolase (DHNA)' 
_struct.pdbx_model_details           ? 
_struct.pdbx_formula_weight          ? 
_struct.pdbx_formula_weight_method   ? 
_struct.pdbx_model_type_details      ? 
_struct.pdbx_CASP_flag               N 
# 
_struct_keywords.entry_id        8EVK 
_struct_keywords.text            'Inhibitor, Complex, Aldolase, LYASE' 
_struct_keywords.pdbx_keywords   LYASE 
# 
loop_
_struct_asym.id 
_struct_asym.pdbx_blank_PDB_chainid_flag 
_struct_asym.pdbx_modified 
_struct_asym.entity_id 
_struct_asym.details 
A N N 1 ? 
B N N 2 ? 
C N N 3 ? 
D N N 4 ? 
# 
_struct_ref.id                         1 
_struct_ref.db_name                    UNP 
_struct_ref.db_code                    B5Z9C8_HELPG 
_struct_ref.pdbx_db_accession          B5Z9C8 
_struct_ref.pdbx_db_isoform            ? 
_struct_ref.entity_id                  1 
_struct_ref.pdbx_seq_one_letter_code   
;MKTKQGVHVHNLVFETILGILEFERLKPQKISVDLDLFYTQLPNKAYLDYIKIQELIQKMMQEKQYLLIEDALKDLSQIL
KTRYKEITELYLKISKLEISPDSQVGASVKICYENNL
;
_struct_ref.pdbx_align_begin           1 
# 
_struct_ref_seq.align_id                      1 
_struct_ref_seq.ref_id                        1 
_struct_ref_seq.pdbx_PDB_id_code              8EVK 
_struct_ref_seq.pdbx_strand_id                A 
_struct_ref_seq.seq_align_beg                 4 
_struct_ref_seq.pdbx_seq_align_beg_ins_code   ? 
_struct_ref_seq.seq_align_end                 120 
_struct_ref_seq.pdbx_seq_align_end_ins_code   ? 
_struct_ref_seq.pdbx_db_accession             B5Z9C8 
_struct_ref_seq.db_align_beg                  1 
_struct_ref_seq.pdbx_db_align_beg_ins_code    ? 
_struct_ref_seq.db_align_end                  117 
_struct_ref_seq.pdbx_db_align_end_ins_code    ? 
_struct_ref_seq.pdbx_auth_seq_align_beg       1 
_struct_ref_seq.pdbx_auth_seq_align_end       117 
# 
loop_
_struct_ref_seq_dif.align_id 
_struct_ref_seq_dif.pdbx_pdb_id_code 
_struct_ref_seq_dif.mon_id 
_struct_ref_seq_dif.pdbx_pdb_strand_id 
_struct_ref_seq_dif.seq_num 
_struct_ref_seq_dif.pdbx_pdb_ins_code 
_struct_ref_seq_dif.pdbx_seq_db_name 
_struct_ref_seq_dif.pdbx_seq_db_accession_code 
_struct_ref_seq_dif.db_mon_id 
_struct_ref_seq_dif.pdbx_seq_db_seq_num 
_struct_ref_seq_dif.details 
_struct_ref_seq_dif.pdbx_auth_seq_num 
_struct_ref_seq_dif.pdbx_ordinal 
1 8EVK GLY A 1 ? UNP B5Z9C8 ? ? 'expression tag' -2 1 
1 8EVK GLY A 2 ? UNP B5Z9C8 ? ? 'expression tag' -1 2 
1 8EVK GLY A 3 ? UNP B5Z9C8 ? ? 'expression tag' 0  3 
# 
_pdbx_struct_assembly.id                   1 
_pdbx_struct_assembly.details              author_and_software_defined_assembly 
_pdbx_struct_assembly.method_details       PISA 
_pdbx_struct_assembly.oligomeric_details   tetrameric 
_pdbx_struct_assembly.oligomeric_count     4 
# 
loop_
_pdbx_struct_assembly_prop.biol_id 
_pdbx_struct_assembly_prop.type 
_pdbx_struct_assembly_prop.value 
_pdbx_struct_assembly_prop.details 
1 'ABSA (A^2)' 9720  ? 
1 MORE         10    ? 
1 'SSA (A^2)'  21540 ? 
# 
_pdbx_struct_assembly_gen.assembly_id       1 
_pdbx_struct_assembly_gen.oper_expression   1,2,3,4 
_pdbx_struct_assembly_gen.asym_id_list      A,B,C,D 
# 
_pdbx_struct_assembly_auth_evidence.id                     1 
_pdbx_struct_assembly_auth_evidence.assembly_id            1 
_pdbx_struct_assembly_auth_evidence.experimental_support   SAXS 
_pdbx_struct_assembly_auth_evidence.details                ? 
# 
loop_
_pdbx_struct_oper_list.id 
_pdbx_struct_oper_list.type 
_pdbx_struct_oper_list.name 
_pdbx_struct_oper_list.symmetry_operation 
_pdbx_struct_oper_list.matrix[1][1] 
_pdbx_struct_oper_list.matrix[1][2] 
_pdbx_struct_oper_list.matrix[1][3] 
_pdbx_struct_oper_list.vector[1] 
_pdbx_struct_oper_list.matrix[2][1] 
_pdbx_struct_oper_list.matrix[2][2] 
_pdbx_struct_oper_list.matrix[2][3] 
_pdbx_struct_oper_list.vector[2] 
_pdbx_struct_oper_list.matrix[3][1] 
_pdbx_struct_oper_list.matrix[3][2] 
_pdbx_struct_oper_list.matrix[3][3] 
_pdbx_struct_oper_list.vector[3] 
1 'identity operation'         1_555 x,y,z   1.0000000000  0.0000000000  0.0000000000 0.0000000000  0.0000000000  1.0000000000  0.0000000000  0.0000000000   0.0000000000 0.0000000000  1.0000000000 0.0000000000   
2 'crystal symmetry operation' 2_555 -x,-y,z -0.2008602764 -0.2823947989 0.9380342888 12.7148090629 -0.2823947989 -0.9002091623 -0.3314764572 -27.8119720607 0.9380342888 -0.3314764572 0.1010694387 -19.2049112428 
3 'crystal symmetry operation' 3_555 -y,x,z  0.3995698618  0.6007828694  0.6923899692 18.8202994218 -0.8831776683 0.0498954189  0.4663771579  -3.1190573610  0.2456443196 -0.7978536151 0.5505347193 -16.9725719465 
4 'crystal symmetry operation' 4_555 y,-x,z  0.3995698618  -0.8831776683 0.2456443196 -6.1054903590 0.6007828694  0.0498954189  -0.7978536151 -24.6929146998 0.6923899692 0.4663771579  0.5505347193 -2.2323392963 
# 
loop_
_struct_conf.conf_type_id 
_struct_conf.id 
_struct_conf.pdbx_PDB_helix_id 
_struct_conf.beg_label_comp_id 
_struct_conf.beg_label_asym_id 
_struct_conf.beg_label_seq_id 
_struct_conf.pdbx_beg_PDB_ins_code 
_struct_conf.end_label_comp_id 
_struct_conf.end_label_asym_id 
_struct_conf.end_label_seq_id 
_struct_conf.pdbx_end_PDB_ins_code 
_struct_conf.beg_auth_comp_id 
_struct_conf.beg_auth_asym_id 
_struct_conf.beg_auth_seq_id 
_struct_conf.end_auth_comp_id 
_struct_conf.end_auth_asym_id 
_struct_conf.end_auth_seq_id 
_struct_conf.pdbx_PDB_helix_class 
_struct_conf.details 
_struct_conf.pdbx_PDB_helix_length 
HELX_P HELX_P1 AA1 LEU A 24 ? LYS A 30 ? LEU A 21 LYS A 27 5 ? 7  
HELX_P HELX_P2 AA2 ASP A 52 ? GLN A 68 ? ASP A 49 GLN A 65 1 ? 17 
HELX_P HELX_P3 AA3 LEU A 71 ? TYR A 87 ? LEU A 68 TYR A 84 1 ? 17 
# 
_struct_conf_type.id          HELX_P 
_struct_conf_type.criteria    ? 
_struct_conf_type.reference   ? 
# 
_struct_sheet.id               AA1 
_struct_sheet.type             ? 
_struct_sheet.number_strands   4 
_struct_sheet.details          ? 
# 
loop_
_struct_sheet_order.sheet_id 
_struct_sheet_order.range_id_1 
_struct_sheet_order.range_id_2 
_struct_sheet_order.offset 
_struct_sheet_order.sense 
AA1 1 2 ? anti-parallel 
AA1 2 3 ? anti-parallel 
AA1 3 4 ? anti-parallel 
# 
loop_
_struct_sheet_range.sheet_id 
_struct_sheet_range.id 
_struct_sheet_range.beg_label_comp_id 
_struct_sheet_range.beg_label_asym_id 
_struct_sheet_range.beg_label_seq_id 
_struct_sheet_range.pdbx_beg_PDB_ins_code 
_struct_sheet_range.end_label_comp_id 
_struct_sheet_range.end_label_asym_id 
_struct_sheet_range.end_label_seq_id 
_struct_sheet_range.pdbx_end_PDB_ins_code 
_struct_sheet_range.beg_auth_comp_id 
_struct_sheet_range.beg_auth_asym_id 
_struct_sheet_range.beg_auth_seq_id 
_struct_sheet_range.end_auth_comp_id 
_struct_sheet_range.end_auth_asym_id 
_struct_sheet_range.end_auth_seq_id 
AA1 1 GLN A 8   ? THR A 19  ? GLN A 5   THR A 16  
AA1 2 GLN A 32  ? TYR A 42  ? GLN A 29  TYR A 39  
AA1 3 ILE A 90  ? LYS A 99  ? ILE A 87  LYS A 96  
AA1 4 VAL A 108 ? CYS A 115 ? VAL A 105 CYS A 112 
# 
loop_
_pdbx_struct_sheet_hbond.sheet_id 
_pdbx_struct_sheet_hbond.range_id_1 
_pdbx_struct_sheet_hbond.range_id_2 
_pdbx_struct_sheet_hbond.range_1_label_atom_id 
_pdbx_struct_sheet_hbond.range_1_label_comp_id 
_pdbx_struct_sheet_hbond.range_1_label_asym_id 
_pdbx_struct_sheet_hbond.range_1_label_seq_id 
_pdbx_struct_sheet_hbond.range_1_PDB_ins_code 
_pdbx_struct_sheet_hbond.range_1_auth_atom_id 
_pdbx_struct_sheet_hbond.range_1_auth_comp_id 
_pdbx_struct_sheet_hbond.range_1_auth_asym_id 
_pdbx_struct_sheet_hbond.range_1_auth_seq_id 
_pdbx_struct_sheet_hbond.range_2_label_atom_id 
_pdbx_struct_sheet_hbond.range_2_label_comp_id 
_pdbx_struct_sheet_hbond.range_2_label_asym_id 
_pdbx_struct_sheet_hbond.range_2_label_seq_id 
_pdbx_struct_sheet_hbond.range_2_PDB_ins_code 
_pdbx_struct_sheet_hbond.range_2_auth_atom_id 
_pdbx_struct_sheet_hbond.range_2_auth_comp_id 
_pdbx_struct_sheet_hbond.range_2_auth_asym_id 
_pdbx_struct_sheet_hbond.range_2_auth_seq_id 
AA1 1 2 N VAL A 12 ? N VAL A 9  O LEU A 38  ? O LEU A 35  
AA1 2 3 N PHE A 41 ? N PHE A 38 O GLU A 92  ? O GLU A 89  
AA1 3 4 N ILE A 97 ? N ILE A 94 O ALA A 110 ? O ALA A 107 
# 
_pdbx_validate_torsion.id              1 
_pdbx_validate_torsion.PDB_model_num   1 
_pdbx_validate_torsion.auth_comp_id    LEU 
_pdbx_validate_torsion.auth_asym_id    A 
_pdbx_validate_torsion.auth_seq_id     67 
_pdbx_validate_torsion.PDB_ins_code    ? 
_pdbx_validate_torsion.label_alt_id    ? 
_pdbx_validate_torsion.phi             -82.27 
_pdbx_validate_torsion.psi             -87.02 
# 
loop_
_pdbx_struct_special_symmetry.id 
_pdbx_struct_special_symmetry.PDB_model_num 
_pdbx_struct_special_symmetry.auth_asym_id 
_pdbx_struct_special_symmetry.auth_comp_id 
_pdbx_struct_special_symmetry.auth_seq_id 
_pdbx_struct_special_symmetry.PDB_ins_code 
_pdbx_struct_special_symmetry.label_asym_id 
_pdbx_struct_special_symmetry.label_comp_id 
_pdbx_struct_special_symmetry.label_seq_id 
1 1 A HOH 313 ? D HOH . 
2 1 A HOH 384 ? D HOH . 
# 
loop_
_space_group_symop.id 
_space_group_symop.operation_xyz 
1 x,y,z               
2 -y,x,z              
3 y,-x,z              
4 -x,-y,z             
5 x+1/2,y+1/2,z+1/2   
6 -y+1/2,x+1/2,z+1/2  
7 y+1/2,-x+1/2,z+1/2  
8 -x+1/2,-y+1/2,z+1/2 
# 
_pdbx_entry_details.entry_id                 8EVK 
_pdbx_entry_details.nonpolymer_details       ? 
_pdbx_entry_details.sequence_details         ? 
_pdbx_entry_details.compound_details         ? 
_pdbx_entry_details.source_details           ? 
_pdbx_entry_details.has_ligand_of_interest   Y 
# 
loop_
_pdbx_unobs_or_zero_occ_residues.id 
_pdbx_unobs_or_zero_occ_residues.PDB_model_num 
_pdbx_unobs_or_zero_occ_residues.polymer_flag 
_pdbx_unobs_or_zero_occ_residues.occupancy_flag 
_pdbx_unobs_or_zero_occ_residues.auth_asym_id 
_pdbx_unobs_or_zero_occ_residues.auth_comp_id 
_pdbx_unobs_or_zero_occ_residues.auth_seq_id 
_pdbx_unobs_or_zero_occ_residues.PDB_ins_code 
_pdbx_unobs_or_zero_occ_residues.label_asym_id 
_pdbx_unobs_or_zero_occ_residues.label_comp_id 
_pdbx_unobs_or_zero_occ_residues.label_seq_id 
1 1 Y 1 A GLY -2  ? A GLY 1   
2 1 Y 1 A GLY -1  ? A GLY 2   
3 1 Y 1 A ASN 115 ? A ASN 118 
4 1 Y 1 A ASN 116 ? A ASN 119 
5 1 Y 1 A LEU 117 ? A LEU 120 
# 
loop_
_chem_comp_atom.comp_id 
_chem_comp_atom.atom_id 
_chem_comp_atom.type_symbol 
_chem_comp_atom.pdbx_aromatic_flag 
_chem_comp_atom.pdbx_stereo_config 
_chem_comp_atom.pdbx_ordinal 
ALA N    N N N 1   
ALA CA   C N S 2   
ALA C    C N N 3   
ALA O    O N N 4   
ALA CB   C N N 5   
ALA OXT  O N N 6   
ALA H    H N N 7   
ALA H2   H N N 8   
ALA HA   H N N 9   
ALA HB1  H N N 10  
ALA HB2  H N N 11  
ALA HB3  H N N 12  
ALA HXT  H N N 13  
ARG N    N N N 14  
ARG CA   C N S 15  
ARG C    C N N 16  
ARG O    O N N 17  
ARG CB   C N N 18  
ARG CG   C N N 19  
ARG CD   C N N 20  
ARG NE   N N N 21  
ARG CZ   C N N 22  
ARG NH1  N N N 23  
ARG NH2  N N N 24  
ARG OXT  O N N 25  
ARG H    H N N 26  
ARG H2   H N N 27  
ARG HA   H N N 28  
ARG HB2  H N N 29  
ARG HB3  H N N 30  
ARG HG2  H N N 31  
ARG HG3  H N N 32  
ARG HD2  H N N 33  
ARG HD3  H N N 34  
ARG HE   H N N 35  
ARG HH11 H N N 36  
ARG HH12 H N N 37  
ARG HH21 H N N 38  
ARG HH22 H N N 39  
ARG HXT  H N N 40  
ASN N    N N N 41  
ASN CA   C N S 42  
ASN C    C N N 43  
ASN O    O N N 44  
ASN CB   C N N 45  
ASN CG   C N N 46  
ASN OD1  O N N 47  
ASN ND2  N N N 48  
ASN OXT  O N N 49  
ASN H    H N N 50  
ASN H2   H N N 51  
ASN HA   H N N 52  
ASN HB2  H N N 53  
ASN HB3  H N N 54  
ASN HD21 H N N 55  
ASN HD22 H N N 56  
ASN HXT  H N N 57  
ASP N    N N N 58  
ASP CA   C N S 59  
ASP C    C N N 60  
ASP O    O N N 61  
ASP CB   C N N 62  
ASP CG   C N N 63  
ASP OD1  O N N 64  
ASP OD2  O N N 65  
ASP OXT  O N N 66  
ASP H    H N N 67  
ASP H2   H N N 68  
ASP HA   H N N 69  
ASP HB2  H N N 70  
ASP HB3  H N N 71  
ASP HD2  H N N 72  
ASP HXT  H N N 73  
CYS N    N N N 74  
CYS CA   C N R 75  
CYS C    C N N 76  
CYS O    O N N 77  
CYS CB   C N N 78  
CYS SG   S N N 79  
CYS OXT  O N N 80  
CYS H    H N N 81  
CYS H2   H N N 82  
CYS HA   H N N 83  
CYS HB2  H N N 84  
CYS HB3  H N N 85  
CYS HG   H N N 86  
CYS HXT  H N N 87  
EDO C1   C N N 88  
EDO O1   O N N 89  
EDO C2   C N N 90  
EDO O2   O N N 91  
EDO H11  H N N 92  
EDO H12  H N N 93  
EDO HO1  H N N 94  
EDO H21  H N N 95  
EDO H22  H N N 96  
EDO HO2  H N N 97  
GLN N    N N N 98  
GLN CA   C N S 99  
GLN C    C N N 100 
GLN O    O N N 101 
GLN CB   C N N 102 
GLN CG   C N N 103 
GLN CD   C N N 104 
GLN OE1  O N N 105 
GLN NE2  N N N 106 
GLN OXT  O N N 107 
GLN H    H N N 108 
GLN H2   H N N 109 
GLN HA   H N N 110 
GLN HB2  H N N 111 
GLN HB3  H N N 112 
GLN HG2  H N N 113 
GLN HG3  H N N 114 
GLN HE21 H N N 115 
GLN HE22 H N N 116 
GLN HXT  H N N 117 
GLU N    N N N 118 
GLU CA   C N S 119 
GLU C    C N N 120 
GLU O    O N N 121 
GLU CB   C N N 122 
GLU CG   C N N 123 
GLU CD   C N N 124 
GLU OE1  O N N 125 
GLU OE2  O N N 126 
GLU OXT  O N N 127 
GLU H    H N N 128 
GLU H2   H N N 129 
GLU HA   H N N 130 
GLU HB2  H N N 131 
GLU HB3  H N N 132 
GLU HG2  H N N 133 
GLU HG3  H N N 134 
GLU HE2  H N N 135 
GLU HXT  H N N 136 
GLY N    N N N 137 
GLY CA   C N N 138 
GLY C    C N N 139 
GLY O    O N N 140 
GLY OXT  O N N 141 
GLY H    H N N 142 
GLY H2   H N N 143 
GLY HA2  H N N 144 
GLY HA3  H N N 145 
GLY HXT  H N N 146 
HIS N    N N N 147 
HIS CA   C N S 148 
HIS C    C N N 149 
HIS O    O N N 150 
HIS CB   C N N 151 
HIS CG   C Y N 152 
HIS ND1  N Y N 153 
HIS CD2  C Y N 154 
HIS CE1  C Y N 155 
HIS NE2  N Y N 156 
HIS OXT  O N N 157 
HIS H    H N N 158 
HIS H2   H N N 159 
HIS HA   H N N 160 
HIS HB2  H N N 161 
HIS HB3  H N N 162 
HIS HD1  H N N 163 
HIS HD2  H N N 164 
HIS HE1  H N N 165 
HIS HE2  H N N 166 
HIS HXT  H N N 167 
HOH O    O N N 168 
HOH H1   H N N 169 
HOH H2   H N N 170 
ILE N    N N N 171 
ILE CA   C N S 172 
ILE C    C N N 173 
ILE O    O N N 174 
ILE CB   C N S 175 
ILE CG1  C N N 176 
ILE CG2  C N N 177 
ILE CD1  C N N 178 
ILE OXT  O N N 179 
ILE H    H N N 180 
ILE H2   H N N 181 
ILE HA   H N N 182 
ILE HB   H N N 183 
ILE HG12 H N N 184 
ILE HG13 H N N 185 
ILE HG21 H N N 186 
ILE HG22 H N N 187 
ILE HG23 H N N 188 
ILE HD11 H N N 189 
ILE HD12 H N N 190 
ILE HD13 H N N 191 
ILE HXT  H N N 192 
LEU N    N N N 193 
LEU CA   C N S 194 
LEU C    C N N 195 
LEU O    O N N 196 
LEU CB   C N N 197 
LEU CG   C N N 198 
LEU CD1  C N N 199 
LEU CD2  C N N 200 
LEU OXT  O N N 201 
LEU H    H N N 202 
LEU H2   H N N 203 
LEU HA   H N N 204 
LEU HB2  H N N 205 
LEU HB3  H N N 206 
LEU HG   H N N 207 
LEU HD11 H N N 208 
LEU HD12 H N N 209 
LEU HD13 H N N 210 
LEU HD21 H N N 211 
LEU HD22 H N N 212 
LEU HD23 H N N 213 
LEU HXT  H N N 214 
LYS N    N N N 215 
LYS CA   C N S 216 
LYS C    C N N 217 
LYS O    O N N 218 
LYS CB   C N N 219 
LYS CG   C N N 220 
LYS CD   C N N 221 
LYS CE   C N N 222 
LYS NZ   N N N 223 
LYS OXT  O N N 224 
LYS H    H N N 225 
LYS H2   H N N 226 
LYS HA   H N N 227 
LYS HB2  H N N 228 
LYS HB3  H N N 229 
LYS HG2  H N N 230 
LYS HG3  H N N 231 
LYS HD2  H N N 232 
LYS HD3  H N N 233 
LYS HE2  H N N 234 
LYS HE3  H N N 235 
LYS HZ1  H N N 236 
LYS HZ2  H N N 237 
LYS HZ3  H N N 238 
LYS HXT  H N N 239 
MET N    N N N 240 
MET CA   C N S 241 
MET C    C N N 242 
MET O    O N N 243 
MET CB   C N N 244 
MET CG   C N N 245 
MET SD   S N N 246 
MET CE   C N N 247 
MET OXT  O N N 248 
MET H    H N N 249 
MET H2   H N N 250 
MET HA   H N N 251 
MET HB2  H N N 252 
MET HB3  H N N 253 
MET HG2  H N N 254 
MET HG3  H N N 255 
MET HE1  H N N 256 
MET HE2  H N N 257 
MET HE3  H N N 258 
MET HXT  H N N 259 
PE0 C1   C Y N 260 
PE0 C4   C Y N 261 
PE0 O4   O N N 262 
PE0 N2   N Y N 263 
PE0 C3   C Y N 264 
PE0 N6   N N N 265 
PE0 N1   N Y N 266 
PE0 C2   C Y N 267 
PE0 N3   N Y N 268 
PE0 C6   C Y N 269 
PE0 C5   C Y N 270 
PE0 N4   N Y N 271 
PE0 HN2  H N N 272 
PE0 HN61 H N N 273 
PE0 HN62 H N N 274 
PE0 H6   H N N 275 
PE0 H5   H N N 276 
PHE N    N N N 277 
PHE CA   C N S 278 
PHE C    C N N 279 
PHE O    O N N 280 
PHE CB   C N N 281 
PHE CG   C Y N 282 
PHE CD1  C Y N 283 
PHE CD2  C Y N 284 
PHE CE1  C Y N 285 
PHE CE2  C Y N 286 
PHE CZ   C Y N 287 
PHE OXT  O N N 288 
PHE H    H N N 289 
PHE H2   H N N 290 
PHE HA   H N N 291 
PHE HB2  H N N 292 
PHE HB3  H N N 293 
PHE HD1  H N N 294 
PHE HD2  H N N 295 
PHE HE1  H N N 296 
PHE HE2  H N N 297 
PHE HZ   H N N 298 
PHE HXT  H N N 299 
PRO N    N N N 300 
PRO CA   C N S 301 
PRO C    C N N 302 
PRO O    O N N 303 
PRO CB   C N N 304 
PRO CG   C N N 305 
PRO CD   C N N 306 
PRO OXT  O N N 307 
PRO H    H N N 308 
PRO HA   H N N 309 
PRO HB2  H N N 310 
PRO HB3  H N N 311 
PRO HG2  H N N 312 
PRO HG3  H N N 313 
PRO HD2  H N N 314 
PRO HD3  H N N 315 
PRO HXT  H N N 316 
SER N    N N N 317 
SER CA   C N S 318 
SER C    C N N 319 
SER O    O N N 320 
SER CB   C N N 321 
SER OG   O N N 322 
SER OXT  O N N 323 
SER H    H N N 324 
SER H2   H N N 325 
SER HA   H N N 326 
SER HB2  H N N 327 
SER HB3  H N N 328 
SER HG   H N N 329 
SER HXT  H N N 330 
THR N    N N N 331 
THR CA   C N S 332 
THR C    C N N 333 
THR O    O N N 334 
THR CB   C N R 335 
THR OG1  O N N 336 
THR CG2  C N N 337 
THR OXT  O N N 338 
THR H    H N N 339 
THR H2   H N N 340 
THR HA   H N N 341 
THR HB   H N N 342 
THR HG1  H N N 343 
THR HG21 H N N 344 
THR HG22 H N N 345 
THR HG23 H N N 346 
THR HXT  H N N 347 
TYR N    N N N 348 
TYR CA   C N S 349 
TYR C    C N N 350 
TYR O    O N N 351 
TYR CB   C N N 352 
TYR CG   C Y N 353 
TYR CD1  C Y N 354 
TYR CD2  C Y N 355 
TYR CE1  C Y N 356 
TYR CE2  C Y N 357 
TYR CZ   C Y N 358 
TYR OH   O N N 359 
TYR OXT  O N N 360 
TYR H    H N N 361 
TYR H2   H N N 362 
TYR HA   H N N 363 
TYR HB2  H N N 364 
TYR HB3  H N N 365 
TYR HD1  H N N 366 
TYR HD2  H N N 367 
TYR HE1  H N N 368 
TYR HE2  H N N 369 
TYR HH   H N N 370 
TYR HXT  H N N 371 
VAL N    N N N 372 
VAL CA   C N S 373 
VAL C    C N N 374 
VAL O    O N N 375 
VAL CB   C N N 376 
VAL CG1  C N N 377 
VAL CG2  C N N 378 
VAL OXT  O N N 379 
VAL H    H N N 380 
VAL H2   H N N 381 
VAL HA   H N N 382 
VAL HB   H N N 383 
VAL HG11 H N N 384 
VAL HG12 H N N 385 
VAL HG13 H N N 386 
VAL HG21 H N N 387 
VAL HG22 H N N 388 
VAL HG23 H N N 389 
VAL HXT  H N N 390 
# 
loop_
_chem_comp_bond.comp_id 
_chem_comp_bond.atom_id_1 
_chem_comp_bond.atom_id_2 
_chem_comp_bond.value_order 
_chem_comp_bond.pdbx_aromatic_flag 
_chem_comp_bond.pdbx_stereo_config 
_chem_comp_bond.pdbx_ordinal 
ALA N   CA   sing N N 1   
ALA N   H    sing N N 2   
ALA N   H2   sing N N 3   
ALA CA  C    sing N N 4   
ALA CA  CB   sing N N 5   
ALA CA  HA   sing N N 6   
ALA C   O    doub N N 7   
ALA C   OXT  sing N N 8   
ALA CB  HB1  sing N N 9   
ALA CB  HB2  sing N N 10  
ALA CB  HB3  sing N N 11  
ALA OXT HXT  sing N N 12  
ARG N   CA   sing N N 13  
ARG N   H    sing N N 14  
ARG N   H2   sing N N 15  
ARG CA  C    sing N N 16  
ARG CA  CB   sing N N 17  
ARG CA  HA   sing N N 18  
ARG C   O    doub N N 19  
ARG C   OXT  sing N N 20  
ARG CB  CG   sing N N 21  
ARG CB  HB2  sing N N 22  
ARG CB  HB3  sing N N 23  
ARG CG  CD   sing N N 24  
ARG CG  HG2  sing N N 25  
ARG CG  HG3  sing N N 26  
ARG CD  NE   sing N N 27  
ARG CD  HD2  sing N N 28  
ARG CD  HD3  sing N N 29  
ARG NE  CZ   sing N N 30  
ARG NE  HE   sing N N 31  
ARG CZ  NH1  sing N N 32  
ARG CZ  NH2  doub N N 33  
ARG NH1 HH11 sing N N 34  
ARG NH1 HH12 sing N N 35  
ARG NH2 HH21 sing N N 36  
ARG NH2 HH22 sing N N 37  
ARG OXT HXT  sing N N 38  
ASN N   CA   sing N N 39  
ASN N   H    sing N N 40  
ASN N   H2   sing N N 41  
ASN CA  C    sing N N 42  
ASN CA  CB   sing N N 43  
ASN CA  HA   sing N N 44  
ASN C   O    doub N N 45  
ASN C   OXT  sing N N 46  
ASN CB  CG   sing N N 47  
ASN CB  HB2  sing N N 48  
ASN CB  HB3  sing N N 49  
ASN CG  OD1  doub N N 50  
ASN CG  ND2  sing N N 51  
ASN ND2 HD21 sing N N 52  
ASN ND2 HD22 sing N N 53  
ASN OXT HXT  sing N N 54  
ASP N   CA   sing N N 55  
ASP N   H    sing N N 56  
ASP N   H2   sing N N 57  
ASP CA  C    sing N N 58  
ASP CA  CB   sing N N 59  
ASP CA  HA   sing N N 60  
ASP C   O    doub N N 61  
ASP C   OXT  sing N N 62  
ASP CB  CG   sing N N 63  
ASP CB  HB2  sing N N 64  
ASP CB  HB3  sing N N 65  
ASP CG  OD1  doub N N 66  
ASP CG  OD2  sing N N 67  
ASP OD2 HD2  sing N N 68  
ASP OXT HXT  sing N N 69  
CYS N   CA   sing N N 70  
CYS N   H    sing N N 71  
CYS N   H2   sing N N 72  
CYS CA  C    sing N N 73  
CYS CA  CB   sing N N 74  
CYS CA  HA   sing N N 75  
CYS C   O    doub N N 76  
CYS C   OXT  sing N N 77  
CYS CB  SG   sing N N 78  
CYS CB  HB2  sing N N 79  
CYS CB  HB3  sing N N 80  
CYS SG  HG   sing N N 81  
CYS OXT HXT  sing N N 82  
EDO C1  O1   sing N N 83  
EDO C1  C2   sing N N 84  
EDO C1  H11  sing N N 85  
EDO C1  H12  sing N N 86  
EDO O1  HO1  sing N N 87  
EDO C2  O2   sing N N 88  
EDO C2  H21  sing N N 89  
EDO C2  H22  sing N N 90  
EDO O2  HO2  sing N N 91  
GLN N   CA   sing N N 92  
GLN N   H    sing N N 93  
GLN N   H2   sing N N 94  
GLN CA  C    sing N N 95  
GLN CA  CB   sing N N 96  
GLN CA  HA   sing N N 97  
GLN C   O    doub N N 98  
GLN C   OXT  sing N N 99  
GLN CB  CG   sing N N 100 
GLN CB  HB2  sing N N 101 
GLN CB  HB3  sing N N 102 
GLN CG  CD   sing N N 103 
GLN CG  HG2  sing N N 104 
GLN CG  HG3  sing N N 105 
GLN CD  OE1  doub N N 106 
GLN CD  NE2  sing N N 107 
GLN NE2 HE21 sing N N 108 
GLN NE2 HE22 sing N N 109 
GLN OXT HXT  sing N N 110 
GLU N   CA   sing N N 111 
GLU N   H    sing N N 112 
GLU N   H2   sing N N 113 
GLU CA  C    sing N N 114 
GLU CA  CB   sing N N 115 
GLU CA  HA   sing N N 116 
GLU C   O    doub N N 117 
GLU C   OXT  sing N N 118 
GLU CB  CG   sing N N 119 
GLU CB  HB2  sing N N 120 
GLU CB  HB3  sing N N 121 
GLU CG  CD   sing N N 122 
GLU CG  HG2  sing N N 123 
GLU CG  HG3  sing N N 124 
GLU CD  OE1  doub N N 125 
GLU CD  OE2  sing N N 126 
GLU OE2 HE2  sing N N 127 
GLU OXT HXT  sing N N 128 
GLY N   CA   sing N N 129 
GLY N   H    sing N N 130 
GLY N   H2   sing N N 131 
GLY CA  C    sing N N 132 
GLY CA  HA2  sing N N 133 
GLY CA  HA3  sing N N 134 
GLY C   O    doub N N 135 
GLY C   OXT  sing N N 136 
GLY OXT HXT  sing N N 137 
HIS N   CA   sing N N 138 
HIS N   H    sing N N 139 
HIS N   H2   sing N N 140 
HIS CA  C    sing N N 141 
HIS CA  CB   sing N N 142 
HIS CA  HA   sing N N 143 
HIS C   O    doub N N 144 
HIS C   OXT  sing N N 145 
HIS CB  CG   sing N N 146 
HIS CB  HB2  sing N N 147 
HIS CB  HB3  sing N N 148 
HIS CG  ND1  sing Y N 149 
HIS CG  CD2  doub Y N 150 
HIS ND1 CE1  doub Y N 151 
HIS ND1 HD1  sing N N 152 
HIS CD2 NE2  sing Y N 153 
HIS CD2 HD2  sing N N 154 
HIS CE1 NE2  sing Y N 155 
HIS CE1 HE1  sing N N 156 
HIS NE2 HE2  sing N N 157 
HIS OXT HXT  sing N N 158 
HOH O   H1   sing N N 159 
HOH O   H2   sing N N 160 
ILE N   CA   sing N N 161 
ILE N   H    sing N N 162 
ILE N   H2   sing N N 163 
ILE CA  C    sing N N 164 
ILE CA  CB   sing N N 165 
ILE CA  HA   sing N N 166 
ILE C   O    doub N N 167 
ILE C   OXT  sing N N 168 
ILE CB  CG1  sing N N 169 
ILE CB  CG2  sing N N 170 
ILE CB  HB   sing N N 171 
ILE CG1 CD1  sing N N 172 
ILE CG1 HG12 sing N N 173 
ILE CG1 HG13 sing N N 174 
ILE CG2 HG21 sing N N 175 
ILE CG2 HG22 sing N N 176 
ILE CG2 HG23 sing N N 177 
ILE CD1 HD11 sing N N 178 
ILE CD1 HD12 sing N N 179 
ILE CD1 HD13 sing N N 180 
ILE OXT HXT  sing N N 181 
LEU N   CA   sing N N 182 
LEU N   H    sing N N 183 
LEU N   H2   sing N N 184 
LEU CA  C    sing N N 185 
LEU CA  CB   sing N N 186 
LEU CA  HA   sing N N 187 
LEU C   O    doub N N 188 
LEU C   OXT  sing N N 189 
LEU CB  CG   sing N N 190 
LEU CB  HB2  sing N N 191 
LEU CB  HB3  sing N N 192 
LEU CG  CD1  sing N N 193 
LEU CG  CD2  sing N N 194 
LEU CG  HG   sing N N 195 
LEU CD1 HD11 sing N N 196 
LEU CD1 HD12 sing N N 197 
LEU CD1 HD13 sing N N 198 
LEU CD2 HD21 sing N N 199 
LEU CD2 HD22 sing N N 200 
LEU CD2 HD23 sing N N 201 
LEU OXT HXT  sing N N 202 
LYS N   CA   sing N N 203 
LYS N   H    sing N N 204 
LYS N   H2   sing N N 205 
LYS CA  C    sing N N 206 
LYS CA  CB   sing N N 207 
LYS CA  HA   sing N N 208 
LYS C   O    doub N N 209 
LYS C   OXT  sing N N 210 
LYS CB  CG   sing N N 211 
LYS CB  HB2  sing N N 212 
LYS CB  HB3  sing N N 213 
LYS CG  CD   sing N N 214 
LYS CG  HG2  sing N N 215 
LYS CG  HG3  sing N N 216 
LYS CD  CE   sing N N 217 
LYS CD  HD2  sing N N 218 
LYS CD  HD3  sing N N 219 
LYS CE  NZ   sing N N 220 
LYS CE  HE2  sing N N 221 
LYS CE  HE3  sing N N 222 
LYS NZ  HZ1  sing N N 223 
LYS NZ  HZ2  sing N N 224 
LYS NZ  HZ3  sing N N 225 
LYS OXT HXT  sing N N 226 
MET N   CA   sing N N 227 
MET N   H    sing N N 228 
MET N   H2   sing N N 229 
MET CA  C    sing N N 230 
MET CA  CB   sing N N 231 
MET CA  HA   sing N N 232 
MET C   O    doub N N 233 
MET C   OXT  sing N N 234 
MET CB  CG   sing N N 235 
MET CB  HB2  sing N N 236 
MET CB  HB3  sing N N 237 
MET CG  SD   sing N N 238 
MET CG  HG2  sing N N 239 
MET CG  HG3  sing N N 240 
MET SD  CE   sing N N 241 
MET CE  HE1  sing N N 242 
MET CE  HE2  sing N N 243 
MET CE  HE3  sing N N 244 
MET OXT HXT  sing N N 245 
PE0 C1  C4   sing Y N 246 
PE0 C1  C2   doub Y N 247 
PE0 C1  N4   sing Y N 248 
PE0 C4  O4   doub N N 249 
PE0 C4  N2   sing Y N 250 
PE0 N2  C3   sing Y N 251 
PE0 N2  HN2  sing N N 252 
PE0 C3  N6   sing N N 253 
PE0 C3  N1   doub Y N 254 
PE0 N6  HN61 sing N N 255 
PE0 N6  HN62 sing N N 256 
PE0 N1  C2   sing Y N 257 
PE0 C2  N3   sing Y N 258 
PE0 N3  C6   doub Y N 259 
PE0 C6  C5   sing Y N 260 
PE0 C6  H6   sing N N 261 
PE0 C5  N4   doub Y N 262 
PE0 C5  H5   sing N N 263 
PHE N   CA   sing N N 264 
PHE N   H    sing N N 265 
PHE N   H2   sing N N 266 
PHE CA  C    sing N N 267 
PHE CA  CB   sing N N 268 
PHE CA  HA   sing N N 269 
PHE C   O    doub N N 270 
PHE C   OXT  sing N N 271 
PHE CB  CG   sing N N 272 
PHE CB  HB2  sing N N 273 
PHE CB  HB3  sing N N 274 
PHE CG  CD1  doub Y N 275 
PHE CG  CD2  sing Y N 276 
PHE CD1 CE1  sing Y N 277 
PHE CD1 HD1  sing N N 278 
PHE CD2 CE2  doub Y N 279 
PHE CD2 HD2  sing N N 280 
PHE CE1 CZ   doub Y N 281 
PHE CE1 HE1  sing N N 282 
PHE CE2 CZ   sing Y N 283 
PHE CE2 HE2  sing N N 284 
PHE CZ  HZ   sing N N 285 
PHE OXT HXT  sing N N 286 
PRO N   CA   sing N N 287 
PRO N   CD   sing N N 288 
PRO N   H    sing N N 289 
PRO CA  C    sing N N 290 
PRO CA  CB   sing N N 291 
PRO CA  HA   sing N N 292 
PRO C   O    doub N N 293 
PRO C   OXT  sing N N 294 
PRO CB  CG   sing N N 295 
PRO CB  HB2  sing N N 296 
PRO CB  HB3  sing N N 297 
PRO CG  CD   sing N N 298 
PRO CG  HG2  sing N N 299 
PRO CG  HG3  sing N N 300 
PRO CD  HD2  sing N N 301 
PRO CD  HD3  sing N N 302 
PRO OXT HXT  sing N N 303 
SER N   CA   sing N N 304 
SER N   H    sing N N 305 
SER N   H2   sing N N 306 
SER CA  C    sing N N 307 
SER CA  CB   sing N N 308 
SER CA  HA   sing N N 309 
SER C   O    doub N N 310 
SER C   OXT  sing N N 311 
SER CB  OG   sing N N 312 
SER CB  HB2  sing N N 313 
SER CB  HB3  sing N N 314 
SER OG  HG   sing N N 315 
SER OXT HXT  sing N N 316 
THR N   CA   sing N N 317 
THR N   H    sing N N 318 
THR N   H2   sing N N 319 
THR CA  C    sing N N 320 
THR CA  CB   sing N N 321 
THR CA  HA   sing N N 322 
THR C   O    doub N N 323 
THR C   OXT  sing N N 324 
THR CB  OG1  sing N N 325 
THR CB  CG2  sing N N 326 
THR CB  HB   sing N N 327 
THR OG1 HG1  sing N N 328 
THR CG2 HG21 sing N N 329 
THR CG2 HG22 sing N N 330 
THR CG2 HG23 sing N N 331 
THR OXT HXT  sing N N 332 
TYR N   CA   sing N N 333 
TYR N   H    sing N N 334 
TYR N   H2   sing N N 335 
TYR CA  C    sing N N 336 
TYR CA  CB   sing N N 337 
TYR CA  HA   sing N N 338 
TYR C   O    doub N N 339 
TYR C   OXT  sing N N 340 
TYR CB  CG   sing N N 341 
TYR CB  HB2  sing N N 342 
TYR CB  HB3  sing N N 343 
TYR CG  CD1  doub Y N 344 
TYR CG  CD2  sing Y N 345 
TYR CD1 CE1  sing Y N 346 
TYR CD1 HD1  sing N N 347 
TYR CD2 CE2  doub Y N 348 
TYR CD2 HD2  sing N N 349 
TYR CE1 CZ   doub Y N 350 
TYR CE1 HE1  sing N N 351 
TYR CE2 CZ   sing Y N 352 
TYR CE2 HE2  sing N N 353 
TYR CZ  OH   sing N N 354 
TYR OH  HH   sing N N 355 
TYR OXT HXT  sing N N 356 
VAL N   CA   sing N N 357 
VAL N   H    sing N N 358 
VAL N   H2   sing N N 359 
VAL CA  C    sing N N 360 
VAL CA  CB   sing N N 361 
VAL CA  HA   sing N N 362 
VAL C   O    doub N N 363 
VAL C   OXT  sing N N 364 
VAL CB  CG1  sing N N 365 
VAL CB  CG2  sing N N 366 
VAL CB  HB   sing N N 367 
VAL CG1 HG11 sing N N 368 
VAL CG1 HG12 sing N N 369 
VAL CG1 HG13 sing N N 370 
VAL CG2 HG21 sing N N 371 
VAL CG2 HG22 sing N N 372 
VAL CG2 HG23 sing N N 373 
VAL OXT HXT  sing N N 374 
# 
_pdbx_audit_support.funding_organization   'National Institutes of Health/National Cancer Institute (NIH/NCI)' 
_pdbx_audit_support.country                'United States' 
_pdbx_audit_support.grant_number           'Intramural Research Program' 
_pdbx_audit_support.ordinal                1 
# 
_pdbx_entity_instance_feature.ordinal        1 
_pdbx_entity_instance_feature.comp_id        PE0 
_pdbx_entity_instance_feature.asym_id        ? 
_pdbx_entity_instance_feature.seq_num        ? 
_pdbx_entity_instance_feature.auth_comp_id   PE0 
_pdbx_entity_instance_feature.auth_asym_id   ? 
_pdbx_entity_instance_feature.auth_seq_num   ? 
_pdbx_entity_instance_feature.feature_type   'SUBJECT OF INVESTIGATION' 
_pdbx_entity_instance_feature.details        ? 
# 
_pdbx_initial_refinement_model.id               1 
_pdbx_initial_refinement_model.entity_id_list   ? 
_pdbx_initial_refinement_model.type             'experimental model' 
_pdbx_initial_refinement_model.source_name      PDB 
_pdbx_initial_refinement_model.accession_code   2O90 
_pdbx_initial_refinement_model.details          ? 
# 
_space_group.name_H-M_alt     'I 4' 
_space_group.name_Hall        'I 4' 
_space_group.IT_number        79 
_space_group.crystal_system   tetragonal 
_space_group.id               1 
# 
_atom_sites.entry_id                    8EVK 
_atom_sites.Cartn_transf_matrix[1][1]   ? 
_atom_sites.Cartn_transf_matrix[1][2]   ? 
_atom_sites.Cartn_transf_matrix[1][3]   ? 
_atom_sites.Cartn_transf_matrix[2][1]   ? 
_atom_sites.Cartn_transf_matrix[2][2]   ? 
_atom_sites.Cartn_transf_matrix[2][3]   ? 
_atom_sites.Cartn_transf_matrix[3][1]   ? 
_atom_sites.Cartn_transf_matrix[3][2]   ? 
_atom_sites.Cartn_transf_matrix[3][3]   ? 
_atom_sites.Cartn_transf_vector[1]      ? 
_atom_sites.Cartn_transf_vector[2]      ? 
_atom_sites.Cartn_transf_vector[3]      ? 
_atom_sites.fract_transf_matrix[1][1]   0.00232807 
_atom_sites.fract_transf_matrix[1][2]   -0.01321963 
_atom_sites.fract_transf_matrix[1][3]   -0.00596312 
_atom_sites.fract_transf_matrix[2][1]   -0.01114070 
_atom_sites.fract_transf_matrix[2][2]   -0.00549676 
_atom_sites.fract_transf_matrix[2][3]   0.00783630 
_atom_sites.fract_transf_matrix[3][1]   -0.01101145 
_atom_sites.fract_transf_matrix[3][2]   0.00389115 
_atom_sites.fract_transf_matrix[3][3]   -0.01292530 
_atom_sites.fract_transf_vector[1]      -0.255893 
_atom_sites.fract_transf_vector[2]      0.069636 
_atom_sites.fract_transf_vector[3]      -0.161210 
_atom_sites.solution_primary            ? 
_atom_sites.solution_secondary          ? 
_atom_sites.solution_hydrogens          ? 
_atom_sites.special_details             ? 
# 
loop_
_atom_type.symbol 
_atom_type.scat_dispersion_real 
_atom_type.scat_dispersion_imag 
_atom_type.scat_Cromer_Mann_a1 
_atom_type.scat_Cromer_Mann_a2 
_atom_type.scat_Cromer_Mann_a3 
_atom_type.scat_Cromer_Mann_a4 
_atom_type.scat_Cromer_Mann_b1 
_atom_type.scat_Cromer_Mann_b2 
_atom_type.scat_Cromer_Mann_b3 
_atom_type.scat_Cromer_Mann_b4 
_atom_type.scat_Cromer_Mann_c 
_atom_type.scat_source 
_atom_type.scat_dispersion_source 
C ? ? 3.54356 2.42580 ? ? 25.62398 1.50364  ? ? 0.0 
;2-Gaussian fit: Grosse-Kunstleve RW, Sauter NK, Adams PD: Newsletter of the IUCr Commission on Crystallographic Computing 2004, 3, 22-31.
;
? 
N ? ? 4.01032 2.96436 ? ? 19.97189 1.75589  ? ? 0.0 
;2-Gaussian fit: Grosse-Kunstleve RW, Sauter NK, Adams PD: Newsletter of the IUCr Commission on Crystallographic Computing 2004, 3, 22-31.
;
? 
O ? ? 4.49882 3.47563 ? ? 15.80542 1.70748  ? ? 0.0 
;2-Gaussian fit: Grosse-Kunstleve RW, Sauter NK, Adams PD: Newsletter of the IUCr Commission on Crystallographic Computing 2004, 3, 22-31.
;
? 
S ? ? 9.55732 6.39887 ? ? 1.23737  29.19336 ? ? 0.0 
;2-Gaussian fit: Grosse-Kunstleve RW, Sauter NK, Adams PD: Newsletter of the IUCr Commission on Crystallographic Computing 2004, 3, 22-31.
;
? 
# 
loop_
_atom_site.group_PDB 
_atom_site.id 
_atom_site.type_symbol 
_atom_site.label_atom_id 
_atom_site.label_alt_id 
_atom_site.label_comp_id 
_atom_site.label_asym_id 
_atom_site.label_entity_id 
_atom_site.label_seq_id 
_atom_site.pdbx_PDB_ins_code 
_atom_site.Cartn_x 
_atom_site.Cartn_y 
_atom_site.Cartn_z 
_atom_site.occupancy 
_atom_site.B_iso_or_equiv 
_atom_site.pdbx_formal_charge 
_atom_site.auth_seq_id 
_atom_site.auth_comp_id 
_atom_site.auth_asym_id 
_atom_site.auth_atom_id 
_atom_site.pdbx_PDB_model_num 
ATOM   1    N N   . GLY A 1 3   ? 7.72196   -28.51931 14.05036  1.000 38.77000 ? 0   GLY A N   1 
ATOM   2    C CA  . GLY A 1 3   ? 8.31848   -28.66442 12.73296  1.000 47.02000 ? 0   GLY A CA  1 
ATOM   3    C C   . GLY A 1 3   ? 7.44587   -28.09164 11.62988  1.000 44.16000 ? 0   GLY A C   1 
ATOM   4    O O   . GLY A 1 3   ? 7.47926   -28.55684 10.48696  1.000 38.20000 ? 0   GLY A O   1 
ATOM   5    N N   . MET A 1 4   ? 6.66707   -27.06824 11.97341  1.000 41.75000 ? 1   MET A N   1 
ATOM   6    C CA  . MET A 1 4   ? 5.68020   -26.50179 11.06145  1.000 36.83000 ? 1   MET A CA  1 
ATOM   7    C C   . MET A 1 4   ? 5.68705   -24.99272 11.21880  1.000 39.46000 ? 1   MET A C   1 
ATOM   8    O O   . MET A 1 4   ? 5.39865   -24.48455 12.30484  1.000 41.85000 ? 1   MET A O   1 
ATOM   9    C CB  . MET A 1 4   ? 4.29224   -27.05600 11.39105  1.000 42.56000 ? 1   MET A CB  1 
ATOM   10   C CG  . MET A 1 4   ? 3.18890   -26.68847 10.42139  1.000 38.76000 ? 1   MET A CG  1 
ATOM   11   S SD  . MET A 1 4   ? 1.62194   -27.37208 11.00739  1.000 44.78000 ? 1   MET A SD  1 
ATOM   12   C CE  . MET A 1 4   ? 0.60662   -27.24111 9.55459   1.000 39.11000 ? 1   MET A CE  1 
ATOM   13   N N   A LYS A 1 5   ? 6.03880   -24.28517 10.14964  0.490 25.14000 ? 2   LYS A N   1 
ATOM   14   N N   B LYS A 1 5   ? 5.99407   -24.27614 10.13925  0.510 25.11000 ? 2   LYS A N   1 
ATOM   15   C CA  A LYS A 1 5   ? 5.97156   -22.83281 10.11314  0.490 29.42000 ? 2   LYS A CA  1 
ATOM   16   C CA  B LYS A 1 5   ? 5.97734   -22.81906 10.13662  0.510 29.41000 ? 2   LYS A CA  1 
ATOM   17   C C   A LYS A 1 5   ? 4.84645   -22.47007 9.15790   0.490 24.73000 ? 2   LYS A C   1 
ATOM   18   C C   B LYS A 1 5   ? 4.91705   -22.36918 9.14160   0.510 24.76000 ? 2   LYS A C   1 
ATOM   19   O O   A LYS A 1 5   ? 4.84068   -22.92885 8.01254   0.490 24.80000 ? 2   LYS A O   1 
ATOM   20   O O   B LYS A 1 5   ? 5.03508   -22.65349 7.94600   0.510 25.60000 ? 2   LYS A O   1 
ATOM   21   C CB  A LYS A 1 5   ? 7.29771   -22.24748 9.63128   0.490 29.65000 ? 2   LYS A CB  1 
ATOM   22   C CB  B LYS A 1 5   ? 7.35424   -22.26988 9.75967   0.510 29.62000 ? 2   LYS A CB  1 
ATOM   23   C CG  A LYS A 1 5   ? 7.46781   -20.76770 9.93455   0.490 37.92000 ? 2   LYS A CG  1 
ATOM   24   C CG  B LYS A 1 5   ? 8.45427   -22.60279 10.76952  0.510 36.95000 ? 2   LYS A CG  1 
ATOM   25   C CD  A LYS A 1 5   ? 8.83883   -20.26681 9.50225   0.490 39.69000 ? 2   LYS A CD  1 
ATOM   26   C CD  B LYS A 1 5   ? 9.74630   -21.85102 10.45713  0.510 39.41000 ? 2   LYS A CD  1 
ATOM   27   C CE  A LYS A 1 5   ? 9.08013   -18.84033 9.96871   0.490 40.28000 ? 2   LYS A CE  1 
ATOM   28   C CE  B LYS A 1 5   ? 10.75174  -21.95605 11.59731  0.510 45.15000 ? 2   LYS A CE  1 
ATOM   29   N NZ  A LYS A 1 5   ? 10.42893  -18.34590 9.57900   0.490 47.22000 ? 2   LYS A NZ  1 
ATOM   30   N NZ  B LYS A 1 5   ? 11.98755  -21.15873 11.33440  0.510 50.16000 ? 2   LYS A NZ  1 
ATOM   31   N N   . THR A 1 6   ? 3.88403   -21.68780 9.63917   1.000 24.39000 ? 3   THR A N   1 
ATOM   32   C CA  . THR A 1 6   ? 2.71007   -21.29773 8.86046   1.000 19.61000 ? 3   THR A CA  1 
ATOM   33   C C   . THR A 1 6   ? 2.70127   -19.78594 8.71255   1.000 28.69000 ? 3   THR A C   1 
ATOM   34   O O   . THR A 1 6   ? 2.71109   -19.06086 9.71495   1.000 29.70000 ? 3   THR A O   1 
ATOM   35   C CB  . THR A 1 6   ? 1.43177   -21.73569 9.57369   1.000 29.39000 ? 3   THR A CB  1 
ATOM   36   O OG1 . THR A 1 6   ? 1.39329   -23.16459 9.68441   1.000 31.15000 ? 3   THR A OG1 1 
ATOM   37   C CG2 . THR A 1 6   ? 0.21116   -21.26534 8.81307   1.000 32.59000 ? 3   THR A CG2 1 
ATOM   38   N N   . LYS A 1 7   ? 2.65373   -19.31016 7.47172   1.000 18.39000 ? 4   LYS A N   1 
ATOM   39   C CA  . LYS A 1 7   ? 2.65574   -17.88486 7.18479   1.000 18.81000 ? 4   LYS A CA  1 
ATOM   40   C C   . LYS A 1 7   ? 1.35402   -17.58154 6.46724   1.000 19.15000 ? 4   LYS A C   1 
ATOM   41   O O   . LYS A 1 7   ? 1.16321   -18.01350 5.32317   1.000 20.14000 ? 4   LYS A O   1 
ATOM   42   C CB  . LYS A 1 7   ? 3.84507   -17.53792 6.29622   1.000 19.37000 ? 4   LYS A CB  1 
ATOM   43   C CG  . LYS A 1 7   ? 4.03717   -16.06269 6.01468   1.000 27.38000 ? 4   LYS A CG  1 
ATOM   44   C CD  . LYS A 1 7   ? 5.10588   -15.90393 4.94445   1.000 28.93000 ? 4   LYS A CD  1 
ATOM   45   C CE  . LYS A 1 7   ? 5.69037   -14.51324 4.92717   1.000 30.61000 ? 4   LYS A CE  1 
ATOM   46   N NZ  . LYS A 1 7   ? 6.78873   -14.44679 3.91306   1.000 35.75000 ? 4   LYS A NZ  1 
ATOM   47   N N   . GLN A 1 8   ? 0.45633   -16.85907 7.12605   1.000 17.79000 ? 5   GLN A N   1 
ATOM   48   C CA  . GLN A 1 8   ? -0.79579  -16.46908 6.50419   1.000 16.66000 ? 5   GLN A CA  1 
ATOM   49   C C   . GLN A 1 8   ? -0.60634  -15.13130 5.81694   1.000 18.68000 ? 5   GLN A C   1 
ATOM   50   O O   . GLN A 1 8   ? 0.16926   -14.29216 6.27675   1.000 18.63000 ? 5   GLN A O   1 
ATOM   51   C CB  . GLN A 1 8   ? -1.88970  -16.29247 7.55264   1.000 23.19000 ? 5   GLN A CB  1 
ATOM   52   C CG  . GLN A 1 8   ? -1.81979  -17.29213 8.68274   1.000 30.83000 ? 5   GLN A CG  1 
ATOM   53   C CD  . GLN A 1 8   ? -2.69678  -18.47540 8.42404   1.000 34.49000 ? 5   GLN A CD  1 
ATOM   54   O OE1 . GLN A 1 8   ? -3.50875  -18.46385 7.49522   1.000 44.70000 ? 5   GLN A OE1 1 
ATOM   55   N NE2 . GLN A 1 8   ? -2.55512  -19.50926 9.24416   1.000 43.64000 ? 5   GLN A NE2 1 
ATOM   56   N N   . GLY A 1 9   ? -1.31632  -14.93605 4.71772   1.000 16.17000 ? 6   GLY A N   1 
ATOM   57   C CA  . GLY A 1 9   ? -1.27173  -13.67527 4.00670   1.000 16.59000 ? 6   GLY A CA  1 
ATOM   58   C C   . GLY A 1 9   ? -2.65588  -13.19253 3.62768   1.000 17.51000 ? 6   GLY A C   1 
ATOM   59   O O   . GLY A 1 9   ? -3.57317  -13.98028 3.37548   1.000 18.06000 ? 6   GLY A O   1 
ATOM   60   N N   . VAL A 1 10  ? -2.80309  -11.86856 3.61797   1.000 16.33000 ? 7   VAL A N   1 
ATOM   61   C CA  . VAL A 1 10  ? -3.92859  -11.19753 2.98902   1.000 17.81000 ? 7   VAL A CA  1 
ATOM   62   C C   . VAL A 1 10  ? -3.36861  -10.35388 1.85216   1.000 17.70000 ? 7   VAL A C   1 
ATOM   63   O O   . VAL A 1 10  ? -2.32791  -9.69703  2.00431   1.000 16.99000 ? 7   VAL A O   1 
ATOM   64   C CB  . VAL A 1 10  ? -4.72035  -10.34761 4.00028   1.000 20.76000 ? 7   VAL A CB  1 
ATOM   65   C CG1 . VAL A 1 10  ? -5.81026  -9.57827  3.29783   1.000 21.77000 ? 7   VAL A CG1 1 
ATOM   66   C CG2 . VAL A 1 10  ? -5.31403  -11.24594 5.07525   1.000 23.61000 ? 7   VAL A CG2 1 
ATOM   67   N N   . HIS A 1 11  ? -4.04216  -10.39000 0.70618   1.000 18.37000 ? 8   HIS A N   1 
ATOM   68   C CA  . HIS A 1 11  ? -3.49706  -9.81663  -0.51959  1.000 18.30000 ? 8   HIS A CA  1 
ATOM   69   C C   . HIS A 1 11  ? -4.52085  -8.90874  -1.17331  1.000 22.76000 ? 8   HIS A C   1 
ATOM   70   O O   . HIS A 1 11  ? -5.67673  -9.30140  -1.35264  1.000 23.26000 ? 8   HIS A O   1 
ATOM   71   C CB  . HIS A 1 11  ? -3.07025  -10.92784 -1.48324  1.000 19.69000 ? 8   HIS A CB  1 
ATOM   72   C CG  . HIS A 1 11  ? -2.20437  -11.95994 -0.83750  1.000 17.11000 ? 8   HIS A CG  1 
ATOM   73   N ND1 . HIS A 1 11  ? -0.85703  -11.75744 -0.62246  1.000 19.85000 ? 8   HIS A ND1 1 
ATOM   74   C CD2 . HIS A 1 11  ? -2.48090  -13.19970 -0.36462  1.000 18.11000 ? 8   HIS A CD2 1 
ATOM   75   C CE1 . HIS A 1 11  ? -0.34396  -12.82756 -0.03263  1.000 19.65000 ? 8   HIS A CE1 1 
ATOM   76   N NE2 . HIS A 1 11  ? -1.30741  -13.71757 0.13073   1.000 19.57000 ? 8   HIS A NE2 1 
ATOM   77   N N   . VAL A 1 12  ? -4.10252  -7.68306  -1.48821  1.000 16.04000 ? 9   VAL A N   1 
ATOM   78   C CA  . VAL A 1 12  ? -4.87033  -6.77092  -2.32235  1.000 16.85000 ? 9   VAL A CA  1 
ATOM   79   C C   . VAL A 1 12  ? -3.97751  -6.43702  -3.49728  1.000 21.18000 ? 9   VAL A C   1 
ATOM   80   O O   . VAL A 1 12  ? -2.99346  -5.70906  -3.34017  1.000 18.63000 ? 9   VAL A O   1 
ATOM   81   C CB  . VAL A 1 12  ? -5.26892  -5.50144  -1.56555  1.000 17.10000 ? 9   VAL A CB  1 
ATOM   82   C CG1 . VAL A 1 12  ? -5.95781  -4.52668  -2.53972  1.000 22.07000 ? 9   VAL A CG1 1 
ATOM   83   C CG2 . VAL A 1 12  ? -6.15467  -5.81694  -0.36954  1.000 22.81000 ? 9   VAL A CG2 1 
ATOM   84   N N   . HIS A 1 13  ? -4.31848  -6.92900  -4.68513  1.000 19.68000 ? 10  HIS A N   1 
ATOM   85   C CA  . HIS A 1 13  ? -3.44743  -6.76341  -5.83289  1.000 21.22000 ? 10  HIS A CA  1 
ATOM   86   C C   . HIS A 1 13  ? -4.17099  -5.98103  -6.91630  1.000 23.31000 ? 10  HIS A C   1 
ATOM   87   O O   . HIS A 1 13  ? -5.39925  -6.05454  -7.03088  1.000 23.96000 ? 10  HIS A O   1 
ATOM   88   C CB  . HIS A 1 13  ? -2.97466  -8.11094  -6.38526  1.000 29.47000 ? 10  HIS A CB  1 
ATOM   89   C CG  . HIS A 1 13  ? -1.92092  -8.76464  -5.54441  1.000 22.36000 ? 10  HIS A CG  1 
ATOM   90   N ND1 . HIS A 1 13  ? -1.28678  -9.93266  -5.91201  1.000 32.44000 ? 10  HIS A ND1 1 
ATOM   91   C CD2 . HIS A 1 13  ? -1.40871  -8.42036  -4.33666  1.000 25.75000 ? 10  HIS A CD2 1 
ATOM   92   C CE1 . HIS A 1 13  ? -0.41583  -10.27261 -4.97597  1.000 32.47000 ? 10  HIS A CE1 1 
ATOM   93   N NE2 . HIS A 1 13  ? -0.47084  -9.37364  -4.00751  1.000 28.19000 ? 10  HIS A NE2 1 
ATOM   94   N N   . ASN A 1 14  ? -3.38937  -5.20974  -7.67075  1.000 21.36000 ? 11  ASN A N   1 
ATOM   95   C CA  . ASN A 1 14  ? -3.90062  -4.41963  -8.79927  1.000 23.26000 ? 11  ASN A CA  1 
ATOM   96   C C   . ASN A 1 14  ? -5.05481  -3.52106  -8.37972  1.000 26.31000 ? 11  ASN A C   1 
ATOM   97   O O   . ASN A 1 14  ? -6.04213  -3.35621  -9.10356  1.000 26.66000 ? 11  ASN A O   1 
ATOM   98   C CB  . ASN A 1 14  ? -4.28564  -5.31006  -9.98060  1.000 30.28000 ? 11  ASN A CB  1 
ATOM   99   C CG  . ASN A 1 14  ? -3.15228  -6.20259  -10.41428 1.000 34.86000 ? 11  ASN A CG  1 
ATOM   100  O OD1 . ASN A 1 14  ? -2.03422  -5.73909  -10.63828 1.000 32.24000 ? 11  ASN A OD1 1 
ATOM   101  N ND2 . ASN A 1 14  ? -3.42528  -7.49913  -10.52351 1.000 45.25000 ? 11  ASN A ND2 1 
ATOM   102  N N   . LEU A 1 15  ? -4.95860  -2.96951  -7.17567  1.000 21.16000 ? 12  LEU A N   1 
ATOM   103  C CA  . LEU A 1 15  ? -5.91915  -1.97456  -6.71686  1.000 20.68000 ? 12  LEU A CA  1 
ATOM   104  C C   . LEU A 1 15  ? -5.67962  -0.69854  -7.51120  1.000 27.09000 ? 12  LEU A C   1 
ATOM   105  O O   . LEU A 1 15  ? -4.62456  -0.06856  -7.38747  1.000 20.81000 ? 12  LEU A O   1 
ATOM   106  C CB  . LEU A 1 15  ? -5.72329  -1.72035  -5.22359  1.000 20.03000 ? 12  LEU A CB  1 
ATOM   107  C CG  . LEU A 1 15  ? -6.47661  -0.53332  -4.60722  1.000 25.08000 ? 12  LEU A CG  1 
ATOM   108  C CD1 . LEU A 1 15  ? -7.99382  -0.63291  -4.82851  1.000 30.08000 ? 12  LEU A CD1 1 
ATOM   109  C CD2 . LEU A 1 15  ? -6.13552  -0.34778  -3.11683  1.000 24.67000 ? 12  LEU A CD2 1 
ATOM   110  N N   . VAL A 1 16  ? -6.64038  -0.32002  -8.35103  1.000 26.60000 ? 13  VAL A N   1 
ATOM   111  C CA  . VAL A 1 16  ? -6.45438  0.77209   -9.29799  1.000 29.17000 ? 13  VAL A CA  1 
ATOM   112  C C   . VAL A 1 16  ? -7.43231  1.88505   -8.95732  1.000 30.90000 ? 13  VAL A C   1 
ATOM   113  O O   . VAL A 1 16  ? -8.62319  1.63363   -8.73681  1.000 30.51000 ? 13  VAL A O   1 
ATOM   114  C CB  . VAL A 1 16  ? -6.61269  0.30352   -10.75705 1.000 31.13000 ? 13  VAL A CB  1 
ATOM   115  C CG1 . VAL A 1 16  ? -6.46232  1.47807   -11.69871 1.000 36.15000 ? 13  VAL A CG1 1 
ATOM   116  C CG2 . VAL A 1 16  ? -5.57341  -0.74524  -11.09293 1.000 30.04000 ? 13  VAL A CG2 1 
ATOM   117  N N   . PHE A 1 17  ? -6.91805  3.10954   -8.87990  1.000 29.88000 ? 14  PHE A N   1 
ATOM   118  C CA  . PHE A 1 17  ? -7.73361  4.28673   -8.62318  1.000 28.15000 ? 14  PHE A CA  1 
ATOM   119  C C   . PHE A 1 17  ? -6.92534  5.50071   -9.05547  1.000 23.56000 ? 14  PHE A C   1 
ATOM   120  O O   . PHE A 1 17  ? -5.76415  5.38426   -9.44499  1.000 24.03000 ? 14  PHE A O   1 
ATOM   121  C CB  . PHE A 1 17  ? -8.17759  4.38509   -7.15735  1.000 30.45000 ? 14  PHE A CB  1 
ATOM   122  C CG  . PHE A 1 17  ? -7.04117  4.38435   -6.17015  1.000 24.68000 ? 14  PHE A CG  1 
ATOM   123  C CD1 . PHE A 1 17  ? -6.49449  3.19777   -5.71544  1.000 27.73000 ? 14  PHE A CD1 1 
ATOM   124  C CD2 . PHE A 1 17  ? -6.53310  5.57913   -5.68938  1.000 24.49000 ? 14  PHE A CD2 1 
ATOM   125  C CE1 . PHE A 1 17  ? -5.44356  3.21524   -4.79952  1.000 27.40000 ? 14  PHE A CE1 1 
ATOM   126  C CE2 . PHE A 1 17  ? -5.49408  5.59957   -4.79207  1.000 24.18000 ? 14  PHE A CE2 1 
ATOM   127  C CZ  . PHE A 1 17  ? -4.94851  4.42250   -4.34164  1.000 22.04000 ? 14  PHE A CZ  1 
ATOM   128  N N   . GLU A 1 18  ? -7.56556  6.66615   -9.02444  1.000 24.57000 ? 15  GLU A N   1 
ATOM   129  C CA  . GLU A 1 18  ? -6.91803  7.90137   -9.43604  1.000 22.68000 ? 15  GLU A CA  1 
ATOM   130  C C   . GLU A 1 18  ? -6.62227  8.75510   -8.21803  1.000 19.92000 ? 15  GLU A C   1 
ATOM   131  O O   . GLU A 1 18  ? -7.44640  8.86423   -7.30382  1.000 25.50000 ? 15  GLU A O   1 
ATOM   132  C CB  . GLU A 1 18  ? -7.79327  8.70959   -10.39457 1.000 34.60000 ? 15  GLU A CB  1 
ATOM   133  C CG  . GLU A 1 18  ? -8.32733  7.92936   -11.56805 1.000 35.80000 ? 15  GLU A CG  1 
ATOM   134  C CD  . GLU A 1 18  ? -8.24652  8.71228   -12.86081 1.000 57.03000 ? 15  GLU A CD  1 
ATOM   135  O OE1 . GLU A 1 18  ? -7.13524  9.17888   -13.19536 1.000 51.81000 ? 15  GLU A OE1 1 
ATOM   136  O OE2 . GLU A 1 18  ? -9.28691  8.85957   -13.53933 1.000 67.92000 ? 15  GLU A OE2 1 
ATOM   137  N N   . THR A 1 19  ? -5.45131  9.37720   -8.22371  1.000 22.94000 ? 16  THR A N   1 
ATOM   138  C CA  . THR A 1 19  ? -5.06389  10.19335  -7.09105  1.000 22.57000 ? 16  THR A CA  1 
ATOM   139  C C   . THR A 1 19  ? -4.03369  11.21535  -7.55053  1.000 20.60000 ? 16  THR A C   1 
ATOM   140  O O   . THR A 1 19  ? -3.32992  11.00486  -8.53826  1.000 20.73000 ? 16  THR A O   1 
ATOM   141  C CB  . THR A 1 19  ? -4.53910  9.29096   -5.96205  1.000 23.76000 ? 16  THR A CB  1 
ATOM   142  O OG1 . THR A 1 19  ? -4.36516  10.04396  -4.75548  1.000 27.32000 ? 16  THR A OG1 1 
ATOM   143  C CG2 . THR A 1 19  ? -3.22851  8.64644   -6.36153  1.000 21.26000 ? 16  THR A CG2 1 
ATOM   144  N N   . ILE A 1 20  ? -3.97049  12.33298  -6.82854  1.000 21.55000 ? 17  ILE A N   1 
ATOM   145  C CA  . ILE A 1 20  ? -2.83551  13.23563  -6.96036  1.000 21.03000 ? 17  ILE A CA  1 
ATOM   146  C C   . ILE A 1 20  ? -1.62613  12.56891  -6.33284  1.000 19.41000 ? 17  ILE A C   1 
ATOM   147  O O   . ILE A 1 20  ? -1.67067  12.13230  -5.17294  1.000 20.57000 ? 17  ILE A O   1 
ATOM   148  C CB  . ILE A 1 20  ? -3.11228  14.57614  -6.26171  1.000 25.20000 ? 17  ILE A CB  1 
ATOM   149  C CG1 . ILE A 1 20  ? -4.39566  15.22044  -6.78712  1.000 32.61000 ? 17  ILE A CG1 1 
ATOM   150  C CG2 . ILE A 1 20  ? -1.90263  15.51908  -6.43155  1.000 24.25000 ? 17  ILE A CG2 1 
ATOM   151  C CD1 . ILE A 1 20  ? -4.21655  15.94956  -8.09220  1.000 32.73000 ? 17  ILE A CD1 1 
ATOM   152  N N   . LEU A 1 21  ? -0.54145  12.50100  -7.09138  1.000 20.40000 ? 18  LEU A N   1 
ATOM   153  C CA  . LEU A 1 21  ? 0.70206   11.91180  -6.64211  1.000 20.19000 ? 18  LEU A CA  1 
ATOM   154  C C   . LEU A 1 21  ? 1.79839   12.44336  -7.54277  1.000 19.74000 ? 18  LEU A C   1 
ATOM   155  O O   . LEU A 1 21  ? 1.61378   12.54024  -8.76067  1.000 25.34000 ? 18  LEU A O   1 
ATOM   156  C CB  . LEU A 1 21  ? 0.62656   10.38973  -6.79745  1.000 18.42000 ? 18  LEU A CB  1 
ATOM   157  C CG  . LEU A 1 21  ? 1.88976   9.58138   -6.53202  1.000 17.15000 ? 18  LEU A CG  1 
ATOM   158  C CD1 . LEU A 1 21  ? 2.30934   9.68054   -5.08060  1.000 19.19000 ? 18  LEU A CD1 1 
ATOM   159  C CD2 . LEU A 1 21  ? 1.61744   8.11407   -6.83879  1.000 20.36000 ? 18  LEU A CD2 1 
ATOM   160  N N   . GLY A 1 22  ? 2.92500   12.78472  -6.96309  1.000 17.70000 ? 19  GLY A N   1 
ATOM   161  C CA  . GLY A 1 22  ? 4.07557   13.17872  -7.75191  1.000 17.94000 ? 19  GLY A CA  1 
ATOM   162  C C   . GLY A 1 22  ? 4.85249   14.34213  -7.19021  1.000 19.22000 ? 19  GLY A C   1 
ATOM   163  O O   . GLY A 1 22  ? 4.31616   15.19474  -6.47931  1.000 21.01000 ? 19  GLY A O   1 
ATOM   164  N N   A ILE A 1 23  ? 6.14889   14.37026  -7.48293  0.390 20.87000 ? 20  ILE A N   1 
ATOM   165  N N   B ILE A 1 23  ? 6.14289   14.38354  -7.51964  0.610 20.87000 ? 20  ILE A N   1 
ATOM   166  C CA  A ILE A 1 23  ? 6.95448   15.53043  -7.12453  0.390 22.19000 ? 20  ILE A CA  1 
ATOM   167  C CA  B ILE A 1 23  ? 7.01272   15.48563  -7.12564  0.610 22.18000 ? 20  ILE A CA  1 
ATOM   168  C C   A ILE A 1 23  ? 6.98013   16.56522  -8.24595  0.390 22.88000 ? 20  ILE A C   1 
ATOM   169  C C   B ILE A 1 23  ? 7.25341   16.48534  -8.26021  0.610 21.82000 ? 20  ILE A C   1 
ATOM   170  O O   A ILE A 1 23  ? 7.00657   17.77153  -7.97136  0.390 21.70000 ? 20  ILE A O   1 
ATOM   171  O O   B ILE A 1 23  ? 7.70791   17.60855  -7.99391  0.610 25.23000 ? 20  ILE A O   1 
ATOM   172  C CB  A ILE A 1 23  ? 8.37285   15.13686  -6.67369  0.390 24.79000 ? 20  ILE A CB  1 
ATOM   173  C CB  B ILE A 1 23  ? 8.34064   14.94923  -6.54371  0.610 24.57000 ? 20  ILE A CB  1 
ATOM   174  C CG1 A ILE A 1 23  ? 8.93821   14.03242  -7.56870  0.390 27.44000 ? 20  ILE A CG1 1 
ATOM   175  C CG1 B ILE A 1 23  ? 9.07578   16.03519  -5.75273  0.610 28.04000 ? 20  ILE A CG1 1 
ATOM   176  C CG2 A ILE A 1 23  ? 8.36708   14.70546  -5.22448  0.390 27.06000 ? 20  ILE A CG2 1 
ATOM   177  C CG2 B ILE A 1 23  ? 9.21072   14.36370  -7.64991  0.610 28.18000 ? 20  ILE A CG2 1 
ATOM   178  C CD1 A ILE A 1 23  ? 9.79956   14.54852  -8.69431  0.390 31.50000 ? 20  ILE A CD1 1 
ATOM   179  C CD1 B ILE A 1 23  ? 10.48407  15.65267  -5.37219  0.610 31.42000 ? 20  ILE A CD1 1 
ATOM   180  N N   . LEU A 1 24  ? 6.94905   16.12214  -9.50249  1.000 26.11000 ? 21  LEU A N   1 
ATOM   181  C CA  . LEU A 1 24  ? 7.01428   17.05569  -10.61802 1.000 23.64000 ? 21  LEU A CA  1 
ATOM   182  C C   . LEU A 1 24  ? 5.71459   17.84143  -10.72440 1.000 24.82000 ? 21  LEU A C   1 
ATOM   183  O O   . LEU A 1 24  ? 4.62170   17.27503  -10.64176 1.000 27.66000 ? 21  LEU A O   1 
ATOM   184  C CB  . LEU A 1 24  ? 7.26437   16.30340  -11.92415 1.000 27.72000 ? 21  LEU A CB  1 
ATOM   185  C CG  . LEU A 1 24  ? 8.58577   15.53138  -11.96286 1.000 30.45000 ? 21  LEU A CG  1 
ATOM   186  C CD1 . LEU A 1 24  ? 8.69754   14.69678  -13.23659 1.000 38.37000 ? 21  LEU A CD1 1 
ATOM   187  C CD2 . LEU A 1 24  ? 9.76224   16.48378  -11.84147 1.000 35.78000 ? 21  LEU A CD2 1 
ATOM   188  N N   . GLU A 1 25  ? 5.84711   19.15404  -10.92732 1.000 27.74000 ? 22  GLU A N   1 
ATOM   189  C CA  . GLU A 1 25  ? 4.68322   20.03680  -10.86816 1.000 31.78000 ? 22  GLU A CA  1 
ATOM   190  C C   . GLU A 1 25  ? 3.59010   19.61207  -11.84109 1.000 26.42000 ? 22  GLU A C   1 
ATOM   191  O O   . GLU A 1 25  ? 2.40207   19.66928  -11.50314 1.000 27.56000 ? 22  GLU A O   1 
ATOM   192  C CB  . GLU A 1 25  ? 5.09787   21.48789  -11.12015 1.000 41.87000 ? 22  GLU A CB  1 
ATOM   193  C CG  . GLU A 1 25  ? 6.03901   22.06648  -10.06981 1.000 56.10000 ? 22  GLU A CG  1 
ATOM   194  C CD  . GLU A 1 25  ? 6.61104   23.42064  -10.47158 1.000 60.07000 ? 22  GLU A CD  1 
ATOM   195  O OE1 . GLU A 1 25  ? 5.82482   24.38563  -10.59755 1.000 67.31000 ? 22  GLU A OE1 1 
ATOM   196  O OE2 . GLU A 1 25  ? 7.84622   23.52267  -10.65891 1.000 56.53000 ? 22  GLU A OE2 1 
ATOM   197  N N   . PHE A 1 26  ? 3.96333   19.17732  -13.05680 1.000 20.88000 ? 23  PHE A N   1 
ATOM   198  C CA  . PHE A 1 26  ? 2.94783   18.83453  -14.04558 1.000 18.98000 ? 23  PHE A CA  1 
ATOM   199  C C   . PHE A 1 26  ? 2.06013   17.68886  -13.57898 1.000 21.95000 ? 23  PHE A C   1 
ATOM   200  O O   . PHE A 1 26  ? 0.88238   17.62995  -13.94514 1.000 23.63000 ? 23  PHE A O   1 
ATOM   201  C CB  . PHE A 1 26  ? 3.56589   18.58340  -15.43482 1.000 22.79000 ? 23  PHE A CB  1 
ATOM   202  C CG  . PHE A 1 26  ? 3.93714   17.13981  -15.71533 1.000 22.95000 ? 23  PHE A CG  1 
ATOM   203  C CD1 . PHE A 1 26  ? 2.98369   16.23888  -16.18643 1.000 28.44000 ? 23  PHE A CD1 1 
ATOM   204  C CD2 . PHE A 1 26  ? 5.23774   16.71065  -15.54685 1.000 24.41000 ? 23  PHE A CD2 1 
ATOM   205  C CE1 . PHE A 1 26  ? 3.32362   14.92068  -16.45912 1.000 29.77000 ? 23  PHE A CE1 1 
ATOM   206  C CE2 . PHE A 1 26  ? 5.59563   15.38723  -15.81079 1.000 21.46000 ? 23  PHE A CE2 1 
ATOM   207  C CZ  . PHE A 1 26  ? 4.63417   14.49561  -16.27363 1.000 24.28000 ? 23  PHE A CZ  1 
ATOM   208  N N   . GLU A 1 27  ? 2.59711   16.79408  -12.74782 1.000 28.88000 ? 24  GLU A N   1 
ATOM   209  C CA  . GLU A 1 27  ? 1.85472   15.59856  -12.37014 1.000 29.05000 ? 24  GLU A CA  1 
ATOM   210  C C   . GLU A 1 27  ? 0.76422   15.91143  -11.37119 1.000 32.03000 ? 24  GLU A C   1 
ATOM   211  O O   . GLU A 1 27  ? -0.25113  15.20561  -11.32111 1.000 32.16000 ? 24  GLU A O   1 
ATOM   212  C CB  . GLU A 1 27  ? 2.81670   14.59879  -11.74129 1.000 29.36000 ? 24  GLU A CB  1 
ATOM   213  C CG  . GLU A 1 27  ? 3.52690   13.76954  -12.74154 1.000 28.09000 ? 24  GLU A CG  1 
ATOM   214  C CD  . GLU A 1 27  ? 4.31834   12.66607  -12.08487 1.000 32.93000 ? 24  GLU A CD  1 
ATOM   215  O OE1 . GLU A 1 27  ? 3.69448   11.75065  -11.51090 1.000 33.07000 ? 24  GLU A OE1 1 
ATOM   216  O OE2 . GLU A 1 27  ? 5.56355   12.72777  -12.14192 1.000 37.94000 ? 24  GLU A OE2 1 
ATOM   217  N N   . ARG A 1 28  ? 0.95495   16.95496  -10.57799 1.000 25.88000 ? 25  ARG A N   1 
ATOM   218  C CA  . ARG A 1 28  ? 0.03985   17.30199  -9.50254  1.000 31.44000 ? 25  ARG A CA  1 
ATOM   219  C C   . ARG A 1 28  ? -1.12950  18.15512  -9.96114  1.000 31.05000 ? 25  ARG A C   1 
ATOM   220  O O   . ARG A 1 28  ? -1.97005  18.52298  -9.13431  1.000 29.52000 ? 25  ARG A O   1 
ATOM   221  C CB  . ARG A 1 28  ? 0.81282   18.04095  -8.42508  1.000 25.77000 ? 25  ARG A CB  1 
ATOM   222  C CG  . ARG A 1 28  ? 2.02876   17.27151  -7.95402  1.000 30.16000 ? 25  ARG A CG  1 
ATOM   223  C CD  . ARG A 1 28  ? 2.63437   17.88317  -6.70896  1.000 21.29000 ? 25  ARG A CD  1 
ATOM   224  N NE  . ARG A 1 28  ? 1.68354   17.96489  -5.60611  1.000 23.53000 ? 25  ARG A NE  1 
ATOM   225  C CZ  . ARG A 1 28  ? 1.33778   16.93177  -4.84492  1.000 24.90000 ? 25  ARG A CZ  1 
ATOM   226  N NH1 . ARG A 1 28  ? 1.85708   15.73169  -5.08526  1.000 21.43000 ? 25  ARG A NH1 1 
ATOM   227  N NH2 . ARG A 1 28  ? 0.46266   17.09257  -3.85825  1.000 23.33000 ? 25  ARG A NH2 1 
ATOM   228  N N   . LEU A 1 29  ? -1.21528  18.47566  -11.24713 1.000 26.50000 ? 26  LEU A N   1 
ATOM   229  C CA  . LEU A 1 29  ? -2.33169  19.28120  -11.71258 1.000 24.56000 ? 26  LEU A CA  1 
ATOM   230  C C   . LEU A 1 29  ? -3.63903  18.50621  -11.66504 1.000 29.31000 ? 26  LEU A C   1 
ATOM   231  O O   . LEU A 1 29  ? -4.69365  19.08433  -11.37557 1.000 32.07000 ? 26  LEU A O   1 
ATOM   232  C CB  . LEU A 1 29  ? -2.04201  19.78460  -13.12188 1.000 24.05000 ? 26  LEU A CB  1 
ATOM   233  C CG  . LEU A 1 29  ? -0.87731  20.76798  -13.16981 1.000 27.00000 ? 26  LEU A CG  1 
ATOM   234  C CD1 . LEU A 1 29  ? -0.50096  21.08307  -14.61799 1.000 24.03000 ? 26  LEU A CD1 1 
ATOM   235  C CD2 . LEU A 1 29  ? -1.24725  22.02114  -12.40999 1.000 28.35000 ? 26  LEU A CD2 1 
ATOM   236  N N   . LYS A 1 30  ? -3.59540  17.20953  -11.94837 1.000 25.18000 ? 27  LYS A N   1 
ATOM   237  C CA  . LYS A 1 30  ? -4.79188  16.38504  -12.03848 1.000 24.32000 ? 27  LYS A CA  1 
ATOM   238  C C   . LYS A 1 30  ? -4.45907  15.00679  -11.48621 1.000 22.29000 ? 27  LYS A C   1 
ATOM   239  O O   . LYS A 1 30  ? -3.29468  14.60061  -11.48589 1.000 26.35000 ? 27  LYS A O   1 
ATOM   240  C CB  . LYS A 1 30  ? -5.27690  16.26014  -13.49041 1.000 35.88000 ? 27  LYS A CB  1 
ATOM   241  C CG  . LYS A 1 30  ? -6.07130  17.43733  -14.07520 1.000 42.37000 ? 27  LYS A CG  1 
ATOM   242  C CD  . LYS A 1 30  ? -7.04174  18.00609  -13.05970 1.000 53.63000 ? 27  LYS A CD  1 
ATOM   243  C CE  . LYS A 1 30  ? -8.18833  18.73451  -13.74774 1.000 56.94000 ? 27  LYS A CE  1 
ATOM   244  N NZ  . LYS A 1 30  ? -7.82085  19.26385  -15.08073 1.000 54.92000 ? 27  LYS A NZ  1 
ATOM   245  N N   . PRO A 1 31  ? -5.45901  14.28502  -10.96618 1.000 29.55000 ? 28  PRO A N   1 
ATOM   246  C CA  . PRO A 1 31  ? -5.21336  12.90809  -10.50505 1.000 24.94000 ? 28  PRO A CA  1 
ATOM   247  C C   . PRO A 1 31  ? -4.77167  12.01537  -11.65415 1.000 27.55000 ? 28  PRO A C   1 
ATOM   248  O O   . PRO A 1 31  ? -5.16052  12.21299  -12.81059 1.000 26.99000 ? 28  PRO A O   1 
ATOM   249  C CB  . PRO A 1 31  ? -6.58289  12.47176  -9.96159  1.000 25.08000 ? 28  PRO A CB  1 
ATOM   250  C CG  . PRO A 1 31  ? -7.28692  13.74365  -9.62987  1.000 30.45000 ? 28  PRO A CG  1 
ATOM   251  C CD  . PRO A 1 31  ? -6.83795  14.72521  -10.68724 1.000 31.78000 ? 28  PRO A CD  1 
ATOM   252  N N   . GLN A 1 32  ? -3.94697  11.01250  -11.32573 1.000 22.73000 ? 29  GLN A N   1 
ATOM   253  C CA  . GLN A 1 32  ? -3.44576  10.06251  -12.31231 1.000 21.49000 ? 29  GLN A CA  1 
ATOM   254  C C   . GLN A 1 32  ? -3.73568  8.64676   -11.83383 1.000 25.86000 ? 29  GLN A C   1 
ATOM   255  O O   . GLN A 1 32  ? -3.97327  8.41369   -10.64631 1.000 23.16000 ? 29  GLN A O   1 
ATOM   256  C CB  . GLN A 1 32  ? -1.94430  10.20991  -12.55784 1.000 20.64000 ? 29  GLN A CB  1 
ATOM   257  C CG  . GLN A 1 32  ? -1.06255  10.02710  -11.31818 1.000 25.36000 ? 29  GLN A CG  1 
ATOM   258  C CD  . GLN A 1 32  ? 0.41937   10.15547  -11.64982 1.000 23.99000 ? 29  GLN A CD  1 
ATOM   259  O OE1 . GLN A 1 32  ? 0.94198   9.43497   -12.50872 1.000 29.74000 ? 29  GLN A OE1 1 
ATOM   260  N NE2 . GLN A 1 32  ? 1.10456   11.09235  -10.98382 1.000 22.65000 ? 29  GLN A NE2 1 
ATOM   261  N N   . LYS A 1 33  ? -3.71589  7.70720   -12.77777 1.000 28.77000 ? 30  LYS A N   1 
ATOM   262  C CA  . LYS A 1 33  ? -4.08358  6.32890   -12.47918 1.000 27.22000 ? 30  LYS A CA  1 
ATOM   263  C C   . LYS A 1 33  ? -2.89247  5.60366   -11.87932 1.000 21.78000 ? 30  LYS A C   1 
ATOM   264  O O   . LYS A 1 33  ? -1.80666  5.56946   -12.46828 1.000 24.04000 ? 30  LYS A O   1 
ATOM   265  C CB  . LYS A 1 33  ? -4.54359  5.59495   -13.74359 1.000 29.96000 ? 30  LYS A CB  1 
ATOM   266  C CG  . LYS A 1 33  ? -5.67617  4.59447   -13.48018 1.000 51.27000 ? 30  LYS A CG  1 
ATOM   267  C CD  . LYS A 1 33  ? -6.99061  5.33628   -13.21659 1.000 53.47000 ? 30  LYS A CD  1 
ATOM   268  C CE  . LYS A 1 33  ? -8.09774  4.46932   -12.58156 1.000 43.08000 ? 30  LYS A CE  1 
ATOM   269  N NZ  . LYS A 1 33  ? -8.84315  3.59565   -13.53437 1.000 56.85000 ? 30  LYS A NZ  1 
ATOM   270  N N   . ILE A 1 34  ? -3.10189  5.00389   -10.71028 1.000 23.49000 ? 31  ILE A N   1 
ATOM   271  C CA  . ILE A 1 34  ? -2.06408  4.20960   -10.07878 1.000 23.65000 ? 31  ILE A CA  1 
ATOM   272  C C   . ILE A 1 34  ? -2.59447  2.80691   -9.80931  1.000 21.55000 ? 31  ILE A C   1 
ATOM   273  O O   . ILE A 1 34  ? -3.79601  2.55028   -9.84004  1.000 23.04000 ? 31  ILE A O   1 
ATOM   274  C CB  . ILE A 1 34  ? -1.51674  4.85488   -8.79552  1.000 23.88000 ? 31  ILE A CB  1 
ATOM   275  C CG1 . ILE A 1 34  ? -2.57944  4.84299   -7.70371  1.000 21.24000 ? 31  ILE A CG1 1 
ATOM   276  C CG2 . ILE A 1 34  ? -1.05286  6.27500   -9.07047  1.000 25.89000 ? 31  ILE A CG2 1 
ATOM   277  C CD1 . ILE A 1 34  ? -1.99854  5.05632   -6.33649  1.000 21.32000 ? 31  ILE A CD1 1 
ATOM   278  N N   . SER A 1 35  ? -1.66832  1.90606   -9.49752  1.000 19.55000 ? 32  SER A N   1 
ATOM   279  C CA  . SER A 1 35  ? -2.00725  0.52893   -9.18534  1.000 21.06000 ? 32  SER A CA  1 
ATOM   280  C C   . SER A 1 35  ? -1.20451  0.15847   -7.94969  1.000 17.09000 ? 32  SER A C   1 
ATOM   281  O O   . SER A 1 35  ? 0.00571   0.39090   -7.91611  1.000 18.78000 ? 32  SER A O   1 
ATOM   282  C CB  . SER A 1 35  ? -1.59925  -0.36915  -10.35048 1.000 25.12000 ? 32  SER A CB  1 
ATOM   283  O OG  . SER A 1 35  ? -1.96181  -1.72366  -10.12726 1.000 29.70000 ? 32  SER A OG  1 
ATOM   284  N N   . VAL A 1 36  ? -1.87674  -0.39672  -6.94439  1.000 17.09000 ? 33  VAL A N   1 
ATOM   285  C CA  . VAL A 1 36  ? -1.23756  -0.72430  -5.66567  1.000 14.56000 ? 33  VAL A CA  1 
ATOM   286  C C   . VAL A 1 36  ? -1.31604  -2.22730  -5.44076  1.000 17.49000 ? 33  VAL A C   1 
ATOM   287  O O   . VAL A 1 36  ? -2.37125  -2.84099  -5.63761  1.000 16.67000 ? 33  VAL A O   1 
ATOM   288  C CB  . VAL A 1 36  ? -1.93687  0.00425   -4.50690  1.000 16.28000 ? 33  VAL A CB  1 
ATOM   289  C CG1 . VAL A 1 36  ? -1.19040  -0.22355  -3.20058  1.000 17.44000 ? 33  VAL A CG1 1 
ATOM   290  C CG2 . VAL A 1 36  ? -2.04112  1.49419   -4.78896  1.000 21.92000 ? 33  VAL A CG2 1 
ATOM   291  N N   . ASP A 1 37  ? -0.21034  -2.81820  -4.98242  1.000 14.49000 ? 34  ASP A N   1 
ATOM   292  C CA  . ASP A 1 37  ? -0.20341  -4.20673  -4.53704  1.000 15.44000 ? 34  ASP A CA  1 
ATOM   293  C C   . ASP A 1 37  ? 0.20711   -4.21204  -3.07431  1.000 15.54000 ? 34  ASP A C   1 
ATOM   294  O O   . ASP A 1 37  ? 1.19730   -3.56370  -2.70380  1.000 15.60000 ? 34  ASP A O   1 
ATOM   295  C CB  . ASP A 1 37  ? 0.82636   -5.02923  -5.29940  1.000 18.72000 ? 34  ASP A CB  1 
ATOM   296  C CG  . ASP A 1 37  ? 0.50876   -5.14609  -6.78508  1.000 32.86000 ? 34  ASP A CG  1 
ATOM   297  O OD1 . ASP A 1 37  ? -0.69009  -5.14983  -7.14630  1.000 27.74000 ? 34  ASP A OD1 1 
ATOM   298  O OD2 . ASP A 1 37  ? 1.47004   -5.23781  -7.58581  1.000 54.24000 ? 34  ASP A OD2 1 
ATOM   299  N N   . LEU A 1 38  ? -0.55710  -4.90653  -2.24687  1.000 14.64000 ? 35  LEU A N   1 
ATOM   300  C CA  . LEU A 1 38  ? -0.24446  -5.03090  -0.82689  1.000 13.56000 ? 35  LEU A CA  1 
ATOM   301  C C   . LEU A 1 38  ? -0.34159  -6.48463  -0.39336  1.000 15.49000 ? 35  LEU A C   1 
ATOM   302  O O   . LEU A 1 38  ? -1.34882  -7.14959  -0.65732  1.000 15.28000 ? 35  LEU A O   1 
ATOM   303  C CB  . LEU A 1 38  ? -1.18166  -4.17339  0.00730   1.000 16.73000 ? 35  LEU A CB  1 
ATOM   304  C CG  . LEU A 1 38  ? -0.96402  -4.34536  1.50063   1.000 17.36000 ? 35  LEU A CG  1 
ATOM   305  C CD1 . LEU A 1 38  ? 0.37929   -3.76216  1.95636   1.000 16.59000 ? 35  LEU A CD1 1 
ATOM   306  C CD2 . LEU A 1 38  ? -2.10438  -3.66115  2.20371   1.000 25.38000 ? 35  LEU A CD2 1 
ATOM   307  N N   . ASP A 1 39  ? 0.69254   -6.96854  0.28755   1.000 14.80000 ? 36  ASP A N   1 
ATOM   308  C CA  . ASP A 1 39  ? 0.66322   -8.26025  0.95737   1.000 14.77000 ? 36  ASP A CA  1 
ATOM   309  C C   . ASP A 1 39  ? 0.91806   -7.99743  2.42994   1.000 17.40000 ? 36  ASP A C   1 
ATOM   310  O O   . ASP A 1 39  ? 1.87778   -7.29690  2.77877   1.000 15.90000 ? 36  ASP A O   1 
ATOM   311  C CB  . ASP A 1 39  ? 1.75995   -9.21666  0.47367   1.000 15.82000 ? 36  ASP A CB  1 
ATOM   312  C CG  . ASP A 1 39  ? 1.72481   -9.45818  -1.00715  1.000 23.72000 ? 36  ASP A CG  1 
ATOM   313  O OD1 . ASP A 1 39  ? 0.62536   -9.67385  -1.55190  1.000 23.12000 ? 36  ASP A OD1 1 
ATOM   314  O OD2 . ASP A 1 39  ? 2.80076   -9.39622  -1.63827  1.000 28.39000 ? 36  ASP A OD2 1 
ATOM   315  N N   . LEU A 1 40  ? 0.06688   -8.54200  3.28765   1.000 14.18000 ? 37  LEU A N   1 
ATOM   316  C CA  . LEU A 1 40  ? 0.27412   -8.48522  4.72796   1.000 14.63000 ? 37  LEU A CA  1 
ATOM   317  C C   . LEU A 1 40  ? 0.38542   -9.91493  5.22162   1.000 16.76000 ? 37  LEU A C   1 
ATOM   318  O O   . LEU A 1 40  ? -0.50830  -10.72585 4.95854   1.000 20.26000 ? 37  LEU A O   1 
ATOM   319  C CB  . LEU A 1 40  ? -0.91032  -7.81889  5.42144   1.000 20.63000 ? 37  LEU A CB  1 
ATOM   320  C CG  . LEU A 1 40  ? -1.12558  -6.32648  5.12012   1.000 18.48000 ? 37  LEU A CG  1 
ATOM   321  C CD1 . LEU A 1 40  ? -2.37775  -5.80392  5.82262   1.000 26.54000 ? 37  LEU A CD1 1 
ATOM   322  C CD2 . LEU A 1 40  ? 0.08846   -5.51180  5.53194   1.000 22.56000 ? 37  LEU A CD2 1 
ATOM   323  N N   . PHE A 1 41  ? 1.44939   -10.22291 5.95029   1.000 15.64000 ? 38  PHE A N   1 
ATOM   324  C CA  . PHE A 1 41  ? 1.67392   -11.58658 6.41319   1.000 15.19000 ? 38  PHE A CA  1 
ATOM   325  C C   . PHE A 1 41  ? 1.67182   -11.62091 7.93434   1.000 18.81000 ? 38  PHE A C   1 
ATOM   326  O O   . PHE A 1 41  ? 2.06972   -10.65337 8.59016   1.000 20.14000 ? 38  PHE A O   1 
ATOM   327  C CB  . PHE A 1 41  ? 2.99621   -12.13721 5.90127   1.000 18.30000 ? 38  PHE A CB  1 
ATOM   328  C CG  . PHE A 1 41  ? 3.06757   -12.25856 4.40499   1.000 17.78000 ? 38  PHE A CG  1 
ATOM   329  C CD1 . PHE A 1 41  ? 2.44109   -13.30798 3.74539   1.000 19.10000 ? 38  PHE A CD1 1 
ATOM   330  C CD2 . PHE A 1 41  ? 3.76320   -11.32449 3.66498   1.000 16.18000 ? 38  PHE A CD2 1 
ATOM   331  C CE1 . PHE A 1 41  ? 2.52049   -13.42631 2.35638   1.000 18.09000 ? 38  PHE A CE1 1 
ATOM   332  C CE2 . PHE A 1 41  ? 3.85043   -11.43433 2.27993   1.000 20.54000 ? 38  PHE A CE2 1 
ATOM   333  C CZ  . PHE A 1 41  ? 3.22477   -12.47962 1.62627   1.000 17.38000 ? 38  PHE A CZ  1 
ATOM   334  N N   . TYR A 1 42  ? 1.21607   -12.74032 8.48427   1.000 18.34000 ? 39  TYR A N   1 
ATOM   335  C CA  . TYR A 1 42  ? 1.20588   -12.90593 9.93369   1.000 21.62000 ? 39  TYR A CA  1 
ATOM   336  C C   . TYR A 1 42  ? 1.27478   -14.38454 10.28029  1.000 20.76000 ? 39  TYR A C   1 
ATOM   337  O O   . TYR A 1 42  ? 1.11165   -15.26183 9.42737   1.000 23.15000 ? 39  TYR A O   1 
ATOM   338  C CB  . TYR A 1 42  ? -0.03356  -12.26865 10.56420  1.000 23.58000 ? 39  TYR A CB  1 
ATOM   339  C CG  . TYR A 1 42  ? -1.33689  -12.81207 10.04326  1.000 23.77000 ? 39  TYR A CG  1 
ATOM   340  C CD1 . TYR A 1 42  ? -1.91246  -12.30686 8.87837   1.000 23.28000 ? 39  TYR A CD1 1 
ATOM   341  C CD2 . TYR A 1 42  ? -1.99849  -13.83934 10.71005  1.000 25.68000 ? 39  TYR A CD2 1 
ATOM   342  C CE1 . TYR A 1 42  ? -3.10937  -12.80466 8.39640   1.000 22.34000 ? 39  TYR A CE1 1 
ATOM   343  C CE2 . TYR A 1 42  ? -3.19964  -14.34440 10.23759  1.000 23.90000 ? 39  TYR A CE2 1 
ATOM   344  C CZ  . TYR A 1 42  ? -3.75160  -13.82500 9.08247   1.000 28.38000 ? 39  TYR A CZ  1 
ATOM   345  O OH  . TYR A 1 42  ? -4.94617  -14.32451 8.61012   1.000 31.13000 ? 39  TYR A OH  1 
ATOM   346  N N   . THR A 1 43  ? 1.52012   -14.65825 11.56170  1.000 26.07000 ? 40  THR A N   1 
ATOM   347  C CA  . THR A 1 43  ? 1.54435   -16.02782 12.05060  1.000 33.62000 ? 40  THR A CA  1 
ATOM   348  C C   . THR A 1 43  ? 0.29727   -16.39615 12.84581  1.000 37.31000 ? 40  THR A C   1 
ATOM   349  O O   . THR A 1 43  ? -0.20767  -17.50938 12.69286  1.000 47.18000 ? 40  THR A O   1 
ATOM   350  C CB  . THR A 1 43  ? 2.81503   -16.28969 12.86368  1.000 43.03000 ? 40  THR A CB  1 
ATOM   351  O OG1 . THR A 1 43  ? 3.08248   -15.16743 13.70686  1.000 47.79000 ? 40  THR A OG1 1 
ATOM   352  C CG2 . THR A 1 43  ? 3.98933   -16.46047 11.92236  1.000 36.62000 ? 40  THR A CG2 1 
ATOM   353  N N   . GLN A 1 44  ? -0.24700  -15.49367 13.66474  1.000 34.64000 ? 41  GLN A N   1 
ATOM   354  C CA  . GLN A 1 44  ? -1.50128  -15.83637 14.32150  1.000 46.29000 ? 41  GLN A CA  1 
ATOM   355  C C   . GLN A 1 44  ? -2.27071  -14.59189 14.73033  1.000 46.84000 ? 41  GLN A C   1 
ATOM   356  O O   . GLN A 1 44  ? -1.67983  -13.57869 15.11150  1.000 46.35000 ? 41  GLN A O   1 
ATOM   357  C CB  . GLN A 1 44  ? -1.29089  -16.74933 15.53592  1.000 50.75000 ? 41  GLN A CB  1 
ATOM   358  C CG  . GLN A 1 44  ? -2.51826  -17.57914 15.86676  1.000 58.07000 ? 41  GLN A CG  1 
ATOM   359  C CD  . GLN A 1 44  ? -2.82110  -17.60257 17.35225  1.000 69.54000 ? 41  GLN A CD  1 
ATOM   360  O OE1 . GLN A 1 44  ? -1.91273  -17.53493 18.18503  1.000 63.43000 ? 41  GLN A OE1 1 
ATOM   361  N NE2 . GLN A 1 44  ? -4.10379  -17.69118 17.69325  1.000 65.01000 ? 41  GLN A NE2 1 
ATOM   362  N N   . LEU A 1 45  ? -3.62700  -14.73086 14.54339  1.000 49.56000 ? 42  LEU A N   1 
ATOM   363  C CA  . LEU A 1 45  ? -4.67342  -13.80785 14.94587  1.000 55.02000 ? 42  LEU A CA  1 
ATOM   364  C C   . LEU A 1 45  ? -5.52265  -14.45735 16.03449  1.000 66.14000 ? 42  LEU A C   1 
ATOM   365  O O   . LEU A 1 45  ? -5.35195  -15.63855 16.35019  1.000 69.03000 ? 42  LEU A O   1 
ATOM   366  C CB  . LEU A 1 45  ? -5.57091  -13.53311 13.73517  1.000 53.67000 ? 42  LEU A CB  1 
ATOM   367  C CG  . LEU A 1 45  ? -5.30747  -12.37998 12.77430  1.000 46.80000 ? 42  LEU A CG  1 
ATOM   368  C CD1 . LEU A 1 45  ? -3.84804  -12.27582 12.40871  1.000 49.39000 ? 42  LEU A CD1 1 
ATOM   369  C CD2 . LEU A 1 45  ? -6.12094  -12.64057 11.53437  1.000 46.49000 ? 42  LEU A CD2 1 
ATOM   370  N N   . PRO A 1 46  ? -6.44588  -13.71091 16.64006  1.000 71.90000 ? 43  PRO A N   1 
ATOM   371  C CA  . PRO A 1 46  ? -7.44974  -14.34706 17.50323  1.000 69.03000 ? 43  PRO A CA  1 
ATOM   372  C C   . PRO A 1 46  ? -8.42886  -15.18806 16.69466  1.000 69.06000 ? 43  PRO A C   1 
ATOM   373  O O   . PRO A 1 46  ? -8.47361  -15.15306 15.46162  1.000 64.84000 ? 43  PRO A O   1 
ATOM   374  C CB  . PRO A 1 46  ? -8.15594  -13.16651 18.17454  1.000 62.77000 ? 43  PRO A CB  1 
ATOM   375  C CG  . PRO A 1 46  ? -7.16077  -12.06649 18.14173  1.000 62.97000 ? 43  PRO A CG  1 
ATOM   376  C CD  . PRO A 1 46  ? -6.37687  -12.25619 16.86826  1.000 68.14000 ? 43  PRO A CD  1 
ATOM   377  N N   . ASN A 1 47  ? -9.23079  -15.95767 17.42514  0.600 68.17000 ? 44  ASN A N   1 
ATOM   378  C CA  . ASN A 1 47  ? -10.21523 -16.83801 16.81008  0.600 69.33000 ? 44  ASN A CA  1 
ATOM   379  C C   . ASN A 1 47  ? -11.32202 -16.01876 16.15052  0.600 70.94000 ? 44  ASN A C   1 
ATOM   380  O O   . ASN A 1 47  ? -11.87167 -15.09474 16.75949  0.600 70.95000 ? 44  ASN A O   1 
ATOM   381  C CB  . ASN A 1 47  ? -10.78573 -17.76451 17.88513  0.600 67.32000 ? 44  ASN A CB  1 
ATOM   382  C CG  . ASN A 1 47  ? -12.15595 -18.29740 17.53890  0.600 69.26000 ? 44  ASN A CG  1 
ATOM   383  O OD1 . ASN A 1 47  ? -12.34591 -18.96360 16.52037  0.600 67.52000 ? 44  ASN A OD1 1 
ATOM   384  N ND2 . ASN A 1 47  ? -13.12156 -18.01520 18.40336  0.600 65.53000 ? 44  ASN A ND2 1 
ATOM   385  N N   . LYS A 1 48  ? -11.63391 -16.35238 14.89391  1.000 70.39000 ? 45  LYS A N   1 
ATOM   386  C CA  . LYS A 1 48  ? -12.58429 -15.63059 14.04346  1.000 71.15000 ? 45  LYS A CA  1 
ATOM   387  C C   . LYS A 1 48  ? -12.17888 -14.18746 13.73900  1.000 67.22000 ? 45  LYS A C   1 
ATOM   388  O O   . LYS A 1 48  ? -12.98428 -13.42816 13.18469  1.000 63.01000 ? 45  LYS A O   1 
ATOM   389  C CB  . LYS A 1 48  ? -14.04770 -15.72056 14.51644  1.000 77.45000 ? 45  LYS A CB  1 
ATOM   390  C CG  . LYS A 1 48  ? -14.55931 -17.13045 14.83380  1.000 80.00000 ? 45  LYS A CG  1 
ATOM   391  C CD  . LYS A 1 48  ? -15.67491 -17.11058 15.87644  1.000 74.96000 ? 45  LYS A CD  1 
ATOM   392  C CE  . LYS A 1 48  ? -15.69562 -18.39246 16.69285  1.000 78.46000 ? 45  LYS A CE  1 
ATOM   393  N NZ  . LYS A 1 48  ? -16.64823 -18.30881 17.83013  1.000 80.55000 ? 45  LYS A NZ  1 
ATOM   394  N N   . ALA A 1 49  ? -10.95972 -13.78670 14.08519  1.000 63.87000 ? 46  ALA A N   1 
ATOM   395  C CA  . ALA A 1 49  ? -10.43144 -12.49546 13.68019  1.000 58.86000 ? 46  ALA A CA  1 
ATOM   396  C C   . ALA A 1 49  ? -9.78300  -12.61216 12.30284  1.000 53.62000 ? 46  ALA A C   1 
ATOM   397  O O   . ALA A 1 49  ? -9.38021  -13.69307 11.86611  1.000 48.63000 ? 46  ALA A O   1 
ATOM   398  C CB  . ALA A 1 49  ? -9.40872  -11.98464 14.69588  1.000 58.67000 ? 46  ALA A CB  1 
ATOM   399  N N   . TYR A 1 50  ? -9.68451  -11.43714 11.61577  1.000 47.75000 ? 47  TYR A N   1 
ATOM   400  C CA  . TYR A 1 50  ? -9.11191  -11.45443 10.27907  1.000 36.23000 ? 47  TYR A CA  1 
ATOM   401  C C   . TYR A 1 50  ? -8.70702  -10.03682 9.90537   1.000 39.61000 ? 47  TYR A C   1 
ATOM   402  O O   . TYR A 1 50  ? -9.25446  -9.06339  10.43029  1.000 42.15000 ? 47  TYR A O   1 
ATOM   403  C CB  . TYR A 1 50  ? -10.06871 -12.05961 9.24215   1.000 33.87000 ? 47  TYR A CB  1 
ATOM   404  C CG  . TYR A 1 50  ? -11.42518 -11.39883 9.14922   1.000 35.41000 ? 47  TYR A CG  1 
ATOM   405  C CD1 . TYR A 1 50  ? -12.41597 -11.67020 10.08817  1.000 41.01000 ? 47  TYR A CD1 1 
ATOM   406  C CD2 . TYR A 1 50  ? -11.72491 -10.52706 8.11441   1.000 31.41000 ? 47  TYR A CD2 1 
ATOM   407  C CE1 . TYR A 1 50  ? -13.66157 -11.07785 10.00551  1.000 37.91000 ? 47  TYR A CE1 1 
ATOM   408  C CE2 . TYR A 1 50  ? -12.97420 -9.92807  8.01804   1.000 36.82000 ? 47  TYR A CE2 1 
ATOM   409  C CZ  . TYR A 1 50  ? -13.94103 -10.21185 8.96922   1.000 41.60000 ? 47  TYR A CZ  1 
ATOM   410  O OH  . TYR A 1 50  ? -15.18792 -9.62111  8.87236   1.000 44.87000 ? 47  TYR A OH  1 
ATOM   411  N N   . LEU A 1 51  ? -7.71399  -9.93212  9.02889   1.000 32.47000 ? 48  LEU A N   1 
ATOM   412  C CA  . LEU A 1 51  ? -7.31584  -8.64463  8.46812   1.000 32.35000 ? 48  LEU A CA  1 
ATOM   413  C C   . LEU A 1 51  ? -8.25651  -8.37734  7.30140   1.000 34.24000 ? 48  LEU A C   1 
ATOM   414  O O   . LEU A 1 51  ? -8.10850  -8.94853  6.21897   1.000 28.73000 ? 48  LEU A O   1 
ATOM   415  C CB  . LEU A 1 51  ? -5.85507  -8.65894  8.03068   1.000 26.05000 ? 48  LEU A CB  1 
ATOM   416  C CG  . LEU A 1 51  ? -4.78413  -9.23311  8.96303   1.000 36.54000 ? 48  LEU A CG  1 
ATOM   417  C CD1 . LEU A 1 51  ? -3.41842  -8.82639  8.46648   1.000 31.94000 ? 48  LEU A CD1 1 
ATOM   418  C CD2 . LEU A 1 51  ? -4.96020  -8.79327  10.40451  1.000 35.08000 ? 48  LEU A CD2 1 
ATOM   419  N N   . ASP A 1 52  ? -9.23763  -7.51447  7.52772   1.000 30.32000 ? 49  ASP A N   1 
ATOM   420  C CA  . ASP A 1 52  ? -10.33673 -7.32602  6.59218   1.000 27.68000 ? 49  ASP A CA  1 
ATOM   421  C C   . ASP A 1 52  ? -9.83725  -6.61976  5.33478   1.000 36.17000 ? 49  ASP A C   1 
ATOM   422  O O   . ASP A 1 52  ? -9.49270  -5.43415  5.37795   1.000 31.43000 ? 49  ASP A O   1 
ATOM   423  C CB  . ASP A 1 52  ? -11.41270 -6.50753  7.30105   1.000 31.10000 ? 49  ASP A CB  1 
ATOM   424  C CG  . ASP A 1 52  ? -12.63847 -6.26976  6.45055   1.000 32.17000 ? 49  ASP A CG  1 
ATOM   425  O OD1 . ASP A 1 52  ? -12.69279 -6.71667  5.28948   1.000 32.10000 ? 49  ASP A OD1 1 
ATOM   426  O OD2 . ASP A 1 52  ? -13.57341 -5.60938  6.95662   1.000 44.24000 ? 49  ASP A OD2 1 
ATOM   427  N N   . TYR A 1 53  ? -9.82458  -7.32871  4.19948   1.000 26.24000 ? 50  TYR A N   1 
ATOM   428  C CA  . TYR A 1 53  ? -9.37254  -6.70811  2.96075   1.000 24.27000 ? 50  TYR A CA  1 
ATOM   429  C C   . TYR A 1 53  ? -10.22788 -5.51109  2.56189   1.000 33.74000 ? 50  TYR A C   1 
ATOM   430  O O   . TYR A 1 53  ? -9.74857  -4.64539  1.82251   1.000 32.18000 ? 50  TYR A O   1 
ATOM   431  C CB  . TYR A 1 53  ? -9.24067  -7.72905  1.81730   1.000 26.79000 ? 50  TYR A CB  1 
ATOM   432  C CG  . TYR A 1 53  ? -10.49089 -8.51627  1.47827   1.000 30.41000 ? 50  TYR A CG  1 
ATOM   433  C CD1 . TYR A 1 53  ? -11.59295 -7.89453  0.90616   1.000 27.67000 ? 50  TYR A CD1 1 
ATOM   434  C CD2 . TYR A 1 53  ? -10.55751 -9.88561  1.71445   1.000 29.28000 ? 50  TYR A CD2 1 
ATOM   435  C CE1 . TYR A 1 53  ? -12.73837 -8.60266  0.58790   1.000 35.27000 ? 50  TYR A CE1 1 
ATOM   436  C CE2 . TYR A 1 53  ? -11.69862 -10.61279 1.39083   1.000 27.38000 ? 50  TYR A CE2 1 
ATOM   437  C CZ  . TYR A 1 53  ? -12.79141 -9.95519  0.83645   1.000 29.03000 ? 50  TYR A CZ  1 
ATOM   438  O OH  . TYR A 1 53  ? -13.93557 -10.64384 0.51490   1.000 29.63000 ? 50  TYR A OH  1 
ATOM   439  N N   . ILE A 1 54  ? -11.47252 -5.43852  3.04568   1.000 30.15000 ? 51  ILE A N   1 
ATOM   440  C CA  . ILE A 1 54  ? -12.33306 -4.29711  2.74099   1.000 30.46000 ? 51  ILE A CA  1 
ATOM   441  C C   . ILE A 1 54  ? -11.77843 -3.02612  3.37889   1.000 23.97000 ? 51  ILE A C   1 
ATOM   442  O O   . ILE A 1 54  ? -11.58682 -2.00507  2.70496   1.000 35.05000 ? 51  ILE A O   1 
ATOM   443  C CB  . ILE A 1 54  ? -13.78235 -4.57901  3.18190   1.000 32.57000 ? 51  ILE A CB  1 
ATOM   444  C CG1 . ILE A 1 54  ? -14.43297 -5.60663  2.25024   1.000 35.63000 ? 51  ILE A CG1 1 
ATOM   445  C CG2 . ILE A 1 54  ? -14.58935 -3.28194  3.21808   1.000 38.52000 ? 51  ILE A CG2 1 
ATOM   446  C CD1 . ILE A 1 54  ? -14.34995 -5.24881  0.78988   1.000 39.04000 ? 51  ILE A CD1 1 
ATOM   447  N N   A LYS A 1 55  ? -11.48958 -3.07559  4.68265   0.490 30.11000 ? 52  LYS A N   1 
ATOM   448  N N   B LYS A 1 55  ? -11.54891 -3.06114  4.68903   0.510 30.14000 ? 52  LYS A N   1 
ATOM   449  C CA  A LYS A 1 55  ? -10.95172 -1.91258  5.38590   0.490 29.95000 ? 52  LYS A CA  1 
ATOM   450  C CA  B LYS A 1 55  ? -10.95820 -1.90336  5.34568   0.510 29.97000 ? 52  LYS A CA  1 
ATOM   451  C C   A LYS A 1 55  ? -9.50564  -1.62016  5.01154   0.490 28.78000 ? 52  LYS A C   1 
ATOM   452  C C   B LYS A 1 55  ? -9.61226  -1.56431  4.72295   0.510 29.45000 ? 52  LYS A C   1 
ATOM   453  O O   A LYS A 1 55  ? -9.01918  -0.51224  5.26758   0.490 24.58000 ? 52  LYS A O   1 
ATOM   454  O O   B LYS A 1 55  ? -9.32379  -0.39258  4.44987   0.510 26.05000 ? 52  LYS A O   1 
ATOM   455  C CB  A LYS A 1 55  ? -11.04987 -2.10639  6.90043   0.490 34.14000 ? 52  LYS A CB  1 
ATOM   456  C CB  B LYS A 1 55  ? -10.82869 -2.15210  6.84918   0.510 33.81000 ? 52  LYS A CB  1 
ATOM   457  C CG  A LYS A 1 55  ? -12.46858 -2.16438  7.44065   0.490 39.11000 ? 52  LYS A CG  1 
ATOM   458  C CG  B LYS A 1 55  ? -12.09982 -2.68813  7.49444   0.510 39.12000 ? 52  LYS A CG  1 
ATOM   459  C CD  A LYS A 1 55  ? -12.50235 -1.83181  8.92672   0.490 46.92000 ? 52  LYS A CD  1 
ATOM   460  C CD  B LYS A 1 55  ? -12.27953 -2.16962  8.91283   0.510 46.11000 ? 52  LYS A CD  1 
ATOM   461  C CE  A LYS A 1 55  ? -13.90608 -1.97774  9.49779   0.490 45.95000 ? 52  LYS A CE  1 
ATOM   462  C CE  B LYS A 1 55  ? -13.43919 -2.86726  9.61258   0.510 46.71000 ? 52  LYS A CE  1 
ATOM   463  N NZ  A LYS A 1 55  ? -14.90078 -1.14731  8.76362   0.490 44.10000 ? 52  LYS A NZ  1 
ATOM   464  N NZ  B LYS A 1 55  ? -13.22081 -4.33796  9.71427   0.510 43.30000 ? 52  LYS A NZ  1 
ATOM   465  N N   . ILE A 1 56  ? -8.80487  -2.58837  4.42898   1.000 28.22000 ? 53  ILE A N   1 
ATOM   466  C CA  . ILE A 1 56  ? -7.43416  -2.35665  3.98735   1.000 29.19000 ? 53  ILE A CA  1 
ATOM   467  C C   . ILE A 1 56  ? -7.43069  -1.56777  2.68815   1.000 27.89000 ? 53  ILE A C   1 
ATOM   468  O O   . ILE A 1 56  ? -6.70851  -0.56940  2.53519   1.000 23.57000 ? 53  ILE A O   1 
ATOM   469  C CB  . ILE A 1 56  ? -6.69773  -3.70151  3.84730   1.000 24.21000 ? 53  ILE A CB  1 
ATOM   470  C CG1 . ILE A 1 56  ? -6.37740  -4.28526  5.22216   1.000 25.06000 ? 53  ILE A CG1 1 
ATOM   471  C CG2 . ILE A 1 56  ? -5.42332  -3.51313  3.05281   1.000 24.99000 ? 53  ILE A CG2 1 
ATOM   472  C CD1 . ILE A 1 56  ? -6.00014  -5.75013  5.18081   1.000 27.39000 ? 53  ILE A CD1 1 
ATOM   473  N N   . GLN A 1 57  ? -8.25687  -1.99414  1.73934   1.000 22.39000 ? 54  GLN A N   1 
ATOM   474  C CA  . GLN A 1 57  ? -8.36148  -1.31307  0.46203   1.000 23.98000 ? 54  GLN A CA  1 
ATOM   475  C C   . GLN A 1 57  ? -8.87263  0.10827   0.64612   1.000 27.78000 ? 54  GLN A C   1 
ATOM   476  O O   . GLN A 1 57  ? -8.34252  1.05067   0.04963   1.000 26.39000 ? 54  GLN A O   1 
ATOM   477  C CB  . GLN A 1 57  ? -9.29116  -2.13335  -0.43228  1.000 33.39000 ? 54  GLN A CB  1 
ATOM   478  C CG  . GLN A 1 57  ? -9.52345  -1.59991  -1.80161  1.000 42.39000 ? 54  GLN A CG  1 
ATOM   479  C CD  . GLN A 1 57  ? -10.09877 -2.66823  -2.70725  1.000 47.47000 ? 54  GLN A CD  1 
ATOM   480  O OE1 . GLN A 1 57  ? -9.73956  -3.84112  -2.59006  1.000 40.27000 ? 54  GLN A OE1 1 
ATOM   481  N NE2 . GLN A 1 57  ? -10.98411 -2.27472  -3.61491  1.000 50.37000 ? 54  GLN A NE2 1 
ATOM   482  N N   . GLU A 1 58  ? -9.86971  0.28770   1.51184   1.000 29.24000 ? 55  GLU A N   1 
ATOM   483  C CA  . GLU A 1 58  ? -10.42930 1.62164   1.70820   1.000 29.81000 ? 55  GLU A CA  1 
ATOM   484  C C   . GLU A 1 58  ? -9.43202  2.55439   2.38201   1.000 27.27000 ? 55  GLU A C   1 
ATOM   485  O O   . GLU A 1 58  ? -9.37042  3.74008   2.04361   1.000 28.37000 ? 55  GLU A O   1 
ATOM   486  C CB  . GLU A 1 58  ? -11.75398 1.53851   2.47881   1.000 35.71000 ? 55  GLU A CB  1 
ATOM   487  C CG  . GLU A 1 58  ? -12.88860 0.90445   1.66555   1.000 40.83000 ? 55  GLU A CG  1 
ATOM   488  C CD  . GLU A 1 58  ? -14.13789 0.58099   2.49097   1.000 45.46000 ? 55  GLU A CD  1 
ATOM   489  O OE1 . GLU A 1 58  ? -14.13561 0.82186   3.71656   1.000 48.48000 ? 55  GLU A OE1 1 
ATOM   490  O OE2 . GLU A 1 58  ? -15.12703 0.09090   1.90306   1.000 49.47000 ? 55  GLU A OE2 1 
ATOM   491  N N   . LEU A 1 59  ? -8.63476  2.03954   3.31739   1.000 28.44000 ? 56  LEU A N   1 
ATOM   492  C CA  . LEU A 1 59  ? -7.63260  2.87393   3.97226   1.000 22.61000 ? 56  LEU A CA  1 
ATOM   493  C C   . LEU A 1 59  ? -6.56844  3.33773   2.98022   1.000 26.19000 ? 56  LEU A C   1 
ATOM   494  O O   . LEU A 1 59  ? -6.16372  4.50914   2.99213   1.000 24.65000 ? 56  LEU A O   1 
ATOM   495  C CB  . LEU A 1 59  ? -7.01207  2.10663   5.13720   1.000 27.07000 ? 56  LEU A CB  1 
ATOM   496  C CG  . LEU A 1 59  ? -5.92864  2.76890   5.98369   1.000 33.96000 ? 56  LEU A CG  1 
ATOM   497  C CD1 . LEU A 1 59  ? -6.48486  3.98856   6.70073   1.000 33.30000 ? 56  LEU A CD1 1 
ATOM   498  C CD2 . LEU A 1 59  ? -5.37132  1.77157   6.98363   1.000 35.38000 ? 56  LEU A CD2 1 
ATOM   499  N N   . ILE A 1 60  ? -6.11026  2.44238   2.10200   1.000 24.44000 ? 57  ILE A N   1 
ATOM   500  C CA  . ILE A 1 60  ? -5.07921  2.81911   1.13488   1.000 21.03000 ? 57  ILE A CA  1 
ATOM   501  C C   . ILE A 1 60  ? -5.58330  3.92243   0.22124   1.000 25.09000 ? 57  ILE A C   1 
ATOM   502  O O   . ILE A 1 60  ? -4.90109  4.92870   -0.00176  1.000 22.07000 ? 57  ILE A O   1 
ATOM   503  C CB  . ILE A 1 60  ? -4.62779  1.59759   0.32191   1.000 21.00000 ? 57  ILE A CB  1 
ATOM   504  C CG1 . ILE A 1 60  ? -3.81872  0.65332   1.20152   1.000 21.00000 ? 57  ILE A CG1 1 
ATOM   505  C CG2 . ILE A 1 60  ? -3.78888  2.05390   -0.87942  1.000 20.31000 ? 57  ILE A CG2 1 
ATOM   506  C CD1 . ILE A 1 60  ? -3.64544  -0.70943  0.58569   1.000 30.48000 ? 57  ILE A CD1 1 
ATOM   507  N N   A GLN A 1 61  ? -6.79682  3.76177   -0.30277  0.570 21.36000 ? 58  GLN A N   1 
ATOM   508  N N   B GLN A 1 61  ? -6.77449  3.74026   -0.34984  0.430 21.39000 ? 58  GLN A N   1 
ATOM   509  C CA  A GLN A 1 61  ? -7.36573  4.81394   -1.13077  0.570 23.77000 ? 58  GLN A CA  1 
ATOM   510  C CA  B GLN A 1 61  ? -7.25384  4.69627   -1.34103  0.430 23.81000 ? 58  GLN A CA  1 
ATOM   511  C C   A GLN A 1 61  ? -7.54886  6.09491   -0.32765  0.570 22.77000 ? 58  GLN A C   1 
ATOM   512  C C   B GLN A 1 61  ? -7.58424  6.03792   -0.70282  0.430 24.36000 ? 58  GLN A C   1 
ATOM   513  O O   A GLN A 1 61  ? -7.19669  7.18323   -0.79736  0.570 23.17000 ? 58  GLN A O   1 
ATOM   514  O O   B GLN A 1 61  ? -7.24860  7.09364   -1.25451  0.430 22.96000 ? 58  GLN A O   1 
ATOM   515  C CB  A GLN A 1 61  ? -8.67314  4.33030   -1.76366  0.570 26.92000 ? 58  GLN A CB  1 
ATOM   516  C CB  B GLN A 1 61  ? -8.47591  4.13727   -2.06663  0.430 27.10000 ? 58  GLN A CB  1 
ATOM   517  C CG  A GLN A 1 61  ? -8.44719  3.22549   -2.79282  0.570 29.34000 ? 58  GLN A CG  1 
ATOM   518  C CG  B GLN A 1 61  ? -9.22112  5.17927   -2.87688  0.430 27.75000 ? 58  GLN A CG  1 
ATOM   519  C CD  A GLN A 1 61  ? -9.73366  2.68150   -3.39703  0.570 29.58000 ? 58  GLN A CD  1 
ATOM   520  C CD  B GLN A 1 61  ? -10.60438 4.72507   -3.27456  0.430 33.10000 ? 58  GLN A CD  1 
ATOM   521  O OE1 A GLN A 1 61  ? -10.13260 3.08474   -4.49106  0.570 32.68000 ? 58  GLN A OE1 1 
ATOM   522  O OE1 B GLN A 1 61  ? -10.85877 3.52937   -3.41780  0.430 35.77000 ? 58  GLN A OE1 1 
ATOM   523  N NE2 A GLN A 1 61  ? -10.37467 1.74431   -2.69776  0.570 32.54000 ? 58  GLN A NE2 1 
ATOM   524  N NE2 B GLN A 1 61  ? -11.51385 5.67853   -3.45264  0.430 32.91000 ? 58  GLN A NE2 1 
ATOM   525  N N   A LYS A 1 62  ? -8.05135  5.98014   0.90552   0.570 22.73000 ? 59  LYS A N   1 
ATOM   526  N N   B LYS A 1 62  ? -8.24848  6.01448   0.45441   0.430 23.36000 ? 59  LYS A N   1 
ATOM   527  C CA  A LYS A 1 62  ? -8.28903  7.17206   1.71482   0.570 19.94000 ? 59  LYS A CA  1 
ATOM   528  C CA  B LYS A 1 62  ? -8.61904  7.25304   1.12814   0.430 22.13000 ? 59  LYS A CA  1 
ATOM   529  C C   A LYS A 1 62  ? -7.00304  7.94791   1.96741   0.570 24.05000 ? 59  LYS A C   1 
ATOM   530  C C   B LYS A 1 62  ? -7.38746  8.07438   1.48524   0.430 22.67000 ? 59  LYS A C   1 
ATOM   531  O O   A LYS A 1 62  ? -6.98581  9.18066   1.86696   0.570 21.50000 ? 59  LYS A O   1 
ATOM   532  O O   B LYS A 1 62  ? -7.33766  9.28200   1.22415   0.430 23.91000 ? 59  LYS A O   1 
ATOM   533  C CB  A LYS A 1 62  ? -8.95141  6.79143   3.03652   0.570 20.39000 ? 59  LYS A CB  1 
ATOM   534  C CB  B LYS A 1 62  ? -9.44025  6.92798   2.37547   0.430 23.81000 ? 59  LYS A CB  1 
ATOM   535  C CG  A LYS A 1 62  ? -9.27864  7.98104   3.92682   0.570 28.00000 ? 59  LYS A CG  1 
ATOM   536  C CG  B LYS A 1 62  ? -9.72530  8.11958   3.28028   0.430 25.37000 ? 59  LYS A CG  1 
ATOM   537  C CD  A LYS A 1 62  ? -10.02977 7.55243   5.17491   0.570 27.46000 ? 59  LYS A CD  1 
ATOM   538  C CD  B LYS A 1 62  ? -10.67849 7.73369   4.39665   0.430 26.26000 ? 59  LYS A CD  1 
ATOM   539  C CE  A LYS A 1 62  ? -10.69498 8.74222   5.84912   0.570 37.40000 ? 59  LYS A CE  1 
ATOM   540  C CE  B LYS A 1 62  ? -10.76850 8.82010   5.45810   0.430 35.74000 ? 59  LYS A CE  1 
ATOM   541  N NZ  A LYS A 1 62  ? -11.69243 9.41597   4.96365   0.570 28.24000 ? 59  LYS A NZ  1 
ATOM   542  N NZ  B LYS A 1 62  ? -9.55556  8.87721   6.32475   0.430 33.17000 ? 59  LYS A NZ  1 
ATOM   543  N N   A MET A 1 63  ? -5.91497  7.25134   2.29844   0.570 19.31000 ? 60  MET A N   1 
ATOM   544  N N   B MET A 1 63  ? -6.37724  7.43299   2.07981   0.430 20.65000 ? 60  MET A N   1 
ATOM   545  C CA  A MET A 1 63  ? -4.67881  7.96549   2.60185   0.570 18.78000 ? 60  MET A CA  1 
ATOM   546  C CA  B MET A 1 63  ? -5.17685  8.15884   2.48864   0.430 19.60000 ? 60  MET A CA  1 
ATOM   547  C C   A MET A 1 63  ? -4.07813  8.59588   1.35264   0.570 22.07000 ? 60  MET A C   1 
ATOM   548  C C   B MET A 1 63  ? -4.46462  8.77160   1.29005   0.430 21.26000 ? 60  MET A C   1 
ATOM   549  O O   A MET A 1 63  ? -3.59806  9.73373   1.39941   0.570 21.68000 ? 60  MET A O   1 
ATOM   550  O O   B MET A 1 63  ? -4.14870  9.96611   1.28752   0.430 21.30000 ? 60  MET A O   1 
ATOM   551  C CB  A MET A 1 63  ? -3.67354  7.04416   3.29291   0.570 19.91000 ? 60  MET A CB  1 
ATOM   552  C CB  B MET A 1 63  ? -4.23367  7.23814   3.26244   0.430 20.76000 ? 60  MET A CB  1 
ATOM   553  C CG  A MET A 1 63  ? -4.12280  6.53296   4.64981   0.570 16.71000 ? 60  MET A CG  1 
ATOM   554  C CG  B MET A 1 63  ? -4.75244  6.82668   4.62234   0.430 20.97000 ? 60  MET A CG  1 
ATOM   555  S SD  A MET A 1 63  ? -4.38024  7.86049   5.84292   0.570 25.53000 ? 60  MET A SD  1 
ATOM   556  S SD  B MET A 1 63  ? -3.48294  6.01049   5.59974   0.430 30.43000 ? 60  MET A SD  1 
ATOM   557  C CE  A MET A 1 63  ? -6.16093  7.98390   5.80272   0.570 27.16000 ? 60  MET A CE  1 
ATOM   558  C CE  B MET A 1 63  ? -2.24846  7.30462   5.71530   0.430 29.56000 ? 60  MET A CE  1 
ATOM   559  N N   A MET A 1 64  ? -4.09912  7.88378   0.22350   0.570 20.37000 ? 61  MET A N   1 
ATOM   560  N N   B MET A 1 64  ? -4.19553  7.96729   0.25935   0.430 20.34000 ? 61  MET A N   1 
ATOM   561  C CA  A MET A 1 64  ? -3.50587  8.43147   -0.99306  0.570 21.44000 ? 61  MET A CA  1 
ATOM   562  C CA  B MET A 1 64  ? -3.49662  8.49855   -0.90662  0.430 21.40000 ? 61  MET A CA  1 
ATOM   563  C C   A MET A 1 64  ? -4.28130  9.64839   -1.48365  0.570 21.01000 ? 61  MET A C   1 
ATOM   564  C C   B MET A 1 64  ? -4.27881  9.63599   -1.54880  0.430 21.04000 ? 61  MET A C   1 
ATOM   565  O O   A MET A 1 64  ? -3.69265  10.69850  -1.77143  0.570 22.24000 ? 61  MET A O   1 
ATOM   566  O O   B MET A 1 64  ? -3.68876  10.62483  -2.00313  0.430 22.83000 ? 61  MET A O   1 
ATOM   567  C CB  A MET A 1 64  ? -3.43842  7.36067   -2.08314  0.570 19.60000 ? 61  MET A CB  1 
ATOM   568  C CB  B MET A 1 64  ? -3.22553  7.38195   -1.91174  0.430 20.16000 ? 61  MET A CB  1 
ATOM   569  C CG  A MET A 1 64  ? -2.59212  6.16225   -1.70935  0.570 23.82000 ? 61  MET A CG  1 
ATOM   570  C CG  B MET A 1 64  ? -2.22593  6.36234   -1.41390  0.430 19.38000 ? 61  MET A CG  1 
ATOM   571  S SD  A MET A 1 64  ? -0.82376  6.49897   -1.70880  0.570 24.84000 ? 61  MET A SD  1 
ATOM   572  S SD  B MET A 1 64  ? -1.54636  5.39452   -2.76670  0.430 13.02000 ? 61  MET A SD  1 
ATOM   573  C CE  A MET A 1 64  ? -0.55076  6.89624   -3.43369  0.570 22.25000 ? 61  MET A CE  1 
ATOM   574  C CE  B MET A 1 64  ? -0.41432  6.58291   -3.48387  0.430 22.05000 ? 61  MET A CE  1 
ATOM   575  N N   . GLN A 1 65  ? -5.61540  9.50586   -1.60970  1.000 21.99000 ? 62  GLN A N   1 
ATOM   576  C CA  . GLN A 1 65  ? -6.43530  10.58842  -2.16217  1.000 23.98000 ? 62  GLN A CA  1 
ATOM   577  C C   . GLN A 1 65  ? -6.43224  11.85453  -1.29033  1.000 28.01000 ? 62  GLN A C   1 
ATOM   578  O O   . GLN A 1 65  ? -6.37577  12.99469  -1.82541  1.000 36.22000 ? 62  GLN A O   1 
ATOM   579  C CB  . GLN A 1 65  ? -7.82080  10.03023  -2.52725  1.000 26.30000 ? 62  GLN A CB  1 
ATOM   580  C CG  . GLN A 1 65  ? -7.80807  9.12554   -3.68919  1.000 32.48000 ? 62  GLN A CG  1 
ATOM   581  C CD  . GLN A 1 65  ? -9.18187  8.54177   -4.02747  1.000 24.61000 ? 62  GLN A CD  1 
ATOM   582  O OE1 . GLN A 1 65  ? -10.02620 8.34317   -3.17791  1.000 33.60000 ? 62  GLN A OE1 1 
ATOM   583  N NE2 . GLN A 1 65  ? -9.38015  8.26988   -5.28545  1.000 31.05000 ? 62  GLN A NE2 1 
ATOM   584  N N   . GLU A 1 66  ? -6.40906  11.67532  0.04706   1.000 24.76000 ? 63  GLU A N   1 
ATOM   585  C CA  . GLU A 1 66  ? -6.44415  12.84435  0.92215   1.000 27.98000 ? 63  GLU A CA  1 
ATOM   586  C C   . GLU A 1 66  ? -5.06775  13.47463  1.09432   1.000 27.92000 ? 63  GLU A C   1 
ATOM   587  O O   . GLU A 1 66  ? -4.94810  14.70634  1.11251   1.000 32.46000 ? 63  GLU A O   1 
ATOM   588  C CB  . GLU A 1 66  ? -7.01079  12.46856  2.28775   1.000 29.43000 ? 63  GLU A CB  1 
ATOM   589  C CG  . GLU A 1 66  ? -8.47757  12.09080  2.27668   1.000 29.55000 ? 63  GLU A CG  1 
ATOM   590  C CD  . GLU A 1 66  ? -8.98022  11.72720  3.65747   1.000 31.60000 ? 63  GLU A CD  1 
ATOM   591  O OE1 . GLU A 1 66  ? -8.15021  11.65069  4.59449   1.000 43.39000 ? 63  GLU A OE1 1 
ATOM   592  O OE2 . GLU A 1 66  ? -10.20166 11.51643  3.80304   1.000 43.36000 ? 63  GLU A OE2 1 
ATOM   593  N N   . LYS A 1 67  ? -4.02479  12.66015  1.25039   1.000 23.20000 ? 64  LYS A N   1 
ATOM   594  C CA  . LYS A 1 67  ? -2.70306  13.19500  1.56843   1.000 22.38000 ? 64  LYS A CA  1 
ATOM   595  C C   . LYS A 1 67  ? -1.94763  13.73243  0.36157   1.000 20.94000 ? 64  LYS A C   1 
ATOM   596  O O   . LYS A 1 67  ? -1.05045  14.56392  0.54838   1.000 22.59000 ? 64  LYS A O   1 
ATOM   597  C CB  . LYS A 1 67  ? -1.85848  12.17921  2.33965   1.000 23.56000 ? 64  LYS A CB  1 
ATOM   598  C CG  . LYS A 1 67  ? -2.48195  11.85988  3.68844   1.000 26.72000 ? 64  LYS A CG  1 
ATOM   599  C CD  . LYS A 1 67  ? -1.46124  11.49230  4.73926   1.000 35.41000 ? 64  LYS A CD  1 
ATOM   600  C CE  . LYS A 1 67  ? -2.16934  11.08198  6.02763   1.000 35.77000 ? 64  LYS A CE  1 
ATOM   601  N NZ  . LYS A 1 67  ? -1.21501  10.65083  7.08756   1.000 45.20000 ? 64  LYS A NZ  1 
ATOM   602  N N   . GLN A 1 68  ? -2.27689  13.28584  -0.85090  1.000 21.48000 ? 65  GLN A N   1 
ATOM   603  C CA  . GLN A 1 68  ? -1.68524  13.81702  -2.08320  1.000 20.22000 ? 65  GLN A CA  1 
ATOM   604  C C   . GLN A 1 68  ? -0.15452  13.82158  -2.00310  1.000 19.74000 ? 65  GLN A C   1 
ATOM   605  O O   . GLN A 1 68  ? 0.51321   14.85056  -2.12202  1.000 21.84000 ? 65  GLN A O   1 
ATOM   606  C CB  . GLN A 1 68  ? -2.26009  15.19795  -2.43788  1.000 20.82000 ? 65  GLN A CB  1 
ATOM   607  C CG  . GLN A 1 68  ? -3.78696  15.22250  -2.50710  1.000 25.72000 ? 65  GLN A CG  1 
ATOM   608  C CD  . GLN A 1 68  ? -4.35157  16.48987  -3.14054  1.000 30.13000 ? 65  GLN A CD  1 
ATOM   609  O OE1 . GLN A 1 68  ? -3.64999  17.48364  -3.31103  1.000 34.52000 ? 65  GLN A OE1 1 
ATOM   610  N NE2 . GLN A 1 68  ? -5.63129  16.45171  -3.48906  1.000 40.58000 ? 65  GLN A NE2 1 
ATOM   611  N N   . TYR A 1 69  ? 0.40269   12.63229  -1.78460  1.000 17.52000 ? 66  TYR A N   1 
ATOM   612  C CA  . TYR A 1 69  ? 1.82581   12.49744  -1.53352  1.000 17.05000 ? 66  TYR A CA  1 
ATOM   613  C C   . TYR A 1 69  ? 2.66297   12.99067  -2.71145  1.000 17.02000 ? 66  TYR A C   1 
ATOM   614  O O   . TYR A 1 69  ? 2.23026   13.00958  -3.86816  1.000 18.31000 ? 66  TYR A O   1 
ATOM   615  C CB  . TYR A 1 69  ? 2.16623   11.02742  -1.28222  1.000 18.78000 ? 66  TYR A CB  1 
ATOM   616  C CG  . TYR A 1 69  ? 1.52689   10.41194  -0.07376  1.000 18.21000 ? 66  TYR A CG  1 
ATOM   617  C CD1 . TYR A 1 69  ? 1.99206   10.70173  1.19944   1.000 19.02000 ? 66  TYR A CD1 1 
ATOM   618  C CD2 . TYR A 1 69  ? 0.47316   9.50755   -0.20441  1.000 15.02000 ? 66  TYR A CD2 1 
ATOM   619  C CE1 . TYR A 1 69  ? 1.41838   10.11453  2.30927   1.000 17.89000 ? 66  TYR A CE1 1 
ATOM   620  C CE2 . TYR A 1 69  ? -0.09967  8.90947   0.90276   1.000 18.80000 ? 66  TYR A CE2 1 
ATOM   621  C CZ  . TYR A 1 69  ? 0.38557   9.21550   2.15028   1.000 17.53000 ? 66  TYR A CZ  1 
ATOM   622  O OH  . TYR A 1 69  ? -0.18312  8.61278   3.26196   1.000 25.14000 ? 66  TYR A OH  1 
ATOM   623  N N   . LEU A 1 70  ? 3.89908   13.38059  -2.39374  1.000 17.03000 ? 67  LEU A N   1 
ATOM   624  C CA  . LEU A 1 70  ? 4.87068   13.81241  -3.38799  1.000 16.95000 ? 67  LEU A CA  1 
ATOM   625  C C   . LEU A 1 70  ? 5.55129   12.60035  -4.02407  1.000 16.19000 ? 67  LEU A C   1 
ATOM   626  O O   . LEU A 1 70  ? 5.09872   12.11426  -5.06655  1.000 18.03000 ? 67  LEU A O   1 
ATOM   627  C CB  . LEU A 1 70  ? 5.87250   14.77376  -2.73638  1.000 22.59000 ? 67  LEU A CB  1 
ATOM   628  C CG  . LEU A 1 70  ? 5.24462   16.09659  -2.25878  1.000 28.90000 ? 67  LEU A CG  1 
ATOM   629  C CD1 . LEU A 1 70  ? 6.15420   16.81477  -1.27160  1.000 31.97000 ? 67  LEU A CD1 1 
ATOM   630  C CD2 . LEU A 1 70  ? 4.95383   16.99285  -3.43803  1.000 25.13000 ? 67  LEU A CD2 1 
ATOM   631  N N   . LEU A 1 71  ? 6.62456   12.10344  -3.42220  1.000 20.43000 ? 68  LEU A N   1 
ATOM   632  C CA  . LEU A 1 71  ? 7.27277   10.90483  -3.94308  1.000 18.46000 ? 68  LEU A CA  1 
ATOM   633  C C   . LEU A 1 71  ? 6.43945   9.66906   -3.63483  1.000 24.17000 ? 68  LEU A C   1 
ATOM   634  O O   . LEU A 1 71  ? 5.70134   9.62065   -2.64322  1.000 18.40000 ? 68  LEU A O   1 
ATOM   635  C CB  . LEU A 1 71  ? 8.63930   10.72818  -3.29383  1.000 19.60000 ? 68  LEU A CB  1 
ATOM   636  C CG  . LEU A 1 71  ? 9.70239   11.76120  -3.66883  1.000 24.43000 ? 68  LEU A CG  1 
ATOM   637  C CD1 . LEU A 1 71  ? 10.87215  11.69987  -2.70671  1.000 28.81000 ? 68  LEU A CD1 1 
ATOM   638  C CD2 . LEU A 1 71  ? 10.16762  11.57196  -5.11947  1.000 25.60000 ? 68  LEU A CD2 1 
ATOM   639  N N   . ILE A 1 72  ? 6.54690   8.65844   -4.50772  1.000 19.37000 ? 69  ILE A N   1 
ATOM   640  C CA  . ILE A 1 72  ? 5.96386   7.36264   -4.17065  1.000 16.09000 ? 69  ILE A CA  1 
ATOM   641  C C   . ILE A 1 72  ? 6.51128   6.90447   -2.83284  1.000 18.76000 ? 69  ILE A C   1 
ATOM   642  O O   . ILE A 1 72  ? 5.77908   6.35572   -1.99824  1.000 17.91000 ? 69  ILE A O   1 
ATOM   643  C CB  . ILE A 1 72  ? 6.27081   6.32191   -5.26838  1.000 17.15000 ? 69  ILE A CB  1 
ATOM   644  C CG1 . ILE A 1 72  ? 5.73913   6.79034   -6.61786  1.000 20.45000 ? 69  ILE A CG1 1 
ATOM   645  C CG2 . ILE A 1 72  ? 5.67784   4.95310   -4.88418  1.000 20.43000 ? 69  ILE A CG2 1 
ATOM   646  C CD1 . ILE A 1 72  ? 6.14452   5.88142   -7.76247  1.000 24.23000 ? 69  ILE A CD1 1 
ATOM   647  N N   . GLU A 1 73  ? 7.80693   7.13888   -2.61267  1.000 18.51000 ? 70  GLU A N   1 
ATOM   648  C CA  . GLU A 1 73  ? 8.46262   6.73951   -1.37771  1.000 18.61000 ? 70  GLU A CA  1 
ATOM   649  C C   . GLU A 1 73  ? 7.83358   7.42476   -0.17189  1.000 20.58000 ? 70  GLU A C   1 
ATOM   650  O O   . GLU A 1 73  ? 7.80824   6.84886   0.91760   1.000 21.32000 ? 70  GLU A O   1 
ATOM   651  C CB  . GLU A 1 73  ? 9.95665   7.05369   -1.47369  1.000 22.83000 ? 70  GLU A CB  1 
ATOM   652  C CG  . GLU A 1 73  ? 10.77489  6.13605   -2.42547  1.000 25.55000 ? 70  GLU A CG  1 
ATOM   653  C CD  . GLU A 1 73  ? 10.64211  6.47266   -3.91321  1.000 26.48000 ? 70  GLU A CD  1 
ATOM   654  O OE1 . GLU A 1 73  ? 9.84765   7.36746   -4.29319  1.000 23.45000 ? 70  GLU A OE1 1 
ATOM   655  O OE2 . GLU A 1 73  ? 11.34440  5.83012   -4.73190  1.000 27.31000 ? 70  GLU A OE2 1 
ATOM   656  N N   . ASP A 1 74  ? 7.29515   8.63526   -0.34879  1.000 20.62000 ? 71  ASP A N   1 
ATOM   657  C CA  . ASP A 1 74  ? 6.59363   9.29010   0.75328   1.000 22.50000 ? 71  ASP A CA  1 
ATOM   658  C C   . ASP A 1 74  ? 5.30731   8.54850   1.09217   1.000 20.60000 ? 71  ASP A C   1 
ATOM   659  O O   . ASP A 1 74  ? 4.99427   8.34063   2.27070   1.000 17.54000 ? 71  ASP A O   1 
ATOM   660  C CB  . ASP A 1 74  ? 6.27369   10.74306  0.37293   1.000 21.04000 ? 71  ASP A CB  1 
ATOM   661  C CG  . ASP A 1 74  ? 7.51865   11.60924  0.22943   1.000 34.11000 ? 71  ASP A CG  1 
ATOM   662  O OD1 . ASP A 1 74  ? 8.53178   11.34158  0.91785   1.000 34.01000 ? 71  ASP A OD1 1 
ATOM   663  O OD2 . ASP A 1 74  ? 7.49033   12.55988  -0.59101  1.000 27.27000 ? 71  ASP A OD2 1 
ATOM   664  N N   . ALA A 1 75  ? 4.55741   8.13283   0.06812   1.000 18.44000 ? 72  ALA A N   1 
ATOM   665  C CA  . ALA A 1 75  ? 3.37248   7.31552   0.28436   1.000 16.22000 ? 72  ALA A CA  1 
ATOM   666  C C   . ALA A 1 75  ? 3.73147   6.00127   0.95623   1.000 16.91000 ? 72  ALA A C   1 
ATOM   667  O O   . ALA A 1 75  ? 3.04635   5.57540   1.89148   1.000 16.77000 ? 72  ALA A O   1 
ATOM   668  C CB  . ALA A 1 75  ? 2.68486   7.04808   -1.05137  1.000 15.01000 ? 72  ALA A CB  1 
ATOM   669  N N   . LEU A 1 76  ? 4.80441   5.34982   0.50643   1.000 15.86000 ? 73  LEU A N   1 
ATOM   670  C CA  . LEU A 1 76  ? 5.14543   4.04047   1.06434   1.000 15.27000 ? 73  LEU A CA  1 
ATOM   671  C C   . LEU A 1 76  ? 5.50492   4.14728   2.53691   1.000 18.39000 ? 73  LEU A C   1 
ATOM   672  O O   . LEU A 1 76  ? 5.16323   3.26691   3.33793   1.000 17.64000 ? 73  LEU A O   1 
ATOM   673  C CB  . LEU A 1 76  ? 6.33108   3.46420   0.31205   1.000 17.44000 ? 73  LEU A CB  1 
ATOM   674  C CG  . LEU A 1 76  ? 6.08236   3.07483   -1.13375  1.000 17.16000 ? 73  LEU A CG  1 
ATOM   675  C CD1 . LEU A 1 76  ? 7.42950   2.69119   -1.75000  1.000 17.31000 ? 73  LEU A CD1 1 
ATOM   676  C CD2 . LEU A 1 76  ? 5.07705   1.94916   -1.24019  1.000 19.18000 ? 73  LEU A CD2 1 
ATOM   677  N N   . LYS A 1 77  ? 6.24789   5.19183   2.88825   1.000 17.99000 ? 74  LYS A N   1 
ATOM   678  C CA  . LYS A 1 77  ? 6.66399   5.41471   4.27341   1.000 19.35000 ? 74  LYS A CA  1 
ATOM   679  C C   . LYS A 1 77  ? 5.45458   5.56780   5.17867   1.000 19.33000 ? 74  LYS A C   1 
ATOM   680  O O   . LYS A 1 77  ? 5.36025   4.92308   6.23613   1.000 21.06000 ? 74  LYS A O   1 
ATOM   681  C CB  . LYS A 1 77  ? 7.49148   6.70163   4.30763   1.000 20.70000 ? 74  LYS A CB  1 
ATOM   682  C CG  . LYS A 1 77  ? 8.27221   7.00077   5.57493   1.000 33.54000 ? 74  LYS A CG  1 
ATOM   683  C CD  . LYS A 1 77  ? 9.43103   7.94319   5.23126   1.000 51.02000 ? 74  LYS A CD  1 
ATOM   684  C CE  . LYS A 1 77  ? 8.97336   9.02909   4.23643   1.000 49.33000 ? 74  LYS A CE  1 
ATOM   685  N NZ  . LYS A 1 77  ? 10.01746  9.47649   3.26059   1.000 54.87000 ? 74  LYS A NZ  1 
ATOM   686  N N   . ASP A 1 78  ? 4.52397   6.43844   4.77937   1.000 17.65000 ? 75  ASP A N   1 
ATOM   687  C CA  . ASP A 1 78  ? 3.34158   6.72577   5.58477   1.000 20.12000 ? 75  ASP A CA  1 
ATOM   688  C C   . ASP A 1 78  ? 2.40988   5.52201   5.64818   1.000 22.60000 ? 75  ASP A C   1 
ATOM   689  O O   . ASP A 1 78  ? 1.98363   5.10895   6.73739   1.000 20.37000 ? 75  ASP A O   1 
ATOM   690  C CB  . ASP A 1 78  ? 2.59780   7.93785   5.00645   1.000 19.88000 ? 75  ASP A CB  1 
ATOM   691  C CG  . ASP A 1 78  ? 1.67245   8.61103   6.01496   1.000 29.10000 ? 75  ASP A CG  1 
ATOM   692  O OD1 . ASP A 1 78  ? 1.97354   8.59146   7.22026   1.000 35.34000 ? 75  ASP A OD1 1 
ATOM   693  O OD2 . ASP A 1 78  ? 0.61892   9.14483   5.60012   1.000 24.67000 ? 75  ASP A OD2 1 
ATOM   694  N N   . LEU A 1 79  ? 2.07941   4.94666   4.48424   1.000 19.07000 ? 76  LEU A N   1 
ATOM   695  C CA  . LEU A 1 79  ? 1.12863   3.84262   4.43490   1.000 17.63000 ? 76  LEU A CA  1 
ATOM   696  C C   . LEU A 1 79  ? 1.63260   2.63585   5.20834   1.000 17.76000 ? 76  LEU A C   1 
ATOM   697  O O   . LEU A 1 79  ? 0.85812   1.98051   5.90805   1.000 20.73000 ? 76  LEU A O   1 
ATOM   698  C CB  . LEU A 1 79  ? 0.86365   3.44160   2.97654   1.000 17.99000 ? 76  LEU A CB  1 
ATOM   699  C CG  . LEU A 1 79  ? 0.03719   4.44080   2.18758   1.000 21.94000 ? 76  LEU A CG  1 
ATOM   700  C CD1 . LEU A 1 79  ? 0.00240   4.04901   0.71244   1.000 22.20000 ? 76  LEU A CD1 1 
ATOM   701  C CD2 . LEU A 1 79  ? -1.36631  4.50267   2.72667   1.000 26.49000 ? 76  LEU A CD2 1 
ATOM   702  N N   A SER A 1 80  ? 2.91847   2.30942   5.07931   0.810 17.02000 ? 77  SER A N   1 
ATOM   703  N N   B SER A 1 80  ? 2.92450   2.32775   5.10260   0.190 17.12000 ? 77  SER A N   1 
ATOM   704  C CA  A SER A 1 80  ? 3.43600   1.13957   5.78358   0.810 18.41000 ? 77  SER A CA  1 
ATOM   705  C CA  B SER A 1 80  ? 3.45626   1.13669   5.75601   0.190 18.31000 ? 77  SER A CA  1 
ATOM   706  C C   A SER A 1 80  ? 3.36849   1.34848   7.28677   0.810 19.55000 ? 77  SER A C   1 
ATOM   707  C C   B SER A 1 80  ? 3.59691   1.30710   7.26570   0.190 19.29000 ? 77  SER A C   1 
ATOM   708  O O   A SER A 1 80  ? 2.93714   0.45597   8.02304   0.810 20.60000 ? 77  SER A O   1 
ATOM   709  O O   B SER A 1 80  ? 3.59448   0.30728   7.99106   0.190 18.09000 ? 77  SER A O   1 
ATOM   710  C CB  A SER A 1 80  ? 4.84942   0.77344   5.31695   0.810 20.39000 ? 77  SER A CB  1 
ATOM   711  C CB  B SER A 1 80  ? 4.78499   0.73075   5.12043   0.190 20.56000 ? 77  SER A CB  1 
ATOM   712  O OG  A SER A 1 80  ? 5.79077   1.78619   5.64873   0.810 17.40000 ? 77  SER A OG  1 
ATOM   713  O OG  B SER A 1 80  ? 5.21616   -0.50578  5.63830   0.190 21.95000 ? 77  SER A OG  1 
ATOM   714  N N   . GLN A 1 81  ? 3.73497   2.54258   7.75319   1.000 19.77000 ? 78  GLN A N   1 
ATOM   715  C CA  . GLN A 1 81  ? 3.67336   2.80101   9.19078   1.000 19.00000 ? 78  GLN A CA  1 
ATOM   716  C C   . GLN A 1 81  ? 2.23540   2.74953   9.68197   1.000 20.28000 ? 78  GLN A C   1 
ATOM   717  O O   . GLN A 1 81  ? 1.95191   2.17159   10.74414  1.000 22.96000 ? 78  GLN A O   1 
ATOM   718  C CB  . GLN A 1 81  ? 4.31440   4.15743   9.47351   1.000 20.52000 ? 78  GLN A CB  1 
ATOM   719  C CG  . GLN A 1 81  ? 4.52888   4.52161   10.96920  1.000 31.55000 ? 78  GLN A CG  1 
ATOM   720  C CD  . GLN A 1 81  ? 3.26862   5.01490   11.69403  1.000 37.49000 ? 78  GLN A CD  1 
ATOM   721  O OE1 . GLN A 1 81  ? 3.02783   4.67716   12.86356  1.000 42.88000 ? 78  GLN A OE1 1 
ATOM   722  N NE2 . GLN A 1 81  ? 2.48433   5.84221   11.01688  1.000 41.10000 ? 78  GLN A NE2 1 
ATOM   723  N N   A ILE A 1 82  ? 1.30309   3.27189   8.88413   0.850 19.08000 ? 79  ILE A N   1 
ATOM   724  N N   B ILE A 1 82  ? 1.30900   3.33507   8.92372   0.150 19.25000 ? 79  ILE A N   1 
ATOM   725  C CA  A ILE A 1 82  ? -0.10896  3.22328   9.24360   0.850 19.06000 ? 79  ILE A CA  1 
ATOM   726  C CA  B ILE A 1 82  ? -0.08271  3.36587   9.34907   0.150 19.55000 ? 79  ILE A CA  1 
ATOM   727  C C   A ILE A 1 82  ? -0.59422  1.78435   9.30064   0.850 23.29000 ? 79  ILE A C   1 
ATOM   728  C C   B ILE A 1 82  ? -0.72381  1.98807   9.28368   0.150 23.21000 ? 79  ILE A C   1 
ATOM   729  O O   A ILE A 1 82  ? -1.32758  1.39187   10.21696  0.850 23.05000 ? 79  ILE A O   1 
ATOM   730  O O   B ILE A 1 82  ? -1.72518  1.73689   9.96682   0.150 23.26000 ? 79  ILE A O   1 
ATOM   731  C CB  A ILE A 1 82  ? -0.92903  4.07473   8.25512   0.850 23.33000 ? 79  ILE A CB  1 
ATOM   732  C CB  B ILE A 1 82  ? -0.85988  4.41963   8.53724   0.150 24.01000 ? 79  ILE A CB  1 
ATOM   733  C CG1 A ILE A 1 82  ? -0.74108  5.56694   8.55501   0.850 20.88000 ? 79  ILE A CG1 1 
ATOM   734  C CG1 B ILE A 1 82  ? -2.12110  4.85681   9.28509   0.150 26.17000 ? 79  ILE A CG1 1 
ATOM   735  C CG2 A ILE A 1 82  ? -2.40925  3.71722   8.30474   0.850 27.00000 ? 79  ILE A CG2 1 
ATOM   736  C CG2 B ILE A 1 82  ? -1.21363  3.87817   7.16344   0.150 23.42000 ? 79  ILE A CG2 1 
ATOM   737  C CD1 A ILE A 1 82  ? -1.03608  6.47743   7.36475   0.850 30.21000 ? 79  ILE A CD1 1 
ATOM   738  C CD1 B ILE A 1 82  ? -3.38361  4.19345   8.78491   0.150 27.81000 ? 79  ILE A CD1 1 
ATOM   739  N N   A LEU A 1 83  ? -0.20791  0.97358   8.31773   0.850 22.49000 ? 80  LEU A N   1 
ATOM   740  N N   B LEU A 1 83  ? -0.17084  1.08336   8.47554   0.150 22.18000 ? 80  LEU A N   1 
ATOM   741  C CA  A LEU A 1 83  ? -0.73144  -0.38764  8.28117   0.850 21.24000 ? 80  LEU A CA  1 
ATOM   742  C CA  B LEU A 1 83  ? -0.72942  -0.25901  8.37613   0.150 21.52000 ? 80  LEU A CA  1 
ATOM   743  C C   A LEU A 1 83  ? -0.20033  -1.21997  9.44206   0.850 22.78000 ? 80  LEU A C   1 
ATOM   744  C C   B LEU A 1 83  ? -0.21063  -1.15438  9.49215   0.150 22.72000 ? 80  LEU A C   1 
ATOM   745  O O   A LEU A 1 83  ? -0.94732  -2.01829  10.01871  0.850 23.71000 ? 80  LEU A O   1 
ATOM   746  O O   B LEU A 1 83  ? -0.97300  -1.93111  10.07896  0.150 23.92000 ? 80  LEU A O   1 
ATOM   747  C CB  A LEU A 1 83  ? -0.42550  -1.04673  6.93799   0.850 20.96000 ? 80  LEU A CB  1 
ATOM   748  C CB  B LEU A 1 83  ? -0.37101  -0.85603  7.02176   0.150 21.19000 ? 80  LEU A CB  1 
ATOM   749  C CG  A LEU A 1 83  ? -1.19628  -0.49865  5.72994   0.850 18.43000 ? 80  LEU A CG  1 
ATOM   750  C CG  B LEU A 1 83  ? -1.34422  -1.85486  6.41267   0.150 20.81000 ? 80  LEU A CG  1 
ATOM   751  C CD1 A LEU A 1 83  ? -0.45964  -0.89045  4.45745   0.850 19.51000 ? 80  LEU A CD1 1 
ATOM   752  C CD1 B LEU A 1 83  ? -2.78190  -1.37390  6.51673   0.150 24.00000 ? 80  LEU A CD1 1 
ATOM   753  C CD2 A LEU A 1 83  ? -2.61593  -1.00163  5.67742   0.850 21.98000 ? 80  LEU A CD2 1 
ATOM   754  C CD2 B LEU A 1 83  ? -0.94429  -2.04710  4.97767   0.150 19.82000 ? 80  LEU A CD2 1 
ATOM   755  N N   . LYS A 1 84  ? 1.08728   -1.06129  9.78510   1.000 19.67000 ? 81  LYS A N   1 
ATOM   756  C CA  . LYS A 1 84  ? 1.67204   -1.82158  10.89097  1.000 17.87000 ? 81  LYS A CA  1 
ATOM   757  C C   . LYS A 1 84  ? 1.07969   -1.40150  12.23099  1.000 31.32000 ? 81  LYS A C   1 
ATOM   758  O O   . LYS A 1 84  ? 0.81607   -2.24981  13.09240  1.000 29.12000 ? 81  LYS A O   1 
ATOM   759  C CB  . LYS A 1 84  ? 3.19581   -1.67871  10.89328  1.000 24.22000 ? 81  LYS A CB  1 
ATOM   760  C CG  . LYS A 1 84  ? 3.90401   -2.24626  12.12992  1.000 19.56000 ? 81  LYS A CG  1 
ATOM   761  C CD  . LYS A 1 84  ? 3.61346   -3.72641  12.36178  1.000 23.08000 ? 81  LYS A CD  1 
ATOM   762  C CE  . LYS A 1 84  ? 4.60287   -4.29022  13.37479  1.000 22.61000 ? 81  LYS A CE  1 
ATOM   763  N NZ  . LYS A 1 84  ? 4.47994   -5.76103  13.59470  1.000 27.34000 ? 81  LYS A NZ  1 
ATOM   764  N N   A THR A 1 85  ? 0.88071   -0.09589  12.42158  0.660 27.75000 ? 82  THR A N   1 
ATOM   765  N N   B THR A 1 85  ? 0.85489   -0.10374  12.44121  0.340 27.76000 ? 82  THR A N   1 
ATOM   766  C CA  A THR A 1 85  ? 0.25480   0.38110   13.64695  0.660 30.19000 ? 82  THR A CA  1 
ATOM   767  C CA  B THR A 1 85  ? 0.26355   0.28836   13.71804  0.340 30.08000 ? 82  THR A CA  1 
ATOM   768  C C   A THR A 1 85  ? -1.15490  -0.17494  13.77753  0.660 29.54000 ? 82  THR A C   1 
ATOM   769  C C   B THR A 1 85  ? -1.22590  -0.01866  13.79746  0.340 29.60000 ? 82  THR A C   1 
ATOM   770  O O   A THR A 1 85  ? -1.57307  -0.57494  14.87052  0.660 32.33000 ? 82  THR A O   1 
ATOM   771  O O   B THR A 1 85  ? -1.77995  -0.04986  14.90160  0.340 35.06000 ? 82  THR A O   1 
ATOM   772  C CB  A THR A 1 85  ? 0.25276   1.91053   13.65223  0.660 28.66000 ? 82  THR A CB  1 
ATOM   773  C CB  B THR A 1 85  ? 0.55514   1.75408   14.06048  0.340 30.37000 ? 82  THR A CB  1 
ATOM   774  O OG1 A THR A 1 85  ? 1.57623   2.38106   13.36720  0.660 30.35000 ? 82  THR A OG1 1 
ATOM   775  O OG1 B THR A 1 85  ? 0.02593   2.61003   13.04255  0.340 26.26000 ? 82  THR A OG1 1 
ATOM   776  C CG2 A THR A 1 85  ? -0.17136  2.44210   15.00783  0.660 30.50000 ? 82  THR A CG2 1 
ATOM   777  C CG2 B THR A 1 85  ? 2.05781   1.97623   14.19898  0.340 30.82000 ? 82  THR A CG2 1 
ATOM   778  N N   . ARG A 1 86  ? -1.88527  -0.25900  12.66146  1.000 29.41000 ? 83  ARG A N   1 
ATOM   779  C CA  . ARG A 1 86  ? -3.25782  -0.75108  12.70417  1.000 25.18000 ? 83  ARG A CA  1 
ATOM   780  C C   . ARG A 1 86  ? -3.32700  -2.26600  12.88522  1.000 40.55000 ? 83  ARG A C   1 
ATOM   781  O O   . ARG A 1 86  ? -4.29467  -2.77126  13.46990  1.000 36.70000 ? 83  ARG A O   1 
ATOM   782  C CB  . ARG A 1 86  ? -4.04824  -0.31166  11.47070  1.000 39.20000 ? 83  ARG A CB  1 
ATOM   783  C CG  . ARG A 1 86  ? -5.55304  -0.45638  11.66462  1.000 41.62000 ? 83  ARG A CG  1 
ATOM   784  C CD  . ARG A 1 86  ? -6.35639  -0.27690  10.38413  1.000 35.14000 ? 83  ARG A CD  1 
ATOM   785  N NE  . ARG A 1 86  ? -7.74096  -0.71682  10.57004  1.000 54.66000 ? 83  ARG A NE  1 
ATOM   786  C CZ  . ARG A 1 86  ? -8.75469  0.08772   10.88340  1.000 65.61000 ? 83  ARG A CZ  1 
ATOM   787  N NH1 . ARG A 1 86  ? -8.54959  1.38918   11.04387  1.000 68.66000 ? 83  ARG A NH1 1 
ATOM   788  N NH2 . ARG A 1 86  ? -9.97816  -0.40697  11.03687  1.000 60.66000 ? 83  ARG A NH2 1 
ATOM   789  N N   . TYR A 1 87  ? -2.31788  -3.00605  12.40248  1.000 31.21000 ? 84  TYR A N   1 
ATOM   790  C CA  . TYR A 1 87  ? -2.26930  -4.47195  12.50606  1.000 31.24000 ? 84  TYR A CA  1 
ATOM   791  C C   . TYR A 1 87  ? -0.90447  -4.85066  13.07302  1.000 34.91000 ? 84  TYR A C   1 
ATOM   792  O O   . TYR A 1 87  ? -0.03141  -5.31437  12.34328  1.000 29.21000 ? 84  TYR A O   1 
ATOM   793  C CB  . TYR A 1 87  ? -2.52439  -5.13012  11.14379  1.000 36.48000 ? 84  TYR A CB  1 
ATOM   794  C CG  . TYR A 1 87  ? -3.77602  -4.66239  10.43846  1.000 33.91000 ? 84  TYR A CG  1 
ATOM   795  C CD1 . TYR A 1 87  ? -5.02910  -5.05992  10.88226  1.000 40.22000 ? 84  TYR A CD1 1 
ATOM   796  C CD2 . TYR A 1 87  ? -3.70812  -3.83774  9.32156   1.000 30.47000 ? 84  TYR A CD2 1 
ATOM   797  C CE1 . TYR A 1 87  ? -6.17607  -4.65006  10.24015  1.000 33.88000 ? 84  TYR A CE1 1 
ATOM   798  C CE2 . TYR A 1 87  ? -4.85142  -3.41663  8.67567   1.000 29.79000 ? 84  TYR A CE2 1 
ATOM   799  C CZ  . TYR A 1 87  ? -6.08440  -3.82867  9.13976   1.000 41.90000 ? 84  TYR A CZ  1 
ATOM   800  O OH  . TYR A 1 87  ? -7.23466  -3.41812  8.50470   1.000 40.35000 ? 84  TYR A OH  1 
ATOM   801  N N   . LYS A 1 88  ? -0.72287  -4.65814  14.38466  1.000 26.75000 ? 85  LYS A N   1 
ATOM   802  C CA  . LYS A 1 88  ? 0.57593   -4.90405  15.00338  1.000 33.10000 ? 85  LYS A CA  1 
ATOM   803  C C   . LYS A 1 88  ? 1.02102   -6.35174  14.85685  1.000 22.62000 ? 85  LYS A C   1 
ATOM   804  O O   . LYS A 1 88  ? 2.22119   -6.63113  14.92012  1.000 29.51000 ? 85  LYS A O   1 
ATOM   805  C CB  . LYS A 1 88  ? 0.52387   -4.54098  16.48860  1.000 36.23000 ? 85  LYS A CB  1 
ATOM   806  C CG  . LYS A 1 88  ? 0.04552   -3.12711  16.77593  1.000 41.93000 ? 85  LYS A CG  1 
ATOM   807  C CD  . LYS A 1 88  ? 1.13443   -2.09407  16.59323  1.000 42.87000 ? 85  LYS A CD  1 
ATOM   808  C CE  . LYS A 1 88  ? 0.96788   -0.96159  17.61380  1.000 30.24000 ? 85  LYS A CE  1 
ATOM   809  N NZ  . LYS A 1 88  ? -0.41940  -0.41731  17.59964  1.000 36.60000 ? 85  LYS A NZ  1 
ATOM   810  N N   . GLU A 1 89  ? 0.08062   -7.27076  14.64277  1.000 26.17000 ? 86  GLU A N   1 
ATOM   811  C CA  . GLU A 1 89  ? 0.38943   -8.69017  14.54538  1.000 26.63000 ? 86  GLU A CA  1 
ATOM   812  C C   . GLU A 1 89  ? 1.15740   -9.04146  13.28400  1.000 23.96000 ? 86  GLU A C   1 
ATOM   813  O O   . GLU A 1 89  ? 1.65282   -10.16594 13.17707  1.000 27.93000 ? 86  GLU A O   1 
ATOM   814  C CB  . GLU A 1 89  ? -0.90983  -9.50431  14.57695  1.000 34.35000 ? 86  GLU A CB  1 
ATOM   815  C CG  . GLU A 1 89  ? -1.98807  -8.99989  13.61904  1.000 45.07000 ? 86  GLU A CG  1 
ATOM   816  C CD  . GLU A 1 89  ? -2.82452  -7.86916  14.20707  1.000 51.62000 ? 86  GLU A CD  1 
ATOM   817  O OE1 . GLU A 1 89  ? -2.23836  -6.98121  14.85914  1.000 50.18000 ? 86  GLU A OE1 1 
ATOM   818  O OE2 . GLU A 1 89  ? -4.06001  -7.85271  14.00847  1.000 65.26000 ? 86  GLU A OE2 1 
ATOM   819  N N   A ILE A 1 90  ? 1.29551   -8.09581  12.34992  0.230 26.86000 ? 87  ILE A N   1 
ATOM   820  N N   B ILE A 1 90  ? 1.25341   -8.13794  12.31112  0.770 26.91000 ? 87  ILE A N   1 
ATOM   821  C CA  A ILE A 1 90  ? 1.98316   -8.35037  11.08906  0.230 25.78000 ? 87  ILE A CA  1 
ATOM   822  C CA  B ILE A 1 90  ? 1.86969   -8.54243  11.05918  0.770 26.59000 ? 87  ILE A CA  1 
ATOM   823  C C   A ILE A 1 90  ? 3.41931   -8.78556  11.34106  0.230 26.68000 ? 87  ILE A C   1 
ATOM   824  C C   B ILE A 1 90  ? 3.36334   -8.76310  11.24725  0.770 26.88000 ? 87  ILE A C   1 
ATOM   825  O O   A ILE A 1 90  ? 4.12524   -8.21820  12.18408  0.230 23.69000 ? 87  ILE A O   1 
ATOM   826  O O   B ILE A 1 90  ? 4.04412   -8.04360  11.99442  0.770 24.12000 ? 87  ILE A O   1 
ATOM   827  C CB  A ILE A 1 90  ? 1.93050   -7.08233  10.22049  0.230 22.68000 ? 87  ILE A CB  1 
ATOM   828  C CB  B ILE A 1 90  ? 1.53120   -7.58588  9.90501   0.770 21.44000 ? 87  ILE A CB  1 
ATOM   829  C CG1 A ILE A 1 90  ? 0.54396   -6.91815  9.60339   0.230 22.93000 ? 87  ILE A CG1 1 
ATOM   830  C CG1 B ILE A 1 90  ? 2.14328   -6.21216  10.13810  0.770 20.30000 ? 87  ILE A CG1 1 
ATOM   831  C CG2 A ILE A 1 90  ? 2.99559   -7.11046  9.13212   0.230 22.76000 ? 87  ILE A CG2 1 
ATOM   832  C CG2 B ILE A 1 90  ? 0.02177   -7.50134  9.70961   0.770 20.38000 ? 87  ILE A CG2 1 
ATOM   833  C CD1 A ILE A 1 90  ? 0.05396   -8.15197  8.89601   0.230 23.28000 ? 87  ILE A CD1 1 
ATOM   834  C CD1 B ILE A 1 90  ? 2.03576   -5.31914  8.89473   0.770 19.48000 ? 87  ILE A CD1 1 
ATOM   835  N N   . THR A 1 91  ? 3.86441   -9.80450  10.60121  1.000 20.58000 ? 88  THR A N   1 
ATOM   836  C CA  . THR A 1 91  ? 5.26412   -10.16401 10.61457  1.000 20.45000 ? 88  THR A CA  1 
ATOM   837  C C   . THR A 1 91  ? 5.99019   -9.68121  9.37449   1.000 20.98000 ? 88  THR A C   1 
ATOM   838  O O   . THR A 1 91  ? 7.21852   -9.58920  9.38407   1.000 20.73000 ? 88  THR A O   1 
ATOM   839  C CB  . THR A 1 91  ? 5.40461   -11.68777 10.73699  1.000 22.69000 ? 88  THR A CB  1 
ATOM   840  O OG1 . THR A 1 91  ? 4.65310   -12.31237 9.68780   1.000 23.14000 ? 88  THR A OG1 1 
ATOM   841  C CG2 . THR A 1 91  ? 4.83681   -12.17351 12.06507  1.000 24.57000 ? 88  THR A CG2 1 
ATOM   842  N N   . GLU A 1 92  ? 5.26298   -9.34778  8.30460   1.000 18.92000 ? 89  GLU A N   1 
ATOM   843  C CA  . GLU A 1 92  ? 5.92335   -8.92164  7.08321   1.000 18.01000 ? 89  GLU A CA  1 
ATOM   844  C C   . GLU A 1 92  ? 4.90331   -8.14195  6.27180   1.000 17.15000 ? 89  GLU A C   1 
ATOM   845  O O   . GLU A 1 92  ? 3.71418   -8.47045  6.28701   1.000 16.93000 ? 89  GLU A O   1 
ATOM   846  C CB  . GLU A 1 92  ? 6.44399   -10.13348 6.30045   1.000 18.64000 ? 89  GLU A CB  1 
ATOM   847  C CG  . GLU A 1 92  ? 7.06537   -9.81124  4.93949   1.000 22.53000 ? 89  GLU A CG  1 
ATOM   848  C CD  . GLU A 1 92  ? 7.55099   -11.05374 4.21103   1.000 33.55000 ? 89  GLU A CD  1 
ATOM   849  O OE1 . GLU A 1 92  ? 7.76001   -12.09373 4.87893   1.000 42.00000 ? 89  GLU A OE1 1 
ATOM   850  O OE2 . GLU A 1 92  ? 7.71957   -10.99354 2.97094   1.000 37.21000 ? 89  GLU A OE2 1 
ATOM   851  N N   . LEU A 1 93  ? 5.36127   -7.07161  5.64186   1.000 16.10000 ? 90  LEU A N   1 
ATOM   852  C CA  . LEU A 1 93  ? 4.52212   -6.22255  4.80639   1.000 15.27000 ? 90  LEU A CA  1 
ATOM   853  C C   . LEU A 1 93  ? 5.25007   -6.01764  3.49588   1.000 14.92000 ? 90  LEU A C   1 
ATOM   854  O O   . LEU A 1 93  ? 6.45953   -5.77645  3.48018   1.000 16.51000 ? 90  LEU A O   1 
ATOM   855  C CB  . LEU A 1 93  ? 4.29352   -4.85618  5.49605   1.000 16.89000 ? 90  LEU A CB  1 
ATOM   856  C CG  . LEU A 1 93  ? 3.55143   -3.74743  4.75580   1.000 19.08000 ? 90  LEU A CG  1 
ATOM   857  C CD1 . LEU A 1 93  ? 2.89489   -2.84665  5.75882   1.000 19.57000 ? 90  LEU A CD1 1 
ATOM   858  C CD2 . LEU A 1 93  ? 4.49459   -2.93529  3.86794   1.000 18.68000 ? 90  LEU A CD2 1 
ATOM   859  N N   . TYR A 1 94  ? 4.52470   -6.12717  2.38406   1.000 13.38000 ? 91  TYR A N   1 
ATOM   860  C CA  . TYR A 1 94  ? 5.07316   -5.76087  1.08905   1.000 12.78000 ? 91  TYR A CA  1 
ATOM   861  C C   . TYR A 1 94  ? 4.07809   -4.83072  0.42430   1.000 14.97000 ? 91  TYR A C   1 
ATOM   862  O O   . TYR A 1 94  ? 2.89828   -5.16907  0.32214   1.000 14.74000 ? 91  TYR A O   1 
ATOM   863  C CB  . TYR A 1 94  ? 5.29722   -6.98127  0.18979   1.000 15.97000 ? 91  TYR A CB  1 
ATOM   864  C CG  . TYR A 1 94  ? 5.78323   -6.59242  -1.18944  1.000 17.03000 ? 91  TYR A CG  1 
ATOM   865  C CD1 . TYR A 1 94  ? 7.05190   -6.08328  -1.36224  1.000 16.44000 ? 91  TYR A CD1 1 
ATOM   866  C CD2 . TYR A 1 94  ? 4.96364   -6.69541  -2.31067  1.000 23.68000 ? 91  TYR A CD2 1 
ATOM   867  C CE1 . TYR A 1 94  ? 7.52478   -5.71450  -2.59616  1.000 17.69000 ? 91  TYR A CE1 1 
ATOM   868  C CE2 . TYR A 1 94  ? 5.43694   -6.32347  -3.57364  1.000 23.81000 ? 91  TYR A CE2 1 
ATOM   869  C CZ  . TYR A 1 94  ? 6.72732   -5.83866  -3.69140  1.000 19.55000 ? 91  TYR A CZ  1 
ATOM   870  O OH  . TYR A 1 94  ? 7.24542   -5.44614  -4.89873  1.000 25.28000 ? 91  TYR A OH  1 
ATOM   871  N N   . LEU A 1 95  ? 4.53518   -3.65194  0.01913   1.000 12.58000 ? 92  LEU A N   1 
ATOM   872  C CA  . LEU A 1 95  ? 3.66815   -2.66696  -0.60881  1.000 12.04000 ? 92  LEU A CA  1 
ATOM   873  C C   . LEU A 1 95  ? 4.38118   -2.09213  -1.81412  1.000 14.35000 ? 92  LEU A C   1 
ATOM   874  O O   . LEU A 1 95  ? 5.51979   -1.63175  -1.69807  1.000 15.71000 ? 92  LEU A O   1 
ATOM   875  C CB  . LEU A 1 95  ? 3.33988   -1.54552  0.39527   1.000 13.45000 ? 92  LEU A CB  1 
ATOM   876  C CG  . LEU A 1 95  ? 2.55443   -0.33223  -0.06901  1.000 13.53000 ? 92  LEU A CG  1 
ATOM   877  C CD1 . LEU A 1 95  ? 1.14277   -0.69678  -0.45730  1.000 15.27000 ? 92  LEU A CD1 1 
ATOM   878  C CD2 . LEU A 1 95  ? 2.54439   0.70735   1.07328   1.000 18.11000 ? 92  LEU A CD2 1 
ATOM   879  N N   . LYS A 1 96  ? 3.71147   -2.10945  -2.96581  1.000 12.99000 ? 93  LYS A N   1 
ATOM   880  C CA  . LYS A 1 96  ? 4.28971   -1.56372  -4.18635  1.000 14.13000 ? 93  LYS A CA  1 
ATOM   881  C C   . LYS A 1 96  ? 3.26142   -0.64064  -4.81145  1.000 13.92000 ? 93  LYS A C   1 
ATOM   882  O O   . LYS A 1 96  ? 2.07864   -0.99345  -4.90735  1.000 15.02000 ? 93  LYS A O   1 
ATOM   883  C CB  . LYS A 1 96  ? 4.66198   -2.67934  -5.17629  1.000 14.42000 ? 93  LYS A CB  1 
ATOM   884  C CG  . LYS A 1 96  ? 5.36480   -2.15236  -6.43717  1.000 17.19000 ? 93  LYS A CG  1 
ATOM   885  C CD  . LYS A 1 96  ? 5.75179   -3.29479  -7.36686  1.000 21.39000 ? 93  LYS A CD  1 
ATOM   886  C CE  . LYS A 1 96  ? 6.20713   -2.73499  -8.70353  1.000 36.26000 ? 93  LYS A CE  1 
ATOM   887  N NZ  . LYS A 1 96  ? 6.58278   -3.82640  -9.64729  1.000 35.14000 ? 93  LYS A NZ  1 
ATOM   888  N N   . ILE A 1 97  ? 3.70229   0.54731   -5.20138  1.000 13.68000 ? 94  ILE A N   1 
ATOM   889  C CA  . ILE A 1 97  ? 2.83928   1.52655   -5.85200  1.000 14.73000 ? 94  ILE A CA  1 
ATOM   890  C C   . ILE A 1 97  ? 3.39566   1.82473   -7.24165  1.000 17.18000 ? 94  ILE A C   1 
ATOM   891  O O   . ILE A 1 97  ? 4.56966   2.18195   -7.37819  1.000 16.81000 ? 94  ILE A O   1 
ATOM   892  C CB  . ILE A 1 97  ? 2.72463   2.80553   -5.00539  1.000 14.84000 ? 94  ILE A CB  1 
ATOM   893  C CG1 . ILE A 1 97  ? 2.00566   2.47459   -3.67308  1.000 17.61000 ? 94  ILE A CG1 1 
ATOM   894  C CG2 . ILE A 1 97  ? 2.01625   3.89502   -5.80307  1.000 19.05000 ? 94  ILE A CG2 1 
ATOM   895  C CD1 . ILE A 1 97  ? 2.13574   3.57362   -2.56353  1.000 20.07000 ? 94  ILE A CD1 1 
ATOM   896  N N   . SER A 1 98  ? 2.56676   1.66267   -8.26760  1.000 18.33000 ? 95  SER A N   1 
ATOM   897  C CA  . SER A 1 98  ? 3.01189   1.87088   -9.63673  1.000 20.14000 ? 95  SER A CA  1 
ATOM   898  C C   . SER A 1 98  ? 2.18490   2.95515   -10.29180 1.000 18.63000 ? 95  SER A C   1 
ATOM   899  O O   . SER A 1 98  ? 0.97828   3.06648   -10.04167 1.000 18.03000 ? 95  SER A O   1 
ATOM   900  C CB  . SER A 1 98  ? 2.96174   0.60079   -10.50333 1.000 26.04000 ? 95  SER A CB  1 
ATOM   901  O OG  . SER A 1 98  ? 3.46241   -0.54057  -9.83678  1.000 30.08000 ? 95  SER A OG  1 
ATOM   902  N N   . LYS A 1 99  ? 2.87254   3.76695   -11.09146 1.000 22.95000 ? 96  LYS A N   1 
ATOM   903  C CA  . LYS A 1 99  ? 2.24435   4.78175   -11.92873 1.000 24.82000 ? 96  LYS A CA  1 
ATOM   904  C C   . LYS A 1 99  ? 2.02859   4.18772   -13.31192 1.000 26.41000 ? 96  LYS A C   1 
ATOM   905  O O   . LYS A 1 99  ? 2.99728   3.88015   -14.01548 1.000 32.10000 ? 96  LYS A O   1 
ATOM   906  C CB  . LYS A 1 99  ? 3.12904   6.01960   -12.02943 1.000 22.92000 ? 96  LYS A CB  1 
ATOM   907  C CG  . LYS A 1 99  ? 3.15181   6.86168   -10.76160 1.000 24.65000 ? 96  LYS A CG  1 
ATOM   908  C CD  . LYS A 1 99  ? 4.05054   8.04779   -10.97610 1.000 21.64000 ? 96  LYS A CD  1 
ATOM   909  C CE  . LYS A 1 99  ? 4.18077   8.89940   -9.72688  1.000 28.79000 ? 96  LYS A CE  1 
ATOM   910  N NZ  . LYS A 1 99  ? 5.22492   9.94347   -9.89238  1.000 26.14000 ? 96  LYS A NZ  1 
ATOM   911  N N   . LEU A 1 100 ? 0.76125   4.04271   -13.68967 1.000 26.16000 ? 97  LEU A N   1 
ATOM   912  C CA  . LEU A 1 100 ? 0.38644   3.30402   -14.89062 1.000 37.84000 ? 97  LEU A CA  1 
ATOM   913  C C   . LEU A 1 100 ? 0.65914   4.08562   -16.17204 1.000 42.61000 ? 97  LEU A C   1 
ATOM   914  O O   . LEU A 1 100 ? 1.03294   3.49515   -17.19253 1.000 40.59000 ? 97  LEU A O   1 
ATOM   915  C CB  . LEU A 1 100 ? -1.09518  2.94028   -14.80800 1.000 35.37000 ? 97  LEU A CB  1 
ATOM   916  C CG  . LEU A 1 100 ? -1.38729  1.90089   -13.72377 1.000 35.90000 ? 97  LEU A CG  1 
ATOM   917  C CD1 . LEU A 1 100 ? -2.84654  1.49371   -13.71102 1.000 40.54000 ? 97  LEU A CD1 1 
ATOM   918  C CD2 . LEU A 1 100 ? -0.49307  0.69824   -13.93522 1.000 39.62000 ? 97  LEU A CD2 1 
ATOM   919  N N   A GLU A 1 101 ? 0.49960   5.40633   -16.15471 0.670 40.17000 ? 98  GLU A N   1 
ATOM   920  N N   B GLU A 1 101 ? 0.46938   5.40192   -16.13704 0.330 40.06000 ? 98  GLU A N   1 
ATOM   921  C CA  A GLU A 1 101 ? 0.53562   6.17575   -17.39316 0.670 37.21000 ? 98  GLU A CA  1 
ATOM   922  C CA  B GLU A 1 101 ? 0.49978   6.23302   -17.33460 0.330 37.30000 ? 98  GLU A CA  1 
ATOM   923  C C   A GLU A 1 101 ? 1.64828   7.21056   -17.46214 0.670 40.40000 ? 98  GLU A C   1 
ATOM   924  C C   B GLU A 1 101 ? 1.39229   7.44955   -17.14111 0.330 39.76000 ? 98  GLU A C   1 
ATOM   925  O O   A GLU A 1 101 ? 1.71591   7.95778   -18.44443 0.670 43.20000 ? 98  GLU A O   1 
ATOM   926  O O   B GLU A 1 101 ? 1.06895   8.55191   -17.59041 0.330 40.47000 ? 98  GLU A O   1 
ATOM   927  C CB  A GLU A 1 101 ? -0.81474  6.85903   -17.62469 0.670 37.50000 ? 98  GLU A CB  1 
ATOM   928  C CB  B GLU A 1 101 ? -0.90906  6.64726   -17.75365 0.330 38.21000 ? 98  GLU A CB  1 
ATOM   929  C CG  A GLU A 1 101 ? -1.23190  7.74515   -16.48096 0.670 35.73000 ? 98  GLU A CG  1 
ATOM   930  C CG  B GLU A 1 101 ? -1.83869  5.48359   -18.06403 0.330 37.68000 ? 98  GLU A CG  1 
ATOM   931  C CD  A GLU A 1 101 ? -2.71265  8.03261   -16.48201 0.670 40.45000 ? 98  GLU A CD  1 
ATOM   932  C CD  B GLU A 1 101 ? -3.20368  5.63955   -17.42294 0.330 42.53000 ? 98  GLU A CD  1 
ATOM   933  O OE1 A GLU A 1 101 ? -3.41096  7.55148   -17.39990 0.670 49.33000 ? 98  GLU A OE1 1 
ATOM   934  O OE1 B GLU A 1 101 ? -3.49735  6.73825   -16.90669 0.330 44.01000 ? 98  GLU A OE1 1 
ATOM   935  O OE2 A GLU A 1 101 ? -3.17607  8.74242   -15.56893 0.670 30.67000 ? 98  GLU A OE2 1 
ATOM   936  O OE2 B GLU A 1 101 ? -3.98388  4.66405   -17.43201 0.330 45.49000 ? 98  GLU A OE2 1 
ATOM   937  N N   . ILE A 1 102 ? 2.52761   7.27561   -16.46252 1.000 33.09000 ? 99  ILE A N   1 
ATOM   938  C CA  . ILE A 1 102 ? 3.52835   8.33417   -16.42092 1.000 35.56000 ? 99  ILE A CA  1 
ATOM   939  C C   . ILE A 1 102 ? 4.55187   8.19975   -17.54360 1.000 41.16000 ? 99  ILE A C   1 
ATOM   940  O O   . ILE A 1 102 ? 5.19551   9.19280   -17.90754 1.000 43.68000 ? 99  ILE A O   1 
ATOM   941  C CB  . ILE A 1 102 ? 4.19473   8.41796   -15.03613 1.000 36.84000 ? 99  ILE A CB  1 
ATOM   942  C CG1 . ILE A 1 102 ? 4.87251   9.77284   -14.83908 1.000 39.80000 ? 99  ILE A CG1 1 
ATOM   943  C CG2 . ILE A 1 102 ? 5.18902   7.29767   -14.87137 1.000 38.56000 ? 99  ILE A CG2 1 
ATOM   944  C CD1 . ILE A 1 102 ? 3.92785   10.93286  -14.92230 1.000 34.53000 ? 99  ILE A CD1 1 
ATOM   945  N N   . SER A 1 103 ? 4.71729   6.99996   -18.10503 1.000 48.33000 ? 100 SER A N   1 
ATOM   946  C CA  . SER A 1 103 ? 5.61526   6.76332   -19.23238 1.000 46.28000 ? 100 SER A CA  1 
ATOM   947  C C   . SER A 1 103 ? 4.90767   5.76046   -20.13771 1.000 45.35000 ? 100 SER A C   1 
ATOM   948  O O   . SER A 1 103 ? 4.40154   4.73507   -19.64593 1.000 41.48000 ? 100 SER A O   1 
ATOM   949  C CB  . SER A 1 103 ? 6.97399   6.21202   -18.78766 1.000 50.82000 ? 100 SER A CB  1 
ATOM   950  O OG  . SER A 1 103 ? 7.93950   6.35078   -19.82181 1.000 54.01000 ? 100 SER A OG  1 
ATOM   951  N N   . PRO A 1 104 ? 4.84731   6.01322   -21.44824 1.000 39.75000 ? 101 PRO A N   1 
ATOM   952  C CA  . PRO A 1 104 ? 4.07408   5.11793   -22.32456 1.000 43.42000 ? 101 PRO A CA  1 
ATOM   953  C C   . PRO A 1 104 ? 4.75762   3.79453   -22.61660 1.000 45.70000 ? 101 PRO A C   1 
ATOM   954  O O   . PRO A 1 104 ? 4.08937   2.86585   -23.08970 1.000 53.93000 ? 101 PRO A O   1 
ATOM   955  C CB  . PRO A 1 104 ? 3.90037   5.94078   -23.60815 1.000 49.03000 ? 101 PRO A CB  1 
ATOM   956  C CG  . PRO A 1 104 ? 5.07685   6.87243   -23.61564 1.000 48.21000 ? 101 PRO A CG  1 
ATOM   957  C CD  . PRO A 1 104 ? 5.38518   7.18200   -22.16917 1.000 51.30000 ? 101 PRO A CD  1 
ATOM   958  N N   A ASP A 1 105 ? 6.05324   3.65185   -22.35359 0.490 40.52000 ? 102 ASP A N   1 
ATOM   959  N N   B ASP A 1 105 ? 6.05445   3.68025   -22.31508 0.510 40.49000 ? 102 ASP A N   1 
ATOM   960  C CA  A ASP A 1 105 ? 6.76114   2.45236   -22.78272 0.490 39.20000 ? 102 ASP A CA  1 
ATOM   961  C CA  B ASP A 1 105 ? 6.88306   2.56228   -22.74972 0.510 39.32000 ? 102 ASP A CA  1 
ATOM   962  C C   A ASP A 1 105 ? 7.05259   1.46636   -21.65800 0.490 35.73000 ? 102 ASP A C   1 
ATOM   963  C C   B ASP A 1 105 ? 7.42229   1.73475   -21.58892 0.510 36.05000 ? 102 ASP A C   1 
ATOM   964  O O   A ASP A 1 105 ? 7.47325   0.33909   -21.94063 0.490 30.22000 ? 102 ASP A O   1 
ATOM   965  O O   B ASP A 1 105 ? 8.40170   1.00477   -21.76568 0.510 22.52000 ? 102 ASP A O   1 
ATOM   966  C CB  A ASP A 1 105 ? 8.06422   2.82984   -23.49754 0.490 40.97000 ? 102 ASP A CB  1 
ATOM   967  C CB  B ASP A 1 105 ? 8.03941   3.06687   -23.61395 0.510 41.41000 ? 102 ASP A CB  1 
ATOM   968  C CG  A ASP A 1 105 ? 7.81841   3.60259   -24.78195 0.490 43.90000 ? 102 ASP A CG  1 
ATOM   969  C CG  B ASP A 1 105 ? 8.80558   4.20921   -22.96048 0.510 43.55000 ? 102 ASP A CG  1 
ATOM   970  O OD1 A ASP A 1 105 ? 6.79277   3.33962   -25.44425 0.490 41.46000 ? 102 ASP A OD1 1 
ATOM   971  O OD1 B ASP A 1 105 ? 8.84719   4.27940   -21.71062 0.510 42.21000 ? 102 ASP A OD1 1 
ATOM   972  O OD2 A ASP A 1 105 ? 8.65001   4.47156   -25.12503 0.490 49.61000 ? 102 ASP A OD2 1 
ATOM   973  O OD2 B ASP A 1 105 ? 9.36285   5.04676   -23.70063 0.510 47.32000 ? 102 ASP A OD2 1 
ATOM   974  N N   . SER A 1 106 ? 6.82846   1.84719   -20.40495 1.000 28.40000 ? 103 SER A N   1 
ATOM   975  C CA  . SER A 1 106 ? 7.24794   1.02735   -19.27592 1.000 29.47000 ? 103 SER A CA  1 
ATOM   976  C C   . SER A 1 106 ? 6.22988   1.16686   -18.15501 1.000 34.63000 ? 103 SER A C   1 
ATOM   977  O O   . SER A 1 106 ? 5.32565   2.00309   -18.20169 1.000 29.25000 ? 103 SER A O   1 
ATOM   978  C CB  . SER A 1 106 ? 8.61124   1.48091   -18.75899 1.000 27.24000 ? 103 SER A CB  1 
ATOM   979  O OG  . SER A 1 106 ? 8.54372   2.82702   -18.31375 1.000 31.17000 ? 103 SER A OG  1 
ATOM   980  N N   . GLN A 1 107 ? 6.41478   0.35260   -17.12502 1.000 29.90000 ? 104 GLN A N   1 
ATOM   981  C CA  . GLN A 1 107 ? 5.67299   0.47954   -15.88070 1.000 34.06000 ? 104 GLN A CA  1 
ATOM   982  C C   . GLN A 1 107 ? 6.69571   0.76261   -14.79610 1.000 25.89000 ? 104 GLN A C   1 
ATOM   983  O O   . GLN A 1 107 ? 7.63652   -0.01688  -14.62200 1.000 28.33000 ? 104 GLN A O   1 
ATOM   984  C CB  . GLN A 1 107 ? 4.91112   -0.81318  -15.58578 1.000 37.95000 ? 104 GLN A CB  1 
ATOM   985  C CG  . GLN A 1 107 ? 4.00122   -1.24336  -16.73126 1.000 47.92000 ? 104 GLN A CG  1 
ATOM   986  C CD  . GLN A 1 107 ? 3.91721   -2.75225  -16.89696 1.000 50.36000 ? 104 GLN A CD  1 
ATOM   987  O OE1 . GLN A 1 107 ? 4.23944   -3.51057  -15.97924 1.000 57.25000 ? 104 GLN A OE1 1 
ATOM   988  N NE2 . GLN A 1 107 ? 3.48364   -3.19599  -18.07765 1.000 48.26000 ? 104 GLN A NE2 1 
ATOM   989  N N   . VAL A 1 108 ? 6.53949   1.88804   -14.10317 1.000 24.83000 ? 105 VAL A N   1 
ATOM   990  C CA  . VAL A 1 108 ? 7.47280   2.31085   -13.07015 1.000 27.35000 ? 105 VAL A CA  1 
ATOM   991  C C   . VAL A 1 108 ? 6.76099   2.28438   -11.72775 1.000 32.20000 ? 105 VAL A C   1 
ATOM   992  O O   . VAL A 1 108 ? 5.53670   2.45811   -11.63516 1.000 25.52000 ? 105 VAL A O   1 
ATOM   993  C CB  . VAL A 1 108 ? 8.13696   3.68261   -13.31734 1.000 27.55000 ? 105 VAL A CB  1 
ATOM   994  C CG1 . VAL A 1 108 ? 8.86082   3.69287   -14.67084 1.000 28.65000 ? 105 VAL A CG1 1 
ATOM   995  C CG2 . VAL A 1 108 ? 7.11359   4.79976   -13.24264 1.000 35.58000 ? 105 VAL A CG2 1 
ATOM   996  N N   . GLY A 1 109 ? 7.53852   2.04560   -10.68301 1.000 25.40000 ? 106 GLY A N   1 
ATOM   997  C CA  . GLY A 1 109 ? 6.95582   2.01647   -9.35572  1.000 25.64000 ? 106 GLY A CA  1 
ATOM   998  C C   . GLY A 1 109 ? 8.03872   1.95780   -8.30532  1.000 24.37000 ? 106 GLY A C   1 
ATOM   999  O O   . GLY A 1 109 ? 9.23523   1.94466   -8.60218  1.000 22.21000 ? 106 GLY A O   1 
ATOM   1000 N N   . ALA A 1 110 ? 7.59614   1.95889   -7.05191  1.000 17.56000 ? 107 ALA A N   1 
ATOM   1001 C CA  . ALA A 1 110 ? 8.49096   1.82501   -5.92052  1.000 19.29000 ? 107 ALA A CA  1 
ATOM   1002 C C   . ALA A 1 110 ? 7.79526   0.94252   -4.90077  1.000 16.45000 ? 107 ALA A C   1 
ATOM   1003 O O   . ALA A 1 110 ? 6.56448   0.87796   -4.85147  1.000 15.22000 ? 107 ALA A O   1 
ATOM   1004 C CB  . ALA A 1 110 ? 8.87887   3.18240   -5.29786  1.000 20.46000 ? 107 ALA A CB  1 
ATOM   1005 N N   . SER A 1 111 ? 8.59459   0.24470   -4.10579  1.000 15.38000 ? 108 SER A N   1 
ATOM   1006 C CA  . SER A 1 111 ? 8.05771   -0.68390  -3.12875  1.000 14.79000 ? 108 SER A CA  1 
ATOM   1007 C C   . SER A 1 111 ? 8.81508   -0.59576  -1.82151  1.000 16.74000 ? 108 SER A C   1 
ATOM   1008 O O   . SER A 1 111 ? 9.91490   -0.04556  -1.72759  1.000 16.51000 ? 108 SER A O   1 
ATOM   1009 C CB  . SER A 1 111 ? 8.14955   -2.11529  -3.62174  1.000 15.43000 ? 108 SER A CB  1 
ATOM   1010 O OG  . SER A 1 111 ? 9.51324   -2.50258  -3.76530  1.000 19.93000 ? 108 SER A OG  1 
ATOM   1011 N N   . VAL A 1 112 ? 8.20123   -1.17977  -0.80589  1.000 14.53000 ? 109 VAL A N   1 
ATOM   1012 C CA  . VAL A 1 112 ? 8.85842   -1.41388  0.47216   1.000 14.15000 ? 109 VAL A CA  1 
ATOM   1013 C C   . VAL A 1 112 ? 8.49343   -2.80904  0.95206   1.000 15.82000 ? 109 VAL A C   1 
ATOM   1014 O O   . VAL A 1 112 ? 7.32843   -3.21771  0.88350   1.000 13.70000 ? 109 VAL A O   1 
ATOM   1015 C CB  . VAL A 1 112 ? 8.55265   -0.29846  1.49838   1.000 17.70000 ? 109 VAL A CB  1 
ATOM   1016 C CG1 . VAL A 1 112 ? 7.09771   -0.30821  1.98156   1.000 18.28000 ? 109 VAL A CG1 1 
ATOM   1017 C CG2 . VAL A 1 112 ? 9.51427   -0.39111  2.65804   1.000 22.16000 ? 109 VAL A CG2 1 
ATOM   1018 N N   . LYS A 1 113 ? 9.49639   -3.56605  1.37648   1.000 15.51000 ? 110 LYS A N   1 
ATOM   1019 C CA  . LYS A 1 113 ? 9.32051   -4.84766  2.03809   1.000 15.73000 ? 110 LYS A CA  1 
ATOM   1020 C C   . LYS A 1 113 ? 9.86517   -4.67971  3.44005   1.000 18.08000 ? 110 LYS A C   1 
ATOM   1021 O O   . LYS A 1 113 ? 11.03230  -4.32056  3.61184   1.000 19.68000 ? 110 LYS A O   1 
ATOM   1022 C CB  . LYS A 1 113 ? 10.10715  -5.94779  1.33324   1.000 16.25000 ? 110 LYS A CB  1 
ATOM   1023 C CG  . LYS A 1 113 ? 9.98521   -7.31089  1.96749   1.000 23.51000 ? 110 LYS A CG  1 
ATOM   1024 C CD  . LYS A 1 113 ? 10.93921  -8.29493  1.30461   1.000 27.77000 ? 110 LYS A CD  1 
ATOM   1025 C CE  . LYS A 1 113 ? 10.95909  -9.63490  2.02177   1.000 37.73000 ? 110 LYS A CE  1 
ATOM   1026 N NZ  . LYS A 1 113 ? 11.53644  -10.69022 1.14078   1.000 45.21000 ? 110 LYS A NZ  1 
ATOM   1027 N N   . ILE A 1 114 ? 9.03383   -4.94725  4.43029   1.000 14.75000 ? 111 ILE A N   1 
ATOM   1028 C CA  . ILE A 1 114 ? 9.40595   -4.77648  5.82511   1.000 16.13000 ? 111 ILE A CA  1 
ATOM   1029 C C   . ILE A 1 114 ? 9.22168   -6.09840  6.53834   1.000 19.22000 ? 111 ILE A C   1 
ATOM   1030 O O   . ILE A 1 114 ? 8.14010   -6.69027  6.48237   1.000 19.40000 ? 111 ILE A O   1 
ATOM   1031 C CB  . ILE A 1 114 ? 8.58714   -3.67791  6.49625   1.000 15.66000 ? 111 ILE A CB  1 
ATOM   1032 C CG1 . ILE A 1 114 ? 8.70509   -2.37405  5.70605   1.000 18.54000 ? 111 ILE A CG1 1 
ATOM   1033 C CG2 . ILE A 1 114 ? 9.14311   -3.42618  7.88684   1.000 23.09000 ? 111 ILE A CG2 1 
ATOM   1034 C CD1 . ILE A 1 114 ? 8.01614   -1.21444  6.35907   1.000 28.49000 ? 111 ILE A CD1 1 
ATOM   1035 N N   . CYS A 1 115 ? 10.27570  -6.55471  7.22004   1.000 19.36000 ? 112 CYS A N   1 
ATOM   1036 C CA  . CYS A 1 115 ? 10.22828  -7.76752  8.02068   1.000 24.55000 ? 112 CYS A CA  1 
ATOM   1037 C C   . CYS A 1 115 ? 10.33298  -7.33361  9.46917   1.000 22.59000 ? 112 CYS A C   1 
ATOM   1038 O O   . CYS A 1 115 ? 11.29678  -6.65770  9.84214   1.000 27.10000 ? 112 CYS A O   1 
ATOM   1039 C CB  . CYS A 1 115 ? 11.38873  -8.68764  7.66614   1.000 25.31000 ? 112 CYS A CB  1 
ATOM   1040 S SG  . CYS A 1 115 ? 11.21576  -9.39573  6.00325   1.000 38.63000 ? 112 CYS A SG  1 
ATOM   1041 N N   . TYR A 1 116 ? 9.32871   -7.67389  10.26003  1.000 21.74000 ? 113 TYR A N   1 
ATOM   1042 C CA  . TYR A 1 116 ? 9.28650   -7.31558  11.67343  1.000 26.13000 ? 113 TYR A CA  1 
ATOM   1043 C C   . TYR A 1 116 ? 9.68413   -8.51859  12.52511  1.000 34.47000 ? 113 TYR A C   1 
ATOM   1044 O O   . TYR A 1 116 ? 9.16153   -9.62402  12.33565  1.000 35.47000 ? 113 TYR A O   1 
ATOM   1045 C CB  . TYR A 1 116 ? 7.88209   -6.84314  12.06061  1.000 23.44000 ? 113 TYR A CB  1 
ATOM   1046 C CG  . TYR A 1 116 ? 7.33498   -5.69900  11.22690  1.000 27.53000 ? 113 TYR A CG  1 
ATOM   1047 C CD1 . TYR A 1 116 ? 7.59396   -4.38012  11.57179  1.000 22.78000 ? 113 TYR A CD1 1 
ATOM   1048 C CD2 . TYR A 1 116 ? 6.55516   -5.94112  10.09461  1.000 22.25000 ? 113 TYR A CD2 1 
ATOM   1049 C CE1 . TYR A 1 116 ? 7.09812   -3.33175  10.83000  1.000 24.84000 ? 113 TYR A CE1 1 
ATOM   1050 C CE2 . TYR A 1 116 ? 6.05720   -4.88851  9.33029   1.000 21.24000 ? 113 TYR A CE2 1 
ATOM   1051 C CZ  . TYR A 1 116 ? 6.32702   -3.58756  9.71176   1.000 26.40000 ? 113 TYR A CZ  1 
ATOM   1052 O OH  . TYR A 1 116 ? 5.84381   -2.53386  8.97293   1.000 27.34000 ? 113 TYR A OH  1 
ATOM   1053 N N   . GLU A 1 117 ? 10.59698  -8.30334  13.46592  1.000 41.89000 ? 114 GLU A N   1 
ATOM   1054 C CA  . GLU A 1 117 ? 10.97136  -9.37012  14.39324  1.000 42.46000 ? 114 GLU A CA  1 
ATOM   1055 C C   . GLU A 1 117 ? 10.76100  -8.93321  15.84014  1.000 56.17000 ? 114 GLU A C   1 
ATOM   1056 O O   . GLU A 1 117 ? 10.56335  -7.74813  16.11865  1.000 43.88000 ? 114 GLU A O   1 
ATOM   1057 C CB  . GLU A 1 117 ? 12.42257  -9.80674  14.17644  1.000 50.66000 ? 114 GLU A CB  1 
ATOM   1058 C CG  . GLU A 1 117 ? 12.72083  -11.21882 14.66708  1.000 72.42000 ? 114 GLU A CG  1 
ATOM   1059 C CD  . GLU A 1 117 ? 14.17407  -11.62003 14.46865  1.000 90.42000 ? 114 GLU A CD  1 
ATOM   1060 O OE1 . GLU A 1 117 ? 14.96683  -10.77377 13.99817  1.000 83.85000 ? 114 GLU A OE1 1 
ATOM   1061 O OE2 . GLU A 1 117 ? 14.52142  -12.78068 14.78560  1.000 90.04000 ? 114 GLU A OE2 1 
HETATM 1062 C C1  . PE0 B 2 .   ? 9.51449   9.72625   -8.70909  1.000 22.92000 ? 201 PE0 A C1  1 
HETATM 1063 C C4  . PE0 B 2 .   ? 9.10351   9.09807   -7.49415  1.000 24.47000 ? 201 PE0 A C4  1 
HETATM 1064 O O4  . PE0 B 2 .   ? 8.02389   9.31207   -6.96145  1.000 21.40000 ? 201 PE0 A O4  1 
HETATM 1065 N N2  . PE0 B 2 .   ? 9.96991   8.12690   -7.13107  1.000 24.08000 ? 201 PE0 A N2  1 
HETATM 1066 C C3  . PE0 B 2 .   ? 11.14609  7.81581   -7.74829  1.000 29.29000 ? 201 PE0 A C3  1 
HETATM 1067 N N6  . PE0 B 2 .   ? 11.88373  6.84194   -7.21028  1.000 23.76000 ? 201 PE0 A N6  1 
HETATM 1068 N N1  . PE0 B 2 .   ? 11.53064  8.39700   -8.82009  1.000 26.83000 ? 201 PE0 A N1  1 
HETATM 1069 C C2  . PE0 B 2 .   ? 10.72139  9.33090   -9.30239  1.000 23.58000 ? 201 PE0 A C2  1 
HETATM 1070 N N3  . PE0 B 2 .   ? 11.06725  9.97443   -10.37233 1.000 32.23000 ? 201 PE0 A N3  1 
HETATM 1071 C C6  . PE0 B 2 .   ? 10.31948  10.84204  -10.89057 1.000 40.26000 ? 201 PE0 A C6  1 
HETATM 1072 C C5  . PE0 B 2 .   ? 9.17002   11.16417  -10.35882 1.000 36.66000 ? 201 PE0 A C5  1 
HETATM 1073 N N4  . PE0 B 2 .   ? 8.79569   10.63625  -9.30260  1.000 29.36000 ? 201 PE0 A N4  1 
HETATM 1074 C C1  . EDO C 3 .   ? -10.13205 -5.48576  11.28730  1.000 48.27000 ? 202 EDO A C1  1 
HETATM 1075 O O1  . EDO C 3 .   ? -9.22130  -6.58352  11.18230  1.000 48.78000 ? 202 EDO A O1  1 
HETATM 1076 C C2  . EDO C 3 .   ? -9.99610  -4.61489  10.04278  1.000 47.59000 ? 202 EDO A C2  1 
HETATM 1077 O O2  . EDO C 3 .   ? -9.71730  -3.27761  10.45314  1.000 55.73000 ? 202 EDO A O2  1 
HETATM 1078 O O   . HOH D 4 .   ? -5.50089  9.00079   -15.48771 1.000 50.20000 ? 301 HOH A O   1 
HETATM 1079 O O   . HOH D 4 .   ? 8.14605   19.79061  -11.14296 1.000 33.69000 ? 302 HOH A O   1 
HETATM 1080 O O   . HOH D 4 .   ? -8.79743  -15.38271 10.20864  1.000 53.41000 ? 303 HOH A O   1 
HETATM 1081 O O   . HOH D 4 .   ? 6.18741   -13.68524 8.33261   1.000 47.38000 ? 304 HOH A O   1 
HETATM 1082 O O   . HOH D 4 .   ? -4.58894  -17.15716 5.69152   1.000 42.24000 ? 305 HOH A O   1 
HETATM 1083 O O   . HOH D 4 .   ? -0.18144  7.12758   -13.51452 1.000 31.22000 ? 306 HOH A O   1 
HETATM 1084 O O   . HOH D 4 .   ? -6.84011  20.11926  -17.20998 1.000 41.51000 ? 307 HOH A O   1 
HETATM 1085 O O   . HOH D 4 .   ? 7.02324   19.16837  -5.89384  1.000 40.45000 ? 308 HOH A O   1 
HETATM 1086 O O   . HOH D 4 .   ? -1.44410  16.70716  -14.02940 1.000 32.92000 ? 309 HOH A O   1 
HETATM 1087 O O   . HOH D 4 .   ? 7.51268   11.31945  -12.91911 1.000 39.51000 ? 310 HOH A O   1 
HETATM 1088 O O   . HOH D 4 .   ? 5.62156   -1.37421  -21.72259 1.000 38.04000 ? 311 HOH A O   1 
HETATM 1089 O O   . HOH D 4 .   ? -1.20497  13.24202  -10.02279 1.000 24.92000 ? 312 HOH A O   1 
HETATM 1090 O O   . HOH D 4 .   ? -3.39551  18.27169  -0.89699  0.500 49.14000 ? 313 HOH A O   1 
HETATM 1091 O O   . HOH D 4 .   ? -2.96180  19.72020  -4.40193  1.000 45.71000 ? 314 HOH A O   1 
HETATM 1092 O O   . HOH D 4 .   ? -2.73707  -1.55533  17.72745  1.000 48.38000 ? 315 HOH A O   1 
HETATM 1093 O O   . HOH D 4 .   ? -0.02013  -3.15887  -9.18513  1.000 32.59000 ? 316 HOH A O   1 
HETATM 1094 O O   . HOH D 4 .   ? 0.59616   12.52237  7.21719   1.000 52.09000 ? 317 HOH A O   1 
HETATM 1095 O O   . HOH D 4 .   ? 9.27058   -5.62436  15.29999  1.000 36.66000 ? 318 HOH A O   1 
HETATM 1096 O O   . HOH D 4 .   ? 9.22287   14.54455  -0.38325  1.000 41.07000 ? 319 HOH A O   1 
HETATM 1097 O O   . HOH D 4 .   ? 5.59410   10.43569  -7.31471  1.000 23.34000 ? 320 HOH A O   1 
HETATM 1098 O O   . HOH D 4 .   ? -3.16458  3.11696   11.71503  1.000 38.14000 ? 321 HOH A O   1 
HETATM 1099 O O   . HOH D 4 .   ? 5.12962   -10.53304 -1.02915  1.000 28.09000 ? 322 HOH A O   1 
HETATM 1100 O O   . HOH D 4 .   ? -15.40711 -13.68261 12.10335  1.000 51.71000 ? 323 HOH A O   1 
HETATM 1101 O O   . HOH D 4 .   ? 7.34261   -9.91808  0.55782   1.000 34.53000 ? 324 HOH A O   1 
HETATM 1102 O O   . HOH D 4 .   ? 1.81346   -12.77364 13.77678  1.000 30.73000 ? 325 HOH A O   1 
HETATM 1103 O O   . HOH D 4 .   ? 7.90985   26.20304  -10.41833 1.000 54.89000 ? 326 HOH A O   1 
HETATM 1104 O O   . HOH D 4 .   ? 3.11414   -9.46647  -4.31595  1.000 41.59000 ? 327 HOH A O   1 
HETATM 1105 O O   . HOH D 4 .   ? -3.03203  -2.89036  -12.31345 1.000 41.24000 ? 328 HOH A O   1 
HETATM 1106 O O   . HOH D 4 .   ? 10.22081  3.03485   -26.79738 1.000 45.88000 ? 329 HOH A O   1 
HETATM 1107 O O   . HOH D 4 .   ? 6.24244   -0.07133  10.02429  1.000 28.73000 ? 330 HOH A O   1 
HETATM 1108 O O   . HOH D 4 .   ? -6.36033  -16.36082 9.69783   1.000 43.47000 ? 331 HOH A O   1 
HETATM 1109 O O   . HOH D 4 .   ? -1.16846  10.43958  -2.99036  1.000 18.93000 ? 332 HOH A O   1 
HETATM 1110 O O   . HOH D 4 .   ? 6.78812   12.76696  -9.71371  1.000 28.99000 ? 333 HOH A O   1 
HETATM 1111 O O   . HOH D 4 .   ? 8.31323   -13.17004 7.32088   1.000 44.55000 ? 334 HOH A O   1 
HETATM 1112 O O   . HOH D 4 .   ? 5.50492   10.25387  4.14754   1.000 30.23000 ? 335 HOH A O   1 
HETATM 1113 O O   . HOH D 4 .   ? -5.43641  21.60912  -12.10002 1.000 38.55000 ? 336 HOH A O   1 
HETATM 1114 O O   . HOH D 4 .   ? -1.65417  10.81276  -16.50772 1.000 42.85000 ? 337 HOH A O   1 
HETATM 1115 O O   . HOH D 4 .   ? 13.39388  -7.95992  11.03290  1.000 36.67000 ? 338 HOH A O   1 
HETATM 1116 O O   . HOH D 4 .   ? -2.49785  19.59005  -6.66391  1.000 42.05000 ? 339 HOH A O   1 
HETATM 1117 O O   . HOH D 4 .   ? -1.44933  18.89172  -2.47481  1.000 38.24000 ? 340 HOH A O   1 
HETATM 1118 O O   . HOH D 4 .   ? -9.11264  11.04814  -7.31044  1.000 44.57000 ? 341 HOH A O   1 
HETATM 1119 O O   . HOH D 4 .   ? 6.11229   -6.92232  -6.92098  1.000 34.50000 ? 342 HOH A O   1 
HETATM 1120 O O   . HOH D 4 .   ? 0.94998   14.80007  2.43151   1.000 43.89000 ? 343 HOH A O   1 
HETATM 1121 O O   . HOH D 4 .   ? -6.58130  -6.86483  13.45241  1.000 53.87000 ? 344 HOH A O   1 
HETATM 1122 O O   . HOH D 4 .   ? 1.92889   -1.91752  -7.98391  1.000 28.60000 ? 345 HOH A O   1 
HETATM 1123 O O   . HOH D 4 .   ? -1.93741  13.81498  -13.77360 1.000 35.64000 ? 346 HOH A O   1 
HETATM 1124 O O   . HOH D 4 .   ? -6.92792  -12.46499 8.00237   1.000 26.02000 ? 347 HOH A O   1 
HETATM 1125 O O   . HOH D 4 .   ? -12.53752 0.59141   11.50430  1.000 51.67000 ? 348 HOH A O   1 
HETATM 1126 O O   . HOH D 4 .   ? 9.67714   4.87660   1.55386   1.000 30.59000 ? 349 HOH A O   1 
HETATM 1127 O O   . HOH D 4 .   ? -9.26587  12.34319  7.06478   1.000 46.90000 ? 350 HOH A O   1 
HETATM 1128 O O   . HOH D 4 .   ? -5.04580  -14.81691 5.62081   1.000 29.78000 ? 351 HOH A O   1 
HETATM 1129 O O   . HOH D 4 .   ? -2.76018  -3.94502  16.19078  1.000 36.03000 ? 352 HOH A O   1 
HETATM 1130 O O   . HOH D 4 .   ? 2.42336   -23.34561 12.29828  1.000 38.63000 ? 353 HOH A O   1 
HETATM 1131 O O   . HOH D 4 .   ? 1.29087   -16.82472 2.76225   1.000 20.65000 ? 354 HOH A O   1 
HETATM 1132 O O   . HOH D 4 .   ? 1.22548   16.96494  -0.36853  1.000 37.50000 ? 355 HOH A O   1 
HETATM 1133 O O   . HOH D 4 .   ? 7.58421   4.61704   7.97989   1.000 23.14000 ? 356 HOH A O   1 
HETATM 1134 O O   . HOH D 4 .   ? 6.04652   -15.27365 1.27885   1.000 34.91000 ? 357 HOH A O   1 
HETATM 1135 O O   . HOH D 4 .   ? 1.38611   21.65980  -9.71626  1.000 41.75000 ? 358 HOH A O   1 
HETATM 1136 O O   . HOH D 4 .   ? 11.81501  -10.65898 -1.71390  1.000 44.19000 ? 359 HOH A O   1 
HETATM 1137 O O   . HOH D 4 .   ? 4.44806   4.62500   -16.50434 1.000 38.74000 ? 360 HOH A O   1 
HETATM 1138 O O   . HOH D 4 .   ? 4.75850   -9.22898  14.80265  1.000 43.68000 ? 361 HOH A O   1 
HETATM 1139 O O   . HOH D 4 .   ? 7.26321   1.79741   8.13230   1.000 26.39000 ? 362 HOH A O   1 
HETATM 1140 O O   . HOH D 4 .   ? 4.31048   -13.29538 15.54374  1.000 41.62000 ? 363 HOH A O   1 
HETATM 1141 O O   . HOH D 4 .   ? -11.57734 4.75767   0.44832   1.000 34.44000 ? 364 HOH A O   1 
HETATM 1142 O O   . HOH D 4 .   ? -11.48654 6.96493   -13.38271 1.000 54.25000 ? 365 HOH A O   1 
HETATM 1143 O O   . HOH D 4 .   ? -4.37522  -21.68689 8.48416   1.000 39.38000 ? 366 HOH A O   1 
HETATM 1144 O O   . HOH D 4 .   ? 10.07922  -6.23242  -4.99028  1.000 27.67000 ? 367 HOH A O   1 
HETATM 1145 O O   . HOH D 4 .   ? -13.04339 -20.19374 20.39393  1.000 57.00000 ? 368 HOH A O   1 
HETATM 1146 O O   . HOH D 4 .   ? 6.50090   -6.72179  15.52590  1.000 30.96000 ? 369 HOH A O   1 
HETATM 1147 O O   . HOH D 4 .   ? 8.10844   -6.19330  -8.74307  1.000 49.28000 ? 370 HOH A O   1 
HETATM 1148 O O   . HOH D 4 .   ? -5.95479  13.22301  -4.74612  1.000 34.61000 ? 371 HOH A O   1 
HETATM 1149 O O   . HOH D 4 .   ? 4.74877   -2.20462  -11.95116 1.000 45.42000 ? 372 HOH A O   1 
HETATM 1150 O O   . HOH D 4 .   ? -3.32354  12.49656  -15.14332 1.000 36.43000 ? 373 HOH A O   1 
HETATM 1151 O O   . HOH D 4 .   ? 6.14037   -20.69044 5.95918   1.000 33.68000 ? 374 HOH A O   1 
HETATM 1152 O O   . HOH D 4 .   ? 4.43476   13.75812  0.54261   1.000 23.62000 ? 375 HOH A O   1 
HETATM 1153 O O   . HOH D 4 .   ? -7.21877  15.75518  -0.56461  1.000 41.03000 ? 376 HOH A O   1 
HETATM 1154 O O   . HOH D 4 .   ? 5.96955   -14.79998 14.50219  1.000 53.38000 ? 377 HOH A O   1 
HETATM 1155 O O   . HOH D 4 .   ? -1.29039  -24.54987 9.54014   1.000 38.10000 ? 378 HOH A O   1 
HETATM 1156 O O   . HOH D 4 .   ? 0.29522   -7.67077  -8.95894  1.000 43.77000 ? 379 HOH A O   1 
HETATM 1157 O O   . HOH D 4 .   ? 11.04145  13.05762  0.82744   1.000 53.94000 ? 380 HOH A O   1 
HETATM 1158 O O   . HOH D 4 .   ? -3.20279  17.19986  1.31299   1.000 36.81000 ? 381 HOH A O   1 
HETATM 1159 O O   . HOH D 4 .   ? -15.82829 -3.58410  6.53981   1.000 45.59000 ? 382 HOH A O   1 
HETATM 1160 O O   . HOH D 4 .   ? -15.99577 -7.80000  6.53462   1.000 45.44000 ? 383 HOH A O   1 
HETATM 1161 O O   . HOH D 4 .   ? -6.34202  19.31335  -4.35906  0.500 46.38000 ? 384 HOH A O   1 
HETATM 1162 O O   . HOH D 4 .   ? 0.97496   20.87108  -4.89172  1.000 40.48000 ? 385 HOH A O   1 
HETATM 1163 O O   . HOH D 4 .   ? -3.06818  -11.66740 -7.74958  1.000 49.35000 ? 386 HOH A O   1 
HETATM 1164 O O   . HOH D 4 .   ? 3.65865   -7.12945  -6.45909  1.000 42.07000 ? 387 HOH A O   1 
HETATM 1165 O O   . HOH D 4 .   ? 3.63847   -21.09844 12.70243  1.000 45.84000 ? 388 HOH A O   1 
HETATM 1166 O O   . HOH D 4 .   ? -0.94165  5.56779   12.49713  1.000 40.15000 ? 389 HOH A O   1 
HETATM 1167 O O   . HOH D 4 .   ? 7.13151   -1.72501  -12.00781 1.000 33.77000 ? 390 HOH A O   1 
HETATM 1168 O O   . HOH D 4 .   ? -6.63783  18.07970  -9.06751  1.000 47.60000 ? 391 HOH A O   1 
HETATM 1169 O O   . HOH D 4 .   ? 8.97007   1.94415   5.49051   1.000 42.45000 ? 392 HOH A O   1 
HETATM 1170 O O   . HOH D 4 .   ? -5.67019  15.90417  3.98322   1.000 35.29000 ? 393 HOH A O   1 
HETATM 1171 O O   . HOH D 4 .   ? -11.06628 1.45994   13.38981  1.000 52.20000 ? 394 HOH A O   1 
HETATM 1172 O O   . HOH D 4 .   ? -5.82321  3.06029   10.59088  1.000 50.48000 ? 395 HOH A O   1 
HETATM 1173 O O   . HOH D 4 .   ? 0.20061   18.32365  -17.02755 1.000 31.34000 ? 396 HOH A O   1 
HETATM 1174 O O   . HOH D 4 .   ? 9.30406   -16.30599 4.76042   1.000 54.39000 ? 397 HOH A O   1 
HETATM 1175 O O   . HOH D 4 .   ? 7.46863   -9.96401  15.09605  1.000 58.37000 ? 398 HOH A O   1 
HETATM 1176 O O   . HOH D 4 .   ? -11.03516 9.98118   -0.52061  1.000 44.85000 ? 399 HOH A O   1 
HETATM 1177 O O   . HOH D 4 .   ? 7.08024   19.45217  -14.09706 1.000 37.60000 ? 400 HOH A O   1 
HETATM 1178 O O   . HOH D 4 .   ? -12.28440 -7.79717  11.04636  1.000 47.45000 ? 401 HOH A O   1 
HETATM 1179 O O   . HOH D 4 .   ? -10.82890 6.80778   -8.56561  1.000 41.25000 ? 402 HOH A O   1 
HETATM 1180 O O   . HOH D 4 .   ? -9.25046  -20.03326 15.99661  1.000 67.05000 ? 403 HOH A O   1 
HETATM 1181 O O   . HOH D 4 .   ? -8.10790  -4.03506  13.25575  1.000 60.37000 ? 404 HOH A O   1 
HETATM 1182 O O   . HOH D 4 .   ? 1.96871   -12.55848 -2.55395  1.000 44.20000 ? 405 HOH A O   1 
HETATM 1183 O O   . HOH D 4 .   ? 9.87705   -25.98138 12.78029  1.000 55.13000 ? 406 HOH A O   1 
HETATM 1184 O O   . HOH D 4 .   ? -13.21041 -1.58541  -0.49723  1.000 41.18000 ? 407 HOH A O   1 
HETATM 1185 O O   . HOH D 4 .   ? 3.62421   11.62527  7.92009   1.000 48.57000 ? 408 HOH A O   1 
HETATM 1186 O O   . HOH D 4 .   ? -1.23463  -10.01090 -11.77260 1.000 53.49000 ? 409 HOH A O   1 
HETATM 1187 O O   . HOH D 4 .   ? 0.33439   5.87473   15.09822  1.000 51.35000 ? 410 HOH A O   1 
HETATM 1188 O O   . HOH D 4 .   ? 5.49238   9.68624   6.72864   1.000 41.27000 ? 411 HOH A O   1 
HETATM 1189 O O   . HOH D 4 .   ? -10.64520 5.25961   -10.69496 1.000 46.08000 ? 412 HOH A O   1 
HETATM 1190 O O   . HOH D 4 .   ? 7.98251   -9.03548  18.65218  1.000 52.52000 ? 413 HOH A O   1 
HETATM 1191 O O   . HOH D 4 .   ? 4.34442   -4.65421  -21.54114 1.000 50.53000 ? 414 HOH A O   1 
HETATM 1192 O O   . HOH D 4 .   ? -5.29120  14.09509  5.85839   1.000 40.37000 ? 415 HOH A O   1 
HETATM 1193 O O   . HOH D 4 .   ? 6.75813   6.67580   9.55413   1.000 29.35000 ? 416 HOH A O   1 
HETATM 1194 O O   . HOH D 4 .   ? 7.80168   15.43165  2.23341   1.000 49.80000 ? 417 HOH A O   1 
HETATM 1195 O O   . HOH D 4 .   ? 9.20568   -8.69267  -1.51764  1.000 34.87000 ? 418 HOH A O   1 
HETATM 1196 O O   . HOH D 4 .   ? 7.49494   11.68838  -15.58142 1.000 43.43000 ? 419 HOH A O   1 
HETATM 1197 O O   . HOH D 4 .   ? 2.48806   -10.11942 -7.80269  1.000 53.54000 ? 420 HOH A O   1 
HETATM 1198 O O   . HOH D 4 .   ? 12.13665  -10.40546 19.04988  1.000 51.93000 ? 421 HOH A O   1 
HETATM 1199 O O   . HOH D 4 .   ? -10.50069 -21.13136 19.77299  1.000 51.83000 ? 422 HOH A O   1 
HETATM 1200 O O   . HOH D 4 .   ? -8.28112  13.05545  -6.07354  1.000 47.28000 ? 423 HOH A O   1 
HETATM 1201 O O   . HOH D 4 .   ? 6.98371   -9.67109  -3.47727  1.000 42.77000 ? 424 HOH A O   1 
HETATM 1202 O O   . HOH D 4 .   ? 11.00699  -6.52182  -2.38792  1.000 24.26000 ? 425 HOH A O   1 
HETATM 1203 O O   . HOH D 4 .   ? 1.77679   13.33440  4.39513   1.000 49.20000 ? 426 HOH A O   1 
HETATM 1204 O O   . HOH D 4 .   ? 2.55024   -12.42838 -6.27309  1.000 52.17000 ? 427 HOH A O   1 
HETATM 1205 O O   . HOH D 4 .   ? 7.44810   -12.90162 15.07556  1.000 48.29000 ? 428 HOH A O   1 
HETATM 1206 O O   . HOH D 4 .   ? 3.29026   15.74412  1.61687   1.000 50.49000 ? 429 HOH A O   1 
HETATM 1207 O O   . HOH D 4 .   ? 10.11684  -12.42926 16.29199  1.000 60.92000 ? 430 HOH A O   1 
HETATM 1208 O O   . HOH D 4 .   ? 5.96251   -13.31146 -0.73683  1.000 41.48000 ? 431 HOH A O   1 
HETATM 1209 O O   . HOH D 4 .   ? 5.86529   -6.73086  18.18467  1.000 38.91000 ? 432 HOH A O   1 
HETATM 1210 O O   . HOH D 4 .   ? -3.47417  -24.39078 11.17488  1.000 50.23000 ? 433 HOH A O   1 
HETATM 1211 O O   . HOH D 4 .   ? -5.29296  6.57300   8.56989   1.000 46.10000 ? 434 HOH A O   1 
# 
